data_1WYG
#
_entry.id   1WYG
#
_cell.length_a   134.253
_cell.length_b   134.253
_cell.length_c   523.315
_cell.angle_alpha   90.00
_cell.angle_beta   90.00
_cell.angle_gamma   90.00
#
_symmetry.space_group_name_H-M   'I 41 2 2'
#
loop_
_entity.id
_entity.type
_entity.pdbx_description
1 polymer 'Xanthine dehydrogenase/oxidase'
2 non-polymer 'PHOSPHATE ION'
3 non-polymer 'CALCIUM ION'
4 non-polymer 'FE2/S2 (INORGANIC) CLUSTER'
5 non-polymer 'FLAVIN-ADENINE DINUCLEOTIDE'
6 non-polymer '2-HYDROXYBENZOIC ACID'
7 non-polymer 'ACETIC ACID'
8 water water
#
_entity_poly.entity_id   1
_entity_poly.type   'polypeptide(L)'
_entity_poly.pdbx_seq_one_letter_code
;MTADELVFFVNGKKVVEKNADPETTLLVYLRRKLGLCGTKLGCGEGGCGACTVMISKYDRLQNKIVHFSVNACLAPICSL
HHVAVTTVEGIGNTQKLHPVQERIARSHGSQCGFCTPGIVMSMYTLLRNQPEPTVEEIENAFQGNLCRCTGYRPILQGFR
TFAKDGGCCGGSGNNPNCCMNQTKDQTVSLSPSLFNPEDFKPLDPTQEPIFPPELLRLKDTPQKKLRFEGERVTWIQAST
MEELLDLKAQHPDAKLVVGNTEIGIEMKFKNMLFPLIVCPAWIPELNSVVHGPEGISFGASCPLSLVESVLAEEIAKLPE
QKTEVFRGVMEQLRWFAGKQVKSVASIGGNIITASPISDLNPVFMASGAKLTLVSRGTRRTVRMDHTFFPGYRKTLLRPE
EILLSIEIPYSKEGEFFSAFKQASRREDDIAKVTSGMRVLFKPGTIEVQELSLCFGGMADRTISALKTTPKQLSKSWNEE
LLQSVCAGLAEELQLAPDAPGGMVEFRRTLTLSFFFKFYLTVLQKLGRADLEDMAGKLDPTFASATLLFQKDPPANVQLF
QEVPKDQSEEDMVGRPLPHLAANMQASGEAVYCDDIPRYENELSLRLVTSTRAHAKITSIDTSEAKKVPGFVCFLTAEDV
PNSNATGLFNDETVFAKDEVTCVGHIIGAVVADTPEHAQRAARGVKITYEDLPAIITIQDAINNNSFYGSEIKIEKGDLK
KGFSEADNVVSGELYIGGQEHFYLETNCTIAVPKGEAGEMELFVSTQNTMKTQSFVAKMLGVPDNRIVVRVKRMGGGFGG
KETRSTVVSTALALAAHKTGRPVRCMLDRDEDMLITGGRHPFLAKYKVGFMKTGTVVALEVAHFSNGGNTEDLSRSIMER
ALFHMDNAYKIPNIRGTGRICKTNLPSNTAFRGFGGPQGMLIAEYWMSEVAITCGLPAEEVRRKNMYKEGDLTHFNQKLE
GFTLPRCWDECIASSQYLARKREVEKFNRENRWKKRGLCIIPTKFGISFTLPFLNQGGALVHVYTDGSVLLTHGGTEMGQ
GLHTKMVQVASRALKIPTSKIHISETSTNTVPNTSPTAASASADLNGQGVYEACQTILKRLEPFKKKKPTGPWEAWVMDA
YTSAVSLSATGFYKTPNLGYSFETNSGNPFHYFSYGVACSEVEIDCLTGDHKNLRTDIVMDVGSSLNPAIDIGQVEGAFV
QGLGLFTMEELHYSPEGSLHTRGPSTYKIPAFGSIPIEFRVSLLRDCPNKRAIYASKAVGEPPLFLASSIFFAIKDAIRA
ARAQHGDNAKQLFQLDSPATPEKIRNACVDQFTTLCVTGVPENSKSWSVRI
;
_entity_poly.pdbx_strand_id   A
#
# COMPACT_ATOMS: atom_id res chain seq x y z
N ALA A 3 -11.60 -40.67 -9.87
CA ALA A 3 -10.78 -40.78 -8.63
C ALA A 3 -11.04 -39.61 -7.67
N ASP A 4 -10.41 -39.66 -6.51
CA ASP A 4 -10.55 -38.63 -5.50
C ASP A 4 -9.21 -38.34 -4.83
N GLU A 5 -8.13 -38.70 -5.51
CA GLU A 5 -6.80 -38.47 -4.99
C GLU A 5 -6.17 -37.32 -5.77
N LEU A 6 -5.93 -36.20 -5.09
CA LEU A 6 -5.34 -35.02 -5.72
C LEU A 6 -3.84 -35.17 -5.80
N VAL A 7 -3.27 -35.02 -7.00
CA VAL A 7 -1.82 -35.16 -7.17
C VAL A 7 -1.19 -33.99 -7.92
N PHE A 8 -0.08 -33.49 -7.40
CA PHE A 8 0.63 -32.38 -8.02
C PHE A 8 2.01 -32.20 -7.40
N PHE A 9 2.85 -31.36 -7.99
CA PHE A 9 4.19 -31.15 -7.48
C PHE A 9 4.43 -29.78 -6.88
N VAL A 10 5.46 -29.68 -6.06
CA VAL A 10 5.81 -28.43 -5.43
C VAL A 10 7.33 -28.43 -5.35
N ASN A 11 7.94 -27.41 -5.94
CA ASN A 11 9.39 -27.31 -5.96
C ASN A 11 10.10 -28.59 -6.40
N GLY A 12 9.44 -29.37 -7.27
CA GLY A 12 10.05 -30.57 -7.79
C GLY A 12 9.58 -31.85 -7.13
N LYS A 13 9.37 -31.78 -5.83
CA LYS A 13 8.94 -32.91 -5.02
C LYS A 13 7.45 -33.19 -5.22
N LYS A 14 7.12 -34.45 -5.44
CA LYS A 14 5.73 -34.84 -5.64
C LYS A 14 4.93 -34.65 -4.36
N VAL A 15 3.62 -34.49 -4.52
CA VAL A 15 2.70 -34.29 -3.41
C VAL A 15 1.41 -35.03 -3.73
N VAL A 16 1.05 -35.99 -2.89
CA VAL A 16 -0.17 -36.74 -3.09
C VAL A 16 -1.06 -36.44 -1.90
N GLU A 17 -2.27 -35.99 -2.19
CA GLU A 17 -3.23 -35.62 -1.17
C GLU A 17 -4.48 -36.47 -1.33
N LYS A 18 -4.74 -37.33 -0.36
CA LYS A 18 -5.87 -38.25 -0.41
C LYS A 18 -7.19 -37.69 0.10
N ASN A 19 -7.13 -36.63 0.90
CA ASN A 19 -8.35 -36.04 1.44
C ASN A 19 -8.31 -34.51 1.31
N ALA A 20 -8.22 -34.04 0.08
CA ALA A 20 -8.16 -32.62 -0.20
C ALA A 20 -9.48 -31.91 0.09
N ASP A 21 -9.41 -30.77 0.75
CA ASP A 21 -10.61 -30.01 1.05
C ASP A 21 -10.72 -28.85 0.06
N PRO A 22 -11.82 -28.80 -0.72
CA PRO A 22 -12.03 -27.73 -1.69
C PRO A 22 -11.74 -26.34 -1.14
N GLU A 23 -12.00 -26.14 0.15
CA GLU A 23 -11.74 -24.85 0.77
C GLU A 23 -10.28 -24.58 1.08
N THR A 24 -9.39 -25.48 0.69
CA THR A 24 -7.97 -25.28 0.98
C THR A 24 -7.22 -24.56 -0.15
N THR A 25 -6.56 -23.47 0.22
CA THR A 25 -5.79 -22.68 -0.73
C THR A 25 -4.31 -23.00 -0.73
N LEU A 26 -3.74 -23.03 -1.93
CA LEU A 26 -2.33 -23.33 -2.10
C LEU A 26 -1.45 -22.59 -1.10
N LEU A 27 -1.91 -21.46 -0.60
CA LEU A 27 -1.11 -20.71 0.36
C LEU A 27 -1.08 -21.42 1.72
N VAL A 28 -2.24 -21.92 2.14
CA VAL A 28 -2.31 -22.62 3.42
C VAL A 28 -1.63 -24.00 3.33
N TYR A 29 -1.79 -24.66 2.18
CA TYR A 29 -1.16 -25.96 1.99
C TYR A 29 0.35 -25.85 1.98
N LEU A 30 0.87 -24.72 1.52
CA LEU A 30 2.32 -24.52 1.45
C LEU A 30 2.92 -24.18 2.80
N ARG A 31 2.24 -23.34 3.55
CA ARG A 31 2.74 -22.91 4.84
C ARG A 31 2.45 -23.85 5.99
N ARG A 32 1.23 -24.36 6.06
CA ARG A 32 0.86 -25.24 7.15
C ARG A 32 0.86 -26.73 6.87
N LYS A 33 1.03 -27.13 5.61
CA LYS A 33 1.04 -28.55 5.31
C LYS A 33 2.33 -28.98 4.66
N LEU A 34 3.23 -28.03 4.41
CA LEU A 34 4.50 -28.36 3.81
C LEU A 34 5.54 -27.48 4.47
N GLY A 35 5.09 -26.66 5.40
CA GLY A 35 6.02 -25.80 6.10
C GLY A 35 6.90 -24.91 5.25
N LEU A 36 6.48 -24.65 4.01
CA LEU A 36 7.23 -23.76 3.11
C LEU A 36 6.69 -22.34 3.34
N CYS A 37 7.40 -21.56 4.14
CA CYS A 37 6.96 -20.23 4.49
C CYS A 37 7.55 -19.02 3.75
N GLY A 38 8.14 -19.24 2.58
CA GLY A 38 8.69 -18.13 1.83
C GLY A 38 7.53 -17.30 1.30
N THR A 39 6.51 -18.00 0.84
CA THR A 39 5.29 -17.42 0.34
C THR A 39 4.54 -16.79 1.54
N LYS A 40 4.35 -15.48 1.50
CA LYS A 40 3.67 -14.77 2.59
C LYS A 40 2.19 -14.50 2.34
N LEU A 41 1.49 -14.06 3.38
CA LEU A 41 0.08 -13.71 3.33
C LEU A 41 0.00 -12.23 3.69
N GLY A 42 -0.36 -11.40 2.71
CA GLY A 42 -0.46 -9.97 2.97
C GLY A 42 -1.88 -9.42 2.96
N CYS A 43 -2.80 -10.14 2.31
CA CYS A 43 -4.18 -9.66 2.20
C CYS A 43 -5.22 -10.75 1.94
N GLY A 44 -4.83 -11.81 1.26
CA GLY A 44 -5.77 -12.88 0.95
C GLY A 44 -6.88 -12.34 0.07
N GLU A 45 -6.65 -11.13 -0.43
CA GLU A 45 -7.62 -10.42 -1.26
C GLU A 45 -7.22 -10.47 -2.73
N GLY A 46 -5.93 -10.63 -2.99
CA GLY A 46 -5.46 -10.71 -4.37
C GLY A 46 -4.73 -9.47 -4.85
N GLY A 47 -4.66 -8.45 -4.00
CA GLY A 47 -4.01 -7.22 -4.42
C GLY A 47 -2.59 -6.86 -4.00
N CYS A 48 -1.98 -7.60 -3.10
CA CYS A 48 -0.61 -7.26 -2.70
C CYS A 48 0.43 -8.14 -3.37
N GLY A 49 0.05 -9.36 -3.69
CA GLY A 49 0.98 -10.26 -4.35
C GLY A 49 2.07 -10.86 -3.46
N ALA A 50 1.99 -10.63 -2.15
CA ALA A 50 2.97 -11.21 -1.22
C ALA A 50 2.99 -12.73 -1.36
N CYS A 51 1.84 -13.28 -1.76
CA CYS A 51 1.64 -14.71 -1.93
C CYS A 51 1.88 -15.21 -3.35
N THR A 52 2.73 -14.53 -4.11
CA THR A 52 2.95 -14.94 -5.49
C THR A 52 3.81 -16.17 -5.66
N VAL A 53 3.32 -17.12 -6.46
CA VAL A 53 4.08 -18.33 -6.76
C VAL A 53 3.93 -18.69 -8.22
N MET A 54 4.97 -19.24 -8.82
CA MET A 54 4.88 -19.64 -10.21
C MET A 54 4.29 -21.02 -10.26
N ILE A 55 3.65 -21.35 -11.37
CA ILE A 55 3.06 -22.65 -11.53
C ILE A 55 3.32 -23.06 -12.98
N SER A 56 3.62 -24.33 -13.20
CA SER A 56 3.92 -24.84 -14.53
C SER A 56 3.04 -26.00 -14.89
N LYS A 57 2.94 -26.27 -16.18
CA LYS A 57 2.14 -27.39 -16.65
C LYS A 57 2.35 -27.60 -18.13
N TYR A 58 1.92 -28.76 -18.60
CA TYR A 58 2.05 -29.11 -20.00
C TYR A 58 0.75 -28.78 -20.70
N ASP A 59 0.83 -27.88 -21.69
CA ASP A 59 -0.36 -27.49 -22.42
C ASP A 59 -0.75 -28.59 -23.41
N ARG A 60 -1.77 -29.35 -23.05
CA ARG A 60 -2.26 -30.44 -23.87
C ARG A 60 -2.27 -30.03 -25.34
N LEU A 61 -2.93 -28.90 -25.61
CA LEU A 61 -3.04 -28.36 -26.96
C LEU A 61 -1.68 -28.15 -27.62
N GLN A 62 -1.10 -26.98 -27.39
CA GLN A 62 0.17 -26.57 -27.97
C GLN A 62 1.34 -27.54 -27.81
N ASN A 63 1.11 -28.64 -27.09
CA ASN A 63 2.17 -29.63 -26.87
C ASN A 63 3.43 -28.94 -26.32
N LYS A 64 3.24 -28.02 -25.38
CA LYS A 64 4.37 -27.33 -24.79
C LYS A 64 4.17 -27.07 -23.31
N ILE A 65 5.28 -26.81 -22.61
CA ILE A 65 5.26 -26.54 -21.19
C ILE A 65 5.08 -25.04 -21.00
N VAL A 66 4.16 -24.65 -20.13
CA VAL A 66 3.90 -23.22 -19.89
C VAL A 66 4.15 -22.81 -18.45
N HIS A 67 4.53 -21.55 -18.26
CA HIS A 67 4.81 -21.01 -16.95
C HIS A 67 4.06 -19.70 -16.71
N PHE A 68 3.41 -19.58 -15.56
CA PHE A 68 2.68 -18.35 -15.22
C PHE A 68 2.54 -18.12 -13.71
N SER A 69 2.49 -16.87 -13.29
CA SER A 69 2.36 -16.59 -11.87
C SER A 69 0.90 -16.67 -11.46
N VAL A 70 0.66 -16.74 -10.16
CA VAL A 70 -0.70 -16.84 -9.61
C VAL A 70 -0.67 -16.46 -8.15
N ASN A 71 -1.85 -16.22 -7.57
CA ASN A 71 -1.95 -15.84 -6.17
C ASN A 71 -2.27 -17.07 -5.33
N ALA A 72 -1.30 -17.48 -4.51
CA ALA A 72 -1.47 -18.65 -3.68
C ALA A 72 -2.68 -18.51 -2.77
N CYS A 73 -2.92 -17.29 -2.29
CA CYS A 73 -4.05 -17.04 -1.40
C CYS A 73 -5.42 -17.26 -2.01
N LEU A 74 -5.51 -17.39 -3.33
CA LEU A 74 -6.80 -17.59 -3.98
C LEU A 74 -6.91 -18.85 -4.80
N ALA A 75 -5.79 -19.53 -5.02
CA ALA A 75 -5.83 -20.75 -5.80
C ALA A 75 -6.26 -21.96 -4.99
N PRO A 76 -7.39 -22.57 -5.34
CA PRO A 76 -7.80 -23.74 -4.56
C PRO A 76 -6.91 -24.91 -4.99
N ILE A 77 -6.38 -25.67 -4.04
CA ILE A 77 -5.52 -26.79 -4.42
C ILE A 77 -6.28 -27.82 -5.25
N CYS A 78 -7.59 -27.92 -5.06
CA CYS A 78 -8.39 -28.88 -5.82
C CYS A 78 -8.45 -28.55 -7.30
N SER A 79 -7.77 -27.47 -7.69
CA SER A 79 -7.75 -27.04 -9.08
C SER A 79 -6.34 -27.19 -9.64
N LEU A 80 -5.42 -27.65 -8.80
CA LEU A 80 -4.02 -27.79 -9.20
C LEU A 80 -3.58 -29.19 -9.60
N HIS A 81 -4.53 -30.10 -9.76
CA HIS A 81 -4.17 -31.46 -10.15
C HIS A 81 -3.23 -31.46 -11.36
N HIS A 82 -2.18 -32.26 -11.29
CA HIS A 82 -1.20 -32.38 -12.37
C HIS A 82 -0.55 -31.09 -12.82
N VAL A 83 -0.16 -30.29 -11.85
CA VAL A 83 0.48 -29.01 -12.08
C VAL A 83 1.75 -28.97 -11.24
N ALA A 84 2.73 -28.17 -11.65
CA ALA A 84 3.99 -28.05 -10.93
C ALA A 84 4.17 -26.69 -10.29
N VAL A 85 4.03 -26.62 -8.96
CA VAL A 85 4.18 -25.35 -8.27
C VAL A 85 5.65 -25.07 -8.02
N THR A 86 6.03 -23.79 -8.05
CA THR A 86 7.39 -23.39 -7.80
C THR A 86 7.28 -22.18 -6.89
N THR A 87 8.04 -22.17 -5.80
CA THR A 87 7.96 -21.07 -4.87
C THR A 87 9.31 -20.44 -4.75
N VAL A 88 9.43 -19.40 -3.94
CA VAL A 88 10.71 -18.73 -3.80
C VAL A 88 11.81 -19.70 -3.36
N GLU A 89 11.47 -20.63 -2.47
CA GLU A 89 12.44 -21.60 -1.97
C GLU A 89 12.94 -22.49 -3.08
N GLY A 90 12.07 -22.76 -4.06
CA GLY A 90 12.43 -23.62 -5.16
C GLY A 90 13.30 -23.05 -6.27
N ILE A 91 13.79 -21.82 -6.13
CA ILE A 91 14.60 -21.22 -7.17
C ILE A 91 16.01 -20.90 -6.67
N GLY A 92 16.15 -20.81 -5.35
CA GLY A 92 17.46 -20.51 -4.79
C GLY A 92 17.49 -20.44 -3.26
N ASN A 93 18.69 -20.33 -2.70
CA ASN A 93 18.89 -20.25 -1.24
C ASN A 93 20.04 -19.30 -1.00
N THR A 94 20.33 -19.02 0.26
CA THR A 94 21.44 -18.14 0.58
C THR A 94 22.73 -18.83 0.15
N GLN A 95 22.73 -20.16 0.17
CA GLN A 95 23.91 -20.90 -0.24
C GLN A 95 24.07 -20.72 -1.74
N LYS A 96 22.94 -20.78 -2.45
CA LYS A 96 22.96 -20.60 -3.89
C LYS A 96 21.80 -19.71 -4.32
N LEU A 97 22.00 -18.39 -4.27
CA LEU A 97 20.95 -17.44 -4.66
C LEU A 97 20.71 -17.42 -6.16
N HIS A 98 19.45 -17.35 -6.55
CA HIS A 98 19.10 -17.25 -7.96
C HIS A 98 19.40 -15.79 -8.30
N PRO A 99 19.78 -15.50 -9.56
CA PRO A 99 20.08 -14.11 -9.94
C PRO A 99 18.98 -13.11 -9.54
N VAL A 100 17.73 -13.47 -9.77
CA VAL A 100 16.63 -12.60 -9.39
C VAL A 100 16.74 -12.19 -7.93
N GLN A 101 17.03 -13.17 -7.07
CA GLN A 101 17.16 -12.92 -5.63
C GLN A 101 18.43 -12.15 -5.34
N GLU A 102 19.53 -12.55 -5.95
CA GLU A 102 20.78 -11.86 -5.71
C GLU A 102 20.67 -10.39 -6.05
N ARG A 103 20.07 -10.11 -7.19
CA ARG A 103 19.94 -8.72 -7.63
C ARG A 103 19.05 -7.86 -6.75
N ILE A 104 17.83 -8.31 -6.50
CA ILE A 104 16.96 -7.50 -5.67
C ILE A 104 17.64 -7.19 -4.33
N ALA A 105 18.33 -8.19 -3.78
CA ALA A 105 19.02 -8.03 -2.50
C ALA A 105 20.14 -7.02 -2.52
N ARG A 106 21.03 -7.15 -3.50
CA ARG A 106 22.19 -6.26 -3.63
C ARG A 106 21.86 -4.83 -4.06
N SER A 107 20.84 -4.69 -4.91
CA SER A 107 20.44 -3.37 -5.40
C SER A 107 19.66 -2.62 -4.33
N HIS A 108 19.51 -3.26 -3.17
CA HIS A 108 18.81 -2.70 -2.01
C HIS A 108 17.30 -2.74 -2.17
N GLY A 109 16.81 -3.68 -2.96
CA GLY A 109 15.38 -3.77 -3.19
C GLY A 109 14.57 -4.43 -2.10
N SER A 110 15.20 -4.79 -0.98
CA SER A 110 14.48 -5.42 0.12
C SER A 110 14.71 -4.65 1.41
N GLN A 111 13.64 -4.33 2.12
CA GLN A 111 13.75 -3.61 3.38
C GLN A 111 13.19 -4.47 4.50
N CYS A 112 11.86 -4.50 4.65
CA CYS A 112 11.28 -5.31 5.69
C CYS A 112 11.39 -6.74 5.18
N GLY A 113 11.41 -6.88 3.85
CA GLY A 113 11.53 -8.16 3.20
C GLY A 113 10.27 -8.98 3.06
N PHE A 114 9.17 -8.54 3.67
CA PHE A 114 7.93 -9.31 3.59
C PHE A 114 7.32 -9.48 2.20
N CYS A 115 7.76 -8.68 1.24
CA CYS A 115 7.21 -8.77 -0.11
C CYS A 115 8.20 -9.33 -1.12
N THR A 116 9.49 -9.24 -0.80
CA THR A 116 10.54 -9.73 -1.70
C THR A 116 10.26 -11.13 -2.25
N PRO A 117 9.65 -12.00 -1.45
CA PRO A 117 9.44 -13.29 -2.12
C PRO A 117 8.50 -13.14 -3.31
N GLY A 118 7.39 -12.46 -3.11
CA GLY A 118 6.40 -12.27 -4.16
C GLY A 118 6.89 -11.53 -5.40
N ILE A 119 7.65 -10.47 -5.19
CA ILE A 119 8.19 -9.69 -6.28
C ILE A 119 9.22 -10.57 -7.01
N VAL A 120 10.09 -11.22 -6.24
CA VAL A 120 11.09 -12.11 -6.79
C VAL A 120 10.40 -13.11 -7.70
N MET A 121 9.28 -13.65 -7.23
CA MET A 121 8.56 -14.65 -8.02
C MET A 121 7.91 -14.12 -9.29
N SER A 122 7.47 -12.86 -9.26
CA SER A 122 6.85 -12.25 -10.43
C SER A 122 7.94 -12.04 -11.48
N MET A 123 9.07 -11.47 -11.05
CA MET A 123 10.20 -11.26 -11.95
C MET A 123 10.68 -12.62 -12.47
N TYR A 124 10.77 -13.60 -11.56
CA TYR A 124 11.22 -14.94 -11.91
C TYR A 124 10.32 -15.49 -13.00
N THR A 125 9.02 -15.54 -12.72
CA THR A 125 8.06 -16.05 -13.70
C THR A 125 8.22 -15.35 -15.06
N LEU A 126 8.47 -14.04 -15.03
CA LEU A 126 8.65 -13.27 -16.26
C LEU A 126 9.82 -13.85 -17.04
N LEU A 127 10.99 -13.88 -16.40
CA LEU A 127 12.19 -14.41 -17.00
C LEU A 127 12.02 -15.83 -17.53
N ARG A 128 11.09 -16.59 -16.97
CA ARG A 128 10.89 -17.95 -17.46
C ARG A 128 10.14 -17.91 -18.77
N ASN A 129 9.36 -16.85 -18.97
CA ASN A 129 8.58 -16.69 -20.19
C ASN A 129 9.32 -15.86 -21.22
N GLN A 130 10.04 -14.85 -20.76
CA GLN A 130 10.78 -13.99 -21.64
C GLN A 130 12.18 -13.80 -21.09
N PRO A 131 13.15 -14.57 -21.62
CA PRO A 131 14.57 -14.54 -21.24
C PRO A 131 15.16 -13.16 -21.17
N GLU A 132 14.85 -12.33 -22.18
CA GLU A 132 15.36 -10.97 -22.21
C GLU A 132 14.20 -10.02 -22.35
N PRO A 133 13.55 -9.69 -21.23
CA PRO A 133 12.40 -8.79 -21.25
C PRO A 133 12.81 -7.34 -21.53
N THR A 134 11.81 -6.50 -21.76
CA THR A 134 12.02 -5.09 -22.02
C THR A 134 11.76 -4.36 -20.72
N VAL A 135 12.33 -3.17 -20.57
CA VAL A 135 12.12 -2.39 -19.35
C VAL A 135 10.62 -2.30 -19.03
N GLU A 136 9.80 -2.25 -20.07
CA GLU A 136 8.36 -2.14 -19.89
C GLU A 136 7.71 -3.45 -19.44
N GLU A 137 8.15 -4.56 -20.01
CA GLU A 137 7.62 -5.87 -19.63
C GLU A 137 7.94 -6.14 -18.17
N ILE A 138 9.15 -5.77 -17.78
CA ILE A 138 9.60 -5.96 -16.41
C ILE A 138 8.64 -5.26 -15.46
N GLU A 139 8.39 -3.98 -15.71
CA GLU A 139 7.49 -3.22 -14.85
C GLU A 139 6.07 -3.77 -14.83
N ASN A 140 5.56 -4.23 -15.97
CA ASN A 140 4.21 -4.76 -16.00
C ASN A 140 4.09 -6.00 -15.16
N ALA A 141 5.23 -6.64 -14.92
CA ALA A 141 5.27 -7.86 -14.13
C ALA A 141 4.77 -7.62 -12.70
N PHE A 142 5.09 -6.44 -12.16
CA PHE A 142 4.74 -6.06 -10.80
C PHE A 142 3.41 -5.32 -10.57
N GLN A 143 2.45 -5.48 -11.47
CA GLN A 143 1.18 -4.80 -11.30
C GLN A 143 0.38 -5.35 -10.13
N GLY A 144 0.59 -6.63 -9.84
CA GLY A 144 -0.12 -7.26 -8.75
C GLY A 144 0.71 -7.36 -7.50
N ASN A 145 1.83 -6.65 -7.46
CA ASN A 145 2.75 -6.69 -6.32
C ASN A 145 2.93 -5.34 -5.67
N LEU A 146 2.68 -5.26 -4.37
CA LEU A 146 2.82 -4.01 -3.63
C LEU A 146 3.95 -4.07 -2.62
N CYS A 147 4.65 -2.96 -2.45
CA CYS A 147 5.72 -2.85 -1.47
C CYS A 147 5.53 -1.53 -0.78
N ARG A 148 5.62 -1.55 0.54
CA ARG A 148 5.41 -0.37 1.35
C ARG A 148 6.66 0.27 1.92
N CYS A 149 7.83 -0.31 1.66
CA CYS A 149 9.06 0.23 2.25
C CYS A 149 10.06 0.82 1.30
N THR A 150 10.24 0.16 0.16
CA THR A 150 11.25 0.57 -0.81
C THR A 150 11.03 1.80 -1.69
N GLY A 151 9.77 2.09 -2.03
CA GLY A 151 9.53 3.22 -2.91
C GLY A 151 9.82 2.73 -4.32
N TYR A 152 9.87 1.41 -4.46
CA TYR A 152 10.09 0.75 -5.73
C TYR A 152 11.30 1.10 -6.58
N ARG A 153 11.92 2.25 -6.39
CA ARG A 153 13.05 2.57 -7.24
C ARG A 153 14.09 1.45 -7.34
N PRO A 154 14.77 1.15 -6.21
CA PRO A 154 15.80 0.10 -6.18
C PRO A 154 15.36 -1.19 -6.85
N ILE A 155 14.18 -1.67 -6.51
CA ILE A 155 13.73 -2.90 -7.12
C ILE A 155 13.91 -2.81 -8.62
N LEU A 156 13.19 -1.89 -9.27
CA LEU A 156 13.29 -1.71 -10.72
C LEU A 156 14.71 -1.38 -11.21
N GLN A 157 15.40 -0.45 -10.56
CA GLN A 157 16.74 -0.13 -11.03
C GLN A 157 17.55 -1.41 -11.08
N GLY A 158 17.42 -2.23 -10.04
CA GLY A 158 18.14 -3.47 -9.99
C GLY A 158 17.73 -4.43 -11.08
N PHE A 159 16.43 -4.66 -11.24
CA PHE A 159 15.97 -5.60 -12.26
C PHE A 159 16.22 -5.12 -13.68
N ARG A 160 16.45 -3.82 -13.82
CA ARG A 160 16.70 -3.22 -15.13
C ARG A 160 17.76 -4.03 -15.88
N THR A 161 18.80 -4.44 -15.15
CA THR A 161 19.92 -5.21 -15.68
C THR A 161 19.53 -6.45 -16.47
N PHE A 162 18.29 -6.91 -16.31
CA PHE A 162 17.82 -8.09 -17.02
C PHE A 162 17.26 -7.74 -18.40
N ALA A 163 16.90 -6.47 -18.59
CA ALA A 163 16.26 -6.01 -19.82
C ALA A 163 17.02 -5.64 -21.09
N LYS A 164 16.21 -5.27 -22.08
CA LYS A 164 16.63 -4.83 -23.42
C LYS A 164 17.72 -5.67 -24.02
N PRO A 192 29.90 8.22 -6.13
CA PRO A 192 29.98 6.76 -5.87
C PRO A 192 28.71 6.07 -6.35
N SER A 193 28.59 4.77 -6.08
CA SER A 193 27.41 4.01 -6.49
C SER A 193 26.85 3.21 -5.33
N LEU A 194 25.56 2.88 -5.38
CA LEU A 194 24.94 2.12 -4.30
C LEU A 194 25.24 0.64 -4.44
N PHE A 195 25.47 0.18 -5.66
CA PHE A 195 25.80 -1.21 -5.88
C PHE A 195 26.56 -1.39 -7.17
N ASN A 196 26.71 -2.64 -7.62
CA ASN A 196 27.47 -2.89 -8.84
C ASN A 196 26.95 -4.07 -9.64
N PRO A 197 26.16 -3.80 -10.69
CA PRO A 197 25.57 -4.82 -11.55
C PRO A 197 26.64 -5.56 -12.34
N GLU A 198 27.84 -4.99 -12.31
CA GLU A 198 28.99 -5.57 -12.98
C GLU A 198 29.38 -6.84 -12.23
N ASP A 199 29.01 -6.90 -10.94
CA ASP A 199 29.30 -8.05 -10.10
C ASP A 199 28.17 -9.06 -10.00
N PHE A 200 27.03 -8.75 -10.61
CA PHE A 200 25.90 -9.68 -10.58
C PHE A 200 26.28 -10.95 -11.33
N LYS A 201 25.92 -12.11 -10.79
CA LYS A 201 26.24 -13.35 -11.46
C LYS A 201 25.35 -13.46 -12.70
N PRO A 202 25.90 -13.94 -13.82
CA PRO A 202 25.15 -14.08 -15.06
C PRO A 202 23.97 -15.01 -14.85
N LEU A 203 23.03 -15.02 -15.79
CA LEU A 203 21.88 -15.89 -15.67
C LEU A 203 22.13 -17.08 -16.58
N ASP A 204 21.60 -18.24 -16.22
CA ASP A 204 21.79 -19.44 -17.04
C ASP A 204 20.51 -20.24 -17.06
N PRO A 205 19.61 -19.94 -18.01
CA PRO A 205 18.32 -20.62 -18.16
C PRO A 205 18.33 -22.13 -18.02
N THR A 206 19.44 -22.78 -18.39
CA THR A 206 19.54 -24.26 -18.30
C THR A 206 19.57 -24.78 -16.86
N GLN A 207 20.08 -23.96 -15.96
CA GLN A 207 20.18 -24.31 -14.55
C GLN A 207 18.88 -24.04 -13.78
N GLU A 208 17.74 -24.28 -14.42
CA GLU A 208 16.45 -24.03 -13.77
C GLU A 208 15.79 -25.37 -13.54
N PRO A 209 14.97 -25.48 -12.50
CA PRO A 209 14.26 -26.71 -12.16
C PRO A 209 13.60 -27.37 -13.36
N ILE A 210 13.90 -28.65 -13.53
CA ILE A 210 13.34 -29.45 -14.60
C ILE A 210 11.83 -29.42 -14.45
N PHE A 211 11.11 -29.78 -15.50
CA PHE A 211 9.67 -29.83 -15.39
C PHE A 211 9.34 -31.31 -15.11
N PRO A 212 8.77 -31.61 -13.94
CA PRO A 212 8.40 -32.96 -13.49
C PRO A 212 8.11 -33.99 -14.59
N PRO A 213 9.12 -34.79 -14.97
CA PRO A 213 8.95 -35.81 -16.01
C PRO A 213 7.69 -36.64 -15.81
N GLU A 214 7.32 -36.85 -14.55
CA GLU A 214 6.14 -37.63 -14.24
C GLU A 214 4.93 -36.99 -14.90
N LEU A 215 4.90 -35.65 -14.90
CA LEU A 215 3.80 -34.90 -15.50
C LEU A 215 3.73 -35.11 -17.00
N LEU A 216 4.88 -35.28 -17.64
CA LEU A 216 4.89 -35.52 -19.07
C LEU A 216 4.43 -36.95 -19.36
N ARG A 217 4.69 -37.85 -18.42
CA ARG A 217 4.28 -39.24 -18.56
C ARG A 217 2.76 -39.32 -18.51
N LEU A 218 2.18 -38.48 -17.67
CA LEU A 218 0.73 -38.44 -17.49
C LEU A 218 -0.03 -37.81 -18.67
N LYS A 219 0.58 -36.83 -19.32
CA LYS A 219 -0.04 -36.14 -20.45
C LYS A 219 -0.38 -37.11 -21.56
N ASP A 220 -0.07 -38.39 -21.34
CA ASP A 220 -0.33 -39.41 -22.33
C ASP A 220 -1.69 -40.07 -22.10
N THR A 221 -2.13 -40.12 -20.85
CA THR A 221 -3.42 -40.71 -20.53
C THR A 221 -4.50 -39.64 -20.34
N PRO A 222 -5.68 -39.86 -20.93
CA PRO A 222 -6.82 -38.93 -20.86
C PRO A 222 -7.31 -38.69 -19.44
N GLN A 223 -7.25 -37.43 -19.02
CA GLN A 223 -7.70 -37.03 -17.70
C GLN A 223 -9.17 -37.42 -17.49
N LYS A 224 -9.51 -37.80 -16.27
CA LYS A 224 -10.87 -38.18 -15.98
C LYS A 224 -11.46 -37.24 -14.94
N LYS A 225 -12.76 -37.36 -14.70
CA LYS A 225 -13.44 -36.51 -13.74
C LYS A 225 -13.01 -36.85 -12.32
N LEU A 226 -12.70 -35.82 -11.53
CA LEU A 226 -12.28 -36.00 -10.14
C LEU A 226 -13.31 -35.41 -9.18
N ARG A 227 -13.45 -36.01 -8.02
CA ARG A 227 -14.37 -35.52 -7.01
C ARG A 227 -13.66 -35.41 -5.66
N PHE A 228 -13.68 -34.22 -5.07
CA PHE A 228 -13.05 -34.00 -3.79
C PHE A 228 -14.10 -33.59 -2.77
N GLU A 229 -14.27 -34.42 -1.74
CA GLU A 229 -15.24 -34.16 -0.69
C GLU A 229 -14.47 -33.41 0.39
N GLY A 230 -15.08 -32.35 0.92
CA GLY A 230 -14.42 -31.56 1.95
C GLY A 230 -15.24 -31.49 3.22
N GLU A 231 -14.72 -30.78 4.22
CA GLU A 231 -15.41 -30.63 5.50
C GLU A 231 -16.87 -30.22 5.27
N ARG A 232 -17.12 -29.39 4.27
CA ARG A 232 -18.48 -28.97 3.95
C ARG A 232 -18.69 -28.50 2.51
N VAL A 233 -17.74 -28.80 1.63
CA VAL A 233 -17.83 -28.40 0.23
C VAL A 233 -17.37 -29.52 -0.71
N THR A 234 -18.20 -29.86 -1.68
CA THR A 234 -17.85 -30.89 -2.66
C THR A 234 -17.38 -30.24 -3.94
N TRP A 235 -16.25 -30.70 -4.48
CA TRP A 235 -15.70 -30.11 -5.70
C TRP A 235 -15.52 -31.14 -6.81
N ILE A 236 -16.17 -30.90 -7.95
CA ILE A 236 -16.05 -31.80 -9.09
C ILE A 236 -15.26 -31.12 -10.20
N GLN A 237 -14.24 -31.81 -10.69
CA GLN A 237 -13.41 -31.28 -11.76
C GLN A 237 -13.85 -31.94 -13.06
N ALA A 238 -14.83 -31.35 -13.73
CA ALA A 238 -15.32 -31.91 -14.99
C ALA A 238 -14.20 -32.03 -16.01
N SER A 239 -14.25 -33.07 -16.85
CA SER A 239 -13.22 -33.26 -17.86
C SER A 239 -13.78 -33.08 -19.27
N THR A 240 -15.09 -33.24 -19.40
CA THR A 240 -15.73 -33.10 -20.70
C THR A 240 -17.00 -32.27 -20.61
N MET A 241 -17.33 -31.61 -21.71
CA MET A 241 -18.52 -30.78 -21.76
C MET A 241 -19.75 -31.60 -21.33
N GLU A 242 -19.89 -32.80 -21.88
CA GLU A 242 -21.02 -33.66 -21.54
C GLU A 242 -21.22 -33.73 -20.04
N GLU A 243 -20.14 -33.98 -19.30
CA GLU A 243 -20.20 -34.08 -17.84
C GLU A 243 -20.71 -32.78 -17.24
N LEU A 244 -20.09 -31.67 -17.62
CA LEU A 244 -20.45 -30.35 -17.12
C LEU A 244 -21.93 -30.04 -17.26
N LEU A 245 -22.44 -30.11 -18.49
CA LEU A 245 -23.85 -29.81 -18.73
C LEU A 245 -24.75 -30.80 -18.01
N ASP A 246 -24.38 -32.08 -18.02
CA ASP A 246 -25.16 -33.10 -17.35
C ASP A 246 -25.26 -32.79 -15.86
N LEU A 247 -24.12 -32.41 -15.27
CA LEU A 247 -24.07 -32.09 -13.85
C LEU A 247 -24.96 -30.89 -13.56
N LYS A 248 -24.83 -29.84 -14.38
CA LYS A 248 -25.63 -28.63 -14.20
C LYS A 248 -27.11 -28.96 -14.32
N ALA A 249 -27.44 -29.89 -15.21
CA ALA A 249 -28.83 -30.30 -15.41
C ALA A 249 -29.37 -30.93 -14.13
N GLN A 250 -28.63 -31.91 -13.61
CA GLN A 250 -29.03 -32.63 -12.40
C GLN A 250 -28.94 -31.76 -11.14
N HIS A 251 -28.05 -30.78 -11.16
CA HIS A 251 -27.86 -29.89 -10.01
C HIS A 251 -27.49 -28.49 -10.47
N PRO A 252 -28.49 -27.70 -10.88
CA PRO A 252 -28.28 -26.32 -11.36
C PRO A 252 -27.59 -25.49 -10.29
N ASP A 253 -27.81 -25.86 -9.04
CA ASP A 253 -27.23 -25.17 -7.89
C ASP A 253 -25.70 -25.25 -7.90
N ALA A 254 -25.17 -26.19 -8.68
CA ALA A 254 -23.73 -26.38 -8.79
C ALA A 254 -23.00 -25.11 -9.21
N LYS A 255 -22.24 -24.52 -8.29
CA LYS A 255 -21.50 -23.29 -8.56
C LYS A 255 -20.27 -23.51 -9.43
N LEU A 256 -20.21 -22.84 -10.57
CA LEU A 256 -19.07 -22.96 -11.47
C LEU A 256 -17.90 -22.18 -10.88
N VAL A 257 -16.69 -22.66 -11.11
CA VAL A 257 -15.48 -22.00 -10.64
C VAL A 257 -14.38 -22.27 -11.64
N VAL A 258 -13.60 -21.24 -11.93
CA VAL A 258 -12.50 -21.35 -12.87
C VAL A 258 -11.29 -20.76 -12.16
N GLY A 259 -11.06 -19.46 -12.34
CA GLY A 259 -9.92 -18.85 -11.69
C GLY A 259 -10.19 -18.57 -10.23
N ASN A 260 -11.46 -18.66 -9.83
CA ASN A 260 -11.87 -18.44 -8.44
C ASN A 260 -11.55 -17.02 -7.92
N THR A 261 -11.04 -16.15 -8.78
CA THR A 261 -10.69 -14.78 -8.37
C THR A 261 -11.91 -13.94 -8.02
N GLU A 262 -13.09 -14.49 -8.25
CA GLU A 262 -14.32 -13.80 -7.93
C GLU A 262 -14.99 -14.55 -6.78
N ILE A 263 -15.27 -15.83 -7.01
CA ILE A 263 -15.87 -16.71 -6.00
C ILE A 263 -15.00 -16.80 -4.75
N GLY A 264 -13.68 -16.79 -4.94
CA GLY A 264 -12.79 -16.86 -3.80
C GLY A 264 -13.08 -15.72 -2.84
N ILE A 265 -13.25 -14.52 -3.40
CA ILE A 265 -13.55 -13.33 -2.59
C ILE A 265 -14.92 -13.43 -1.92
N GLU A 266 -15.89 -14.00 -2.62
CA GLU A 266 -17.23 -14.13 -2.05
C GLU A 266 -17.23 -15.03 -0.83
N MET A 267 -16.58 -16.19 -0.96
CA MET A 267 -16.52 -17.13 0.14
C MET A 267 -15.76 -16.55 1.32
N LYS A 268 -14.56 -16.05 1.03
CA LYS A 268 -13.71 -15.51 2.07
C LYS A 268 -14.22 -14.23 2.73
N PHE A 269 -14.66 -13.25 1.94
CA PHE A 269 -15.11 -11.98 2.50
C PHE A 269 -16.60 -11.72 2.68
N LYS A 270 -17.42 -12.27 1.81
CA LYS A 270 -18.86 -12.08 1.93
C LYS A 270 -19.44 -13.27 2.68
N ASN A 271 -18.55 -14.03 3.32
CA ASN A 271 -18.93 -15.20 4.10
C ASN A 271 -19.92 -16.12 3.39
N MET A 272 -19.63 -16.42 2.13
CA MET A 272 -20.47 -17.30 1.33
C MET A 272 -19.96 -18.73 1.39
N LEU A 273 -20.81 -19.68 1.03
CA LEU A 273 -20.43 -21.07 1.04
C LEU A 273 -21.21 -21.90 0.04
N PHE A 274 -20.59 -22.24 -1.09
CA PHE A 274 -21.27 -23.04 -2.09
C PHE A 274 -20.88 -24.50 -1.89
N PRO A 275 -21.77 -25.29 -1.29
CA PRO A 275 -21.58 -26.72 -1.01
C PRO A 275 -21.29 -27.61 -2.20
N LEU A 276 -21.42 -27.07 -3.41
CA LEU A 276 -21.16 -27.88 -4.58
C LEU A 276 -20.52 -27.08 -5.70
N ILE A 277 -19.19 -27.11 -5.76
CA ILE A 277 -18.43 -26.41 -6.78
C ILE A 277 -18.22 -27.37 -7.94
N VAL A 278 -17.81 -26.81 -9.08
CA VAL A 278 -17.53 -27.60 -10.28
C VAL A 278 -16.63 -26.75 -11.15
N CYS A 279 -15.39 -27.19 -11.30
CA CYS A 279 -14.40 -26.47 -12.10
C CYS A 279 -14.31 -27.15 -13.46
N PRO A 280 -14.54 -26.37 -14.53
CA PRO A 280 -14.49 -26.88 -15.91
C PRO A 280 -13.26 -26.42 -16.69
N ALA A 281 -12.31 -25.82 -15.99
CA ALA A 281 -11.10 -25.32 -16.63
C ALA A 281 -10.42 -26.30 -17.59
N TRP A 282 -10.68 -27.59 -17.42
CA TRP A 282 -10.06 -28.60 -18.28
C TRP A 282 -10.74 -28.74 -19.64
N ILE A 283 -12.06 -28.74 -19.66
CA ILE A 283 -12.83 -28.90 -20.88
C ILE A 283 -12.27 -28.05 -22.02
N PRO A 284 -11.91 -28.70 -23.14
CA PRO A 284 -11.34 -28.05 -24.34
C PRO A 284 -12.24 -26.97 -24.92
N GLU A 285 -13.52 -27.30 -25.11
CA GLU A 285 -14.48 -26.35 -25.66
C GLU A 285 -14.34 -24.96 -25.05
N LEU A 286 -14.45 -24.88 -23.72
CA LEU A 286 -14.35 -23.61 -23.01
C LEU A 286 -12.95 -23.00 -23.05
N ASN A 287 -12.09 -23.50 -23.92
CA ASN A 287 -10.73 -22.99 -24.02
C ASN A 287 -10.28 -22.65 -25.44
N SER A 288 -11.08 -23.02 -26.44
CA SER A 288 -10.72 -22.76 -27.82
C SER A 288 -10.75 -21.29 -28.23
N VAL A 289 -9.93 -20.96 -29.22
CA VAL A 289 -9.84 -19.60 -29.74
C VAL A 289 -10.03 -19.73 -31.24
N VAL A 290 -11.28 -19.56 -31.69
CA VAL A 290 -11.60 -19.70 -33.11
C VAL A 290 -11.78 -18.39 -33.88
N HIS A 291 -11.01 -18.24 -34.95
CA HIS A 291 -11.05 -17.07 -35.81
C HIS A 291 -12.20 -17.16 -36.81
N GLY A 292 -13.30 -16.49 -36.48
CA GLY A 292 -14.46 -16.51 -37.36
C GLY A 292 -14.49 -15.32 -38.30
N PRO A 293 -15.52 -15.21 -39.15
CA PRO A 293 -15.59 -14.08 -40.06
C PRO A 293 -15.88 -12.79 -39.29
N GLU A 294 -16.87 -12.84 -38.42
CA GLU A 294 -17.27 -11.69 -37.62
C GLU A 294 -16.20 -11.27 -36.62
N GLY A 295 -15.46 -12.27 -36.11
CA GLY A 295 -14.42 -11.98 -35.14
C GLY A 295 -13.86 -13.21 -34.48
N ILE A 296 -13.14 -13.00 -33.38
CA ILE A 296 -12.53 -14.10 -32.64
C ILE A 296 -13.38 -14.57 -31.47
N SER A 297 -13.64 -15.87 -31.44
CA SER A 297 -14.44 -16.46 -30.36
C SER A 297 -13.53 -17.14 -29.34
N PHE A 298 -13.68 -16.78 -28.08
CA PHE A 298 -12.90 -17.36 -27.01
C PHE A 298 -13.85 -18.17 -26.15
N GLY A 299 -13.39 -19.32 -25.67
CA GLY A 299 -14.24 -20.13 -24.82
C GLY A 299 -14.41 -19.37 -23.52
N ALA A 300 -15.51 -19.58 -22.83
CA ALA A 300 -15.79 -18.89 -21.58
C ALA A 300 -14.72 -19.04 -20.47
N SER A 301 -13.88 -20.06 -20.58
CA SER A 301 -12.87 -20.29 -19.55
C SER A 301 -11.49 -19.73 -19.88
N CYS A 302 -11.34 -19.14 -21.07
CA CYS A 302 -10.04 -18.59 -21.46
C CYS A 302 -9.55 -17.54 -20.47
N PRO A 303 -8.28 -17.67 -20.06
CA PRO A 303 -7.64 -16.75 -19.12
C PRO A 303 -7.55 -15.37 -19.78
N LEU A 304 -7.76 -14.32 -19.01
CA LEU A 304 -7.68 -12.98 -19.56
C LEU A 304 -6.31 -12.74 -20.15
N SER A 305 -5.33 -13.49 -19.69
CA SER A 305 -3.97 -13.35 -20.20
C SER A 305 -3.88 -13.99 -21.57
N LEU A 306 -4.75 -14.97 -21.83
CA LEU A 306 -4.75 -15.63 -23.13
C LEU A 306 -5.34 -14.63 -24.11
N VAL A 307 -6.57 -14.18 -23.80
CA VAL A 307 -7.25 -13.20 -24.60
C VAL A 307 -6.30 -12.06 -24.90
N GLU A 308 -5.68 -11.55 -23.85
CA GLU A 308 -4.75 -10.45 -24.01
C GLU A 308 -3.68 -10.75 -25.05
N SER A 309 -2.96 -11.86 -24.88
CA SER A 309 -1.89 -12.23 -25.80
C SER A 309 -2.36 -12.52 -27.22
N VAL A 310 -3.50 -13.19 -27.36
CA VAL A 310 -4.01 -13.51 -28.69
C VAL A 310 -4.47 -12.25 -29.42
N LEU A 311 -5.21 -11.37 -28.75
CA LEU A 311 -5.66 -10.14 -29.38
C LEU A 311 -4.45 -9.29 -29.76
N ALA A 312 -3.51 -9.16 -28.84
CA ALA A 312 -2.30 -8.38 -29.07
C ALA A 312 -1.63 -8.77 -30.38
N GLU A 313 -1.78 -10.03 -30.77
CA GLU A 313 -1.17 -10.50 -32.01
C GLU A 313 -2.00 -10.03 -33.19
N GLU A 314 -3.31 -9.94 -32.98
CA GLU A 314 -4.21 -9.49 -34.02
C GLU A 314 -3.98 -8.02 -34.34
N ILE A 315 -3.96 -7.17 -33.31
CA ILE A 315 -3.77 -5.75 -33.53
C ILE A 315 -2.37 -5.44 -34.06
N ALA A 316 -1.62 -6.48 -34.42
CA ALA A 316 -0.28 -6.27 -34.93
C ALA A 316 -0.10 -6.78 -36.35
N LYS A 317 -1.08 -7.55 -36.83
CA LYS A 317 -1.00 -8.09 -38.18
C LYS A 317 -2.21 -7.72 -39.05
N LEU A 318 -3.27 -7.21 -38.41
CA LEU A 318 -4.47 -6.81 -39.14
C LEU A 318 -4.52 -5.29 -39.32
N PRO A 319 -5.34 -4.84 -40.29
CA PRO A 319 -5.51 -3.42 -40.59
C PRO A 319 -6.11 -2.73 -39.37
N GLU A 320 -5.53 -1.59 -38.99
CA GLU A 320 -5.99 -0.85 -37.84
C GLU A 320 -7.50 -0.64 -37.85
N GLN A 321 -8.14 -0.82 -39.00
CA GLN A 321 -9.57 -0.62 -39.08
C GLN A 321 -10.39 -1.83 -38.64
N LYS A 322 -9.75 -2.99 -38.55
CA LYS A 322 -10.47 -4.19 -38.14
C LYS A 322 -10.26 -4.48 -36.65
N THR A 323 -9.34 -3.75 -36.03
CA THR A 323 -8.99 -3.98 -34.64
C THR A 323 -9.41 -2.90 -33.63
N GLU A 324 -10.46 -2.13 -33.95
CA GLU A 324 -10.89 -1.08 -33.03
C GLU A 324 -11.43 -1.65 -31.71
N VAL A 325 -12.26 -2.68 -31.79
CA VAL A 325 -12.82 -3.27 -30.57
C VAL A 325 -11.74 -4.03 -29.82
N PHE A 326 -10.90 -4.77 -30.55
CA PHE A 326 -9.83 -5.51 -29.94
C PHE A 326 -8.98 -4.57 -29.09
N ARG A 327 -8.57 -3.46 -29.69
CA ARG A 327 -7.75 -2.50 -28.98
C ARG A 327 -8.51 -1.85 -27.83
N GLY A 328 -9.83 -2.00 -27.83
CA GLY A 328 -10.63 -1.44 -26.77
C GLY A 328 -10.50 -2.35 -25.57
N VAL A 329 -10.61 -3.65 -25.83
CA VAL A 329 -10.49 -4.66 -24.80
C VAL A 329 -9.09 -4.55 -24.19
N MET A 330 -8.07 -4.56 -25.04
CA MET A 330 -6.69 -4.45 -24.59
C MET A 330 -6.43 -3.27 -23.68
N GLU A 331 -7.06 -2.13 -23.96
CA GLU A 331 -6.84 -0.95 -23.15
C GLU A 331 -7.38 -1.16 -21.75
N GLN A 332 -8.50 -1.88 -21.66
CA GLN A 332 -9.09 -2.18 -20.37
C GLN A 332 -8.15 -3.13 -19.60
N LEU A 333 -7.80 -4.24 -20.22
CA LEU A 333 -6.92 -5.22 -19.60
C LEU A 333 -5.62 -4.60 -19.11
N ARG A 334 -5.22 -3.47 -19.69
CA ARG A 334 -3.99 -2.82 -19.27
C ARG A 334 -4.02 -2.44 -17.82
N TRP A 335 -5.23 -2.21 -17.30
CA TRP A 335 -5.40 -1.82 -15.91
C TRP A 335 -6.36 -2.77 -15.20
N PHE A 336 -6.30 -4.03 -15.62
CA PHE A 336 -7.15 -5.09 -15.11
C PHE A 336 -6.29 -6.00 -14.19
N ALA A 337 -6.34 -5.72 -12.88
CA ALA A 337 -5.59 -6.51 -11.91
C ALA A 337 -4.11 -6.49 -12.25
N GLY A 338 -3.49 -7.67 -12.26
CA GLY A 338 -2.08 -7.77 -12.58
C GLY A 338 -1.82 -9.09 -13.25
N LYS A 339 -0.55 -9.44 -13.41
CA LYS A 339 -0.18 -10.69 -14.04
C LYS A 339 -0.77 -11.92 -13.32
N GLN A 340 -0.69 -11.92 -11.99
CA GLN A 340 -1.18 -13.04 -11.17
C GLN A 340 -2.65 -13.36 -11.35
N VAL A 341 -3.50 -12.34 -11.36
CA VAL A 341 -4.94 -12.55 -11.50
C VAL A 341 -5.35 -12.89 -12.93
N LYS A 342 -4.82 -12.14 -13.89
CA LYS A 342 -5.14 -12.35 -15.30
C LYS A 342 -4.72 -13.72 -15.83
N SER A 343 -3.81 -14.40 -15.11
CA SER A 343 -3.34 -15.71 -15.55
C SER A 343 -4.34 -16.84 -15.30
N VAL A 344 -5.28 -16.59 -14.39
CA VAL A 344 -6.29 -17.59 -14.07
C VAL A 344 -7.72 -17.06 -14.20
N ALA A 345 -7.90 -15.74 -14.13
CA ALA A 345 -9.23 -15.15 -14.27
C ALA A 345 -9.72 -15.32 -15.71
N SER A 346 -10.90 -15.90 -15.90
CA SER A 346 -11.42 -16.11 -17.25
C SER A 346 -12.33 -14.97 -17.73
N ILE A 347 -12.59 -14.93 -19.04
CA ILE A 347 -13.47 -13.93 -19.61
C ILE A 347 -14.89 -14.21 -19.10
N GLY A 348 -15.35 -15.43 -19.34
CA GLY A 348 -16.68 -15.84 -18.91
C GLY A 348 -16.96 -15.55 -17.44
N GLY A 349 -15.91 -15.55 -16.62
CA GLY A 349 -16.11 -15.28 -15.22
C GLY A 349 -16.42 -13.81 -15.01
N ASN A 350 -15.74 -12.96 -15.77
CA ASN A 350 -15.94 -11.52 -15.69
C ASN A 350 -17.34 -11.18 -16.20
N ILE A 351 -17.77 -11.88 -17.25
CA ILE A 351 -19.08 -11.68 -17.83
C ILE A 351 -20.17 -12.05 -16.83
N ILE A 352 -20.22 -13.31 -16.43
CA ILE A 352 -21.23 -13.80 -15.48
C ILE A 352 -21.21 -13.19 -14.08
N THR A 353 -20.04 -12.78 -13.61
CA THR A 353 -19.98 -12.16 -12.29
C THR A 353 -21.03 -11.05 -12.29
N ALA A 354 -21.13 -10.36 -13.43
CA ALA A 354 -22.09 -9.28 -13.64
C ALA A 354 -21.91 -8.11 -12.68
N SER A 355 -20.66 -7.80 -12.36
CA SER A 355 -20.40 -6.71 -11.45
C SER A 355 -20.66 -5.37 -12.10
N PRO A 356 -21.38 -4.48 -11.40
CA PRO A 356 -21.65 -3.18 -11.98
C PRO A 356 -20.37 -2.45 -12.41
N ILE A 357 -19.26 -2.74 -11.74
CA ILE A 357 -18.00 -2.10 -12.09
C ILE A 357 -17.11 -2.91 -13.02
N SER A 358 -17.68 -3.91 -13.68
CA SER A 358 -16.89 -4.71 -14.60
C SER A 358 -16.34 -3.80 -15.68
N ASP A 359 -15.12 -4.03 -16.14
CA ASP A 359 -14.51 -3.20 -17.15
C ASP A 359 -14.56 -3.81 -18.55
N LEU A 360 -15.20 -4.97 -18.66
CA LEU A 360 -15.29 -5.66 -19.94
C LEU A 360 -16.73 -5.72 -20.41
N ASN A 361 -17.68 -5.91 -19.50
CA ASN A 361 -19.06 -5.96 -19.91
C ASN A 361 -19.42 -4.70 -20.69
N PRO A 362 -18.96 -3.52 -20.24
CA PRO A 362 -19.26 -2.29 -20.97
C PRO A 362 -18.77 -2.39 -22.41
N VAL A 363 -17.51 -2.76 -22.59
CA VAL A 363 -16.94 -2.90 -23.92
C VAL A 363 -17.63 -3.99 -24.74
N PHE A 364 -18.04 -5.07 -24.09
CA PHE A 364 -18.70 -6.15 -24.81
C PHE A 364 -20.11 -5.78 -25.24
N MET A 365 -20.81 -5.07 -24.37
CA MET A 365 -22.18 -4.64 -24.65
C MET A 365 -22.17 -3.58 -25.75
N ALA A 366 -21.32 -2.57 -25.56
CA ALA A 366 -21.18 -1.47 -26.51
C ALA A 366 -20.52 -1.88 -27.81
N SER A 367 -20.51 -3.17 -28.10
CA SER A 367 -19.93 -3.65 -29.35
C SER A 367 -20.71 -4.87 -29.78
N GLY A 368 -21.79 -5.15 -29.04
CA GLY A 368 -22.63 -6.29 -29.35
C GLY A 368 -21.87 -7.59 -29.51
N ALA A 369 -21.31 -8.09 -28.41
CA ALA A 369 -20.55 -9.33 -28.42
C ALA A 369 -21.51 -10.52 -28.47
N LYS A 370 -21.24 -11.48 -29.34
CA LYS A 370 -22.11 -12.64 -29.47
C LYS A 370 -21.73 -13.73 -28.47
N LEU A 371 -22.61 -13.96 -27.50
CA LEU A 371 -22.40 -14.96 -26.46
C LEU A 371 -23.22 -16.21 -26.74
N THR A 372 -22.57 -17.37 -26.68
CA THR A 372 -23.27 -18.64 -26.91
C THR A 372 -23.65 -19.22 -25.56
N LEU A 373 -24.83 -19.82 -25.45
CA LEU A 373 -25.29 -20.40 -24.18
C LEU A 373 -25.81 -21.82 -24.32
N VAL A 374 -25.06 -22.77 -23.77
CA VAL A 374 -25.44 -24.17 -23.83
C VAL A 374 -25.99 -24.74 -22.53
N SER A 375 -26.70 -25.85 -22.67
CA SER A 375 -27.32 -26.57 -21.56
C SER A 375 -27.64 -27.95 -22.11
N ARG A 376 -27.61 -28.97 -21.28
CA ARG A 376 -27.88 -30.33 -21.77
C ARG A 376 -29.13 -30.31 -22.65
N GLY A 377 -28.90 -30.46 -23.95
CA GLY A 377 -30.01 -30.45 -24.89
C GLY A 377 -30.24 -29.09 -25.53
N THR A 378 -30.20 -28.03 -24.74
CA THR A 378 -30.43 -26.68 -25.23
C THR A 378 -29.18 -25.97 -25.76
N ARG A 379 -29.40 -24.98 -26.61
CA ARG A 379 -28.32 -24.19 -27.19
C ARG A 379 -28.89 -22.96 -27.90
N ARG A 380 -28.57 -21.78 -27.36
CA ARG A 380 -29.04 -20.52 -27.94
C ARG A 380 -27.87 -19.56 -28.12
N THR A 381 -28.15 -18.39 -28.66
CA THR A 381 -27.13 -17.37 -28.87
C THR A 381 -27.75 -16.00 -28.64
N VAL A 382 -26.96 -15.06 -28.12
CA VAL A 382 -27.45 -13.71 -27.87
C VAL A 382 -26.36 -12.67 -28.06
N ARG A 383 -26.76 -11.41 -28.04
CA ARG A 383 -25.82 -10.29 -28.17
C ARG A 383 -25.94 -9.54 -26.87
N MET A 384 -24.83 -9.04 -26.35
CA MET A 384 -24.88 -8.34 -25.09
C MET A 384 -25.60 -7.01 -25.25
N ASP A 385 -26.58 -6.76 -24.39
CA ASP A 385 -27.34 -5.53 -24.43
C ASP A 385 -28.10 -5.39 -23.12
N HIS A 386 -28.74 -4.24 -22.92
CA HIS A 386 -29.49 -3.99 -21.68
C HIS A 386 -30.34 -5.17 -21.20
N THR A 387 -30.74 -6.06 -22.11
CA THR A 387 -31.57 -7.22 -21.75
C THR A 387 -30.80 -8.33 -21.05
N PHE A 388 -29.51 -8.44 -21.37
CA PHE A 388 -28.64 -9.45 -20.81
C PHE A 388 -28.44 -9.39 -19.30
N PHE A 389 -28.41 -8.17 -18.75
CA PHE A 389 -28.22 -7.97 -17.32
C PHE A 389 -29.49 -7.50 -16.61
N PRO A 390 -30.45 -8.43 -16.38
CA PRO A 390 -31.72 -8.12 -15.72
C PRO A 390 -31.57 -7.24 -14.49
N GLY A 391 -31.23 -7.85 -13.36
CA GLY A 391 -31.05 -7.09 -12.13
C GLY A 391 -29.64 -7.15 -11.57
N TYR A 392 -29.50 -6.78 -10.30
CA TYR A 392 -28.20 -6.80 -9.63
C TYR A 392 -27.51 -8.15 -9.80
N ARG A 393 -26.31 -8.12 -10.37
CA ARG A 393 -25.49 -9.31 -10.60
C ARG A 393 -26.27 -10.53 -11.09
N LYS A 394 -27.02 -10.35 -12.18
CA LYS A 394 -27.81 -11.44 -12.76
C LYS A 394 -27.66 -11.38 -14.27
N THR A 395 -28.05 -12.46 -14.96
CA THR A 395 -27.95 -12.51 -16.41
C THR A 395 -29.06 -13.36 -17.00
N LEU A 396 -29.10 -13.42 -18.33
CA LEU A 396 -30.10 -14.19 -19.07
C LEU A 396 -30.02 -15.69 -18.84
N LEU A 397 -28.81 -16.19 -18.61
CA LEU A 397 -28.59 -17.62 -18.40
C LEU A 397 -29.56 -18.27 -17.45
N ARG A 398 -30.10 -19.41 -17.88
CA ARG A 398 -31.03 -20.17 -17.07
C ARG A 398 -30.17 -20.89 -16.02
N PRO A 399 -30.78 -21.30 -14.89
CA PRO A 399 -30.03 -21.98 -13.84
C PRO A 399 -29.13 -23.12 -14.34
N GLU A 400 -29.57 -23.83 -15.38
CA GLU A 400 -28.81 -24.96 -15.89
C GLU A 400 -27.90 -24.65 -17.07
N GLU A 401 -27.93 -23.44 -17.59
CA GLU A 401 -27.09 -23.08 -18.72
C GLU A 401 -25.73 -22.55 -18.26
N ILE A 402 -24.77 -22.56 -19.16
CA ILE A 402 -23.44 -22.04 -18.86
C ILE A 402 -22.93 -21.30 -20.10
N LEU A 403 -22.13 -20.26 -19.88
CA LEU A 403 -21.60 -19.48 -20.99
C LEU A 403 -20.54 -20.29 -21.73
N LEU A 404 -20.80 -20.61 -22.99
CA LEU A 404 -19.87 -21.39 -23.78
C LEU A 404 -18.72 -20.59 -24.36
N SER A 405 -19.04 -19.49 -25.05
CA SER A 405 -18.00 -18.67 -25.67
C SER A 405 -18.42 -17.23 -25.94
N ILE A 406 -17.43 -16.41 -26.30
CA ILE A 406 -17.66 -15.02 -26.61
C ILE A 406 -16.95 -14.66 -27.89
N GLU A 407 -17.66 -13.99 -28.80
CA GLU A 407 -17.03 -13.58 -30.05
C GLU A 407 -16.80 -12.09 -30.01
N ILE A 408 -15.54 -11.70 -29.97
CA ILE A 408 -15.20 -10.28 -29.96
C ILE A 408 -15.13 -9.86 -31.43
N PRO A 409 -16.11 -9.05 -31.87
CA PRO A 409 -16.24 -8.54 -33.23
C PRO A 409 -15.11 -7.70 -33.79
N TYR A 410 -14.90 -7.81 -35.09
CA TYR A 410 -13.91 -7.01 -35.78
C TYR A 410 -14.60 -5.67 -35.98
N SER A 411 -13.82 -4.59 -36.00
CA SER A 411 -14.43 -3.28 -36.21
C SER A 411 -14.61 -3.07 -37.72
N LYS A 412 -15.83 -2.72 -38.12
CA LYS A 412 -16.16 -2.49 -39.53
C LYS A 412 -15.62 -1.15 -40.03
N GLU A 413 -15.38 -1.06 -41.33
CA GLU A 413 -14.86 0.17 -41.92
C GLU A 413 -15.82 1.32 -41.61
N GLY A 414 -15.28 2.40 -41.05
CA GLY A 414 -16.10 3.54 -40.71
C GLY A 414 -16.71 3.35 -39.33
N GLU A 415 -16.06 2.49 -38.54
CA GLU A 415 -16.52 2.21 -37.17
C GLU A 415 -15.38 2.51 -36.22
N PHE A 416 -15.69 3.19 -35.13
CA PHE A 416 -14.66 3.54 -34.17
C PHE A 416 -15.08 3.15 -32.77
N PHE A 417 -14.09 2.72 -31.99
CA PHE A 417 -14.33 2.28 -30.62
C PHE A 417 -13.34 2.86 -29.63
N SER A 418 -13.80 3.07 -28.42
CA SER A 418 -12.97 3.59 -27.36
C SER A 418 -13.37 2.94 -26.05
N ALA A 419 -12.42 2.80 -25.15
CA ALA A 419 -12.65 2.21 -23.85
C ALA A 419 -12.04 3.11 -22.79
N PHE A 420 -12.78 3.33 -21.71
CA PHE A 420 -12.28 4.19 -20.64
C PHE A 420 -12.42 3.52 -19.28
N LYS A 421 -11.62 4.01 -18.34
CA LYS A 421 -11.65 3.51 -16.98
C LYS A 421 -10.95 4.53 -16.08
N GLN A 422 -11.55 4.78 -14.93
CA GLN A 422 -10.96 5.71 -13.97
C GLN A 422 -11.32 5.25 -12.57
N ALA A 423 -10.30 5.19 -11.70
CA ALA A 423 -10.46 4.77 -10.31
C ALA A 423 -9.61 5.70 -9.46
N SER A 424 -9.06 5.18 -8.36
CA SER A 424 -8.23 5.99 -7.48
C SER A 424 -6.78 5.77 -7.83
N ARG A 425 -6.51 4.65 -8.49
CA ARG A 425 -5.15 4.32 -8.90
C ARG A 425 -5.18 3.62 -10.24
N ARG A 426 -4.17 3.91 -11.06
CA ARG A 426 -4.06 3.31 -12.38
C ARG A 426 -4.03 1.80 -12.27
N GLU A 427 -2.95 1.30 -11.68
CA GLU A 427 -2.69 -0.14 -11.51
C GLU A 427 -3.60 -0.86 -10.53
N ASP A 428 -4.06 -2.04 -10.95
CA ASP A 428 -4.91 -2.93 -10.16
C ASP A 428 -5.84 -2.22 -9.17
N ASP A 429 -7.01 -1.83 -9.67
CA ASP A 429 -7.99 -1.10 -8.86
C ASP A 429 -9.38 -1.38 -9.38
N ILE A 430 -10.38 -0.98 -8.60
CA ILE A 430 -11.78 -1.13 -8.98
C ILE A 430 -12.17 0.21 -9.65
N ALA A 431 -12.77 0.11 -10.83
CA ALA A 431 -13.17 1.30 -11.57
C ALA A 431 -14.32 2.06 -10.91
N LYS A 432 -14.21 3.40 -10.91
CA LYS A 432 -15.28 4.25 -10.36
C LYS A 432 -16.30 4.33 -11.49
N VAL A 433 -15.79 4.46 -12.70
CA VAL A 433 -16.59 4.52 -13.91
C VAL A 433 -15.75 3.90 -15.02
N THR A 434 -16.35 2.97 -15.77
CA THR A 434 -15.68 2.30 -16.88
C THR A 434 -16.64 2.43 -18.05
N SER A 435 -16.10 2.50 -19.27
CA SER A 435 -16.99 2.66 -20.40
C SER A 435 -16.52 2.10 -21.73
N GLY A 436 -17.51 1.70 -22.53
CA GLY A 436 -17.27 1.19 -23.87
C GLY A 436 -18.08 2.06 -24.83
N MET A 437 -17.40 2.74 -25.75
CA MET A 437 -18.08 3.62 -26.71
C MET A 437 -17.82 3.27 -28.16
N ARG A 438 -18.89 3.06 -28.90
CA ARG A 438 -18.80 2.71 -30.31
C ARG A 438 -19.60 3.68 -31.19
N VAL A 439 -19.14 3.86 -32.42
CA VAL A 439 -19.81 4.73 -33.38
C VAL A 439 -19.60 4.20 -34.79
N LEU A 440 -20.68 4.16 -35.57
CA LEU A 440 -20.62 3.70 -36.95
C LEU A 440 -21.25 4.76 -37.83
N PHE A 441 -20.46 5.37 -38.70
CA PHE A 441 -20.97 6.41 -39.58
C PHE A 441 -21.56 5.89 -40.89
N LYS A 442 -22.40 6.72 -41.52
CA LYS A 442 -22.99 6.37 -42.80
C LYS A 442 -21.77 6.31 -43.71
N PRO A 443 -21.68 5.29 -44.57
CA PRO A 443 -20.52 5.20 -45.46
C PRO A 443 -20.13 6.53 -46.11
N GLY A 444 -18.83 6.80 -46.14
CA GLY A 444 -18.32 8.02 -46.75
C GLY A 444 -18.66 9.34 -46.08
N THR A 445 -19.60 9.33 -45.14
CA THR A 445 -20.01 10.56 -44.47
C THR A 445 -19.41 10.70 -43.07
N ILE A 446 -20.02 11.55 -42.27
CA ILE A 446 -19.63 11.76 -40.88
C ILE A 446 -20.99 11.82 -40.19
N GLU A 447 -21.91 11.04 -40.73
CA GLU A 447 -23.26 10.94 -40.21
C GLU A 447 -23.41 9.69 -39.35
N VAL A 448 -23.85 9.89 -38.12
CA VAL A 448 -24.04 8.80 -37.18
C VAL A 448 -25.06 7.75 -37.65
N GLN A 449 -24.57 6.57 -37.99
CA GLN A 449 -25.47 5.49 -38.41
C GLN A 449 -25.84 4.64 -37.18
N GLU A 450 -24.88 4.51 -36.27
CA GLU A 450 -25.05 3.76 -35.02
C GLU A 450 -24.14 4.33 -33.94
N LEU A 451 -24.69 4.50 -32.75
CA LEU A 451 -23.91 5.04 -31.62
C LEU A 451 -24.27 4.32 -30.32
N SER A 452 -23.27 3.69 -29.70
CA SER A 452 -23.50 2.99 -28.44
C SER A 452 -22.57 3.50 -27.34
N LEU A 453 -23.14 3.78 -26.19
CA LEU A 453 -22.37 4.28 -25.06
C LEU A 453 -22.75 3.47 -23.82
N CYS A 454 -21.88 2.57 -23.41
CA CYS A 454 -22.15 1.73 -22.24
C CYS A 454 -21.24 2.08 -21.08
N PHE A 455 -21.82 2.11 -19.88
CA PHE A 455 -21.06 2.47 -18.69
C PHE A 455 -21.10 1.47 -17.55
N GLY A 456 -20.14 1.64 -16.64
CA GLY A 456 -20.05 0.81 -15.47
C GLY A 456 -19.76 1.70 -14.30
N GLY A 457 -20.43 1.46 -13.18
CA GLY A 457 -20.20 2.27 -12.00
C GLY A 457 -21.20 3.40 -11.88
N MET A 458 -22.27 3.30 -12.66
CA MET A 458 -23.32 4.31 -12.67
C MET A 458 -24.64 3.71 -12.21
N ALA A 459 -24.73 2.39 -12.22
CA ALA A 459 -25.93 1.70 -11.78
C ALA A 459 -25.57 0.38 -11.12
N ASP A 460 -26.60 -0.36 -10.70
CA ASP A 460 -26.41 -1.65 -10.07
C ASP A 460 -26.08 -2.66 -11.14
N ARG A 461 -25.73 -2.17 -12.32
CA ARG A 461 -25.40 -3.05 -13.44
C ARG A 461 -24.73 -2.27 -14.57
N THR A 462 -24.34 -2.99 -15.61
CA THR A 462 -23.72 -2.37 -16.76
C THR A 462 -24.86 -1.87 -17.65
N ILE A 463 -24.84 -0.58 -17.97
CA ILE A 463 -25.91 0.01 -18.78
C ILE A 463 -25.46 0.78 -20.02
N SER A 464 -26.42 1.01 -20.90
CA SER A 464 -26.19 1.76 -22.13
C SER A 464 -27.09 3.00 -22.08
N ALA A 465 -26.72 4.03 -22.85
CA ALA A 465 -27.50 5.25 -22.87
C ALA A 465 -28.59 5.08 -23.94
N LEU A 466 -29.45 4.09 -23.73
CA LEU A 466 -30.52 3.78 -24.67
C LEU A 466 -31.37 4.97 -25.12
N LYS A 467 -31.39 6.03 -24.31
CA LYS A 467 -32.18 7.22 -24.65
C LYS A 467 -31.34 8.23 -25.43
N THR A 468 -30.26 8.69 -24.81
CA THR A 468 -29.37 9.68 -25.41
C THR A 468 -28.87 9.35 -26.82
N THR A 469 -28.42 8.11 -27.03
CA THR A 469 -27.87 7.72 -28.33
C THR A 469 -28.80 7.68 -29.54
N PRO A 470 -30.06 7.21 -29.38
CA PRO A 470 -30.93 7.19 -30.55
C PRO A 470 -31.15 8.59 -31.12
N LYS A 471 -31.37 9.55 -30.22
CA LYS A 471 -31.58 10.95 -30.60
C LYS A 471 -30.30 11.51 -31.20
N GLN A 472 -29.53 10.67 -31.86
CA GLN A 472 -28.27 11.12 -32.44
C GLN A 472 -28.04 10.47 -33.79
N LEU A 473 -28.99 9.64 -34.19
CA LEU A 473 -28.90 8.95 -35.47
C LEU A 473 -28.98 9.93 -36.64
N SER A 474 -28.14 9.70 -37.65
CA SER A 474 -28.08 10.54 -38.84
C SER A 474 -27.40 11.89 -38.65
N LYS A 475 -27.31 12.36 -37.40
CA LYS A 475 -26.66 13.64 -37.14
C LYS A 475 -25.20 13.55 -37.57
N SER A 476 -24.52 14.69 -37.61
CA SER A 476 -23.12 14.68 -38.00
C SER A 476 -22.25 14.86 -36.78
N TRP A 477 -21.02 14.36 -36.86
CA TRP A 477 -20.08 14.46 -35.75
C TRP A 477 -19.57 15.89 -35.64
N ASN A 478 -20.33 16.73 -34.95
CA ASN A 478 -19.96 18.12 -34.76
C ASN A 478 -20.30 18.60 -33.36
N GLU A 479 -19.81 19.79 -33.02
CA GLU A 479 -20.02 20.40 -31.72
C GLU A 479 -21.46 20.31 -31.19
N GLU A 480 -22.43 20.31 -32.08
CA GLU A 480 -23.82 20.25 -31.65
C GLU A 480 -24.15 18.86 -31.09
N LEU A 481 -23.57 17.83 -31.68
CA LEU A 481 -23.81 16.46 -31.22
C LEU A 481 -23.18 16.32 -29.82
N LEU A 482 -22.01 16.90 -29.66
CA LEU A 482 -21.31 16.84 -28.38
C LEU A 482 -22.24 17.38 -27.30
N GLN A 483 -22.83 18.54 -27.53
CA GLN A 483 -23.75 19.17 -26.57
C GLN A 483 -24.99 18.31 -26.35
N SER A 484 -25.43 17.67 -27.43
CA SER A 484 -26.61 16.83 -27.40
C SER A 484 -26.44 15.63 -26.47
N VAL A 485 -25.32 14.93 -26.65
CA VAL A 485 -25.00 13.76 -25.84
C VAL A 485 -24.76 14.13 -24.38
N CYS A 486 -23.82 15.02 -24.13
CA CYS A 486 -23.52 15.44 -22.77
C CYS A 486 -24.79 15.76 -22.00
N ALA A 487 -25.65 16.57 -22.60
CA ALA A 487 -26.89 16.94 -21.98
C ALA A 487 -27.76 15.70 -21.75
N GLY A 488 -27.70 14.78 -22.70
CA GLY A 488 -28.48 13.55 -22.58
C GLY A 488 -27.97 12.64 -21.50
N LEU A 489 -26.66 12.39 -21.51
CA LEU A 489 -26.04 11.54 -20.50
C LEU A 489 -26.35 12.16 -19.14
N ALA A 490 -26.04 13.45 -19.01
CA ALA A 490 -26.29 14.14 -17.76
C ALA A 490 -27.70 13.91 -17.25
N GLU A 491 -28.66 13.78 -18.16
CA GLU A 491 -30.05 13.57 -17.75
C GLU A 491 -30.36 12.11 -17.49
N GLU A 492 -29.98 11.25 -18.43
CA GLU A 492 -30.24 9.83 -18.33
C GLU A 492 -29.46 9.10 -17.25
N LEU A 493 -28.22 9.51 -17.01
CA LEU A 493 -27.39 8.88 -16.00
C LEU A 493 -27.21 9.77 -14.77
N GLN A 494 -28.31 10.25 -14.20
CA GLN A 494 -28.21 11.09 -13.01
C GLN A 494 -28.07 10.17 -11.82
N LEU A 495 -27.55 10.69 -10.71
CA LEU A 495 -27.37 9.86 -9.53
C LEU A 495 -28.04 10.43 -8.31
N ALA A 496 -28.49 9.54 -7.44
CA ALA A 496 -29.13 9.95 -6.20
C ALA A 496 -28.01 10.46 -5.30
N PRO A 497 -28.13 11.69 -4.79
CA PRO A 497 -27.07 12.22 -3.93
C PRO A 497 -26.67 11.18 -2.88
N ASP A 498 -27.66 10.41 -2.45
CA ASP A 498 -27.47 9.38 -1.44
C ASP A 498 -27.19 8.03 -2.07
N ALA A 499 -26.74 8.03 -3.32
CA ALA A 499 -26.45 6.79 -4.03
C ALA A 499 -25.23 6.11 -3.45
N PRO A 500 -25.21 4.77 -3.48
CA PRO A 500 -24.08 3.99 -2.97
C PRO A 500 -22.80 4.35 -3.70
N GLY A 501 -21.67 4.25 -3.01
CA GLY A 501 -20.39 4.58 -3.64
C GLY A 501 -19.97 6.02 -3.40
N GLY A 502 -20.92 6.94 -3.54
CA GLY A 502 -20.62 8.35 -3.35
C GLY A 502 -19.96 8.99 -4.55
N MET A 503 -19.23 10.07 -4.30
CA MET A 503 -18.53 10.79 -5.36
C MET A 503 -19.44 11.07 -6.55
N VAL A 504 -20.71 11.35 -6.28
CA VAL A 504 -21.71 11.63 -7.32
C VAL A 504 -21.26 12.58 -8.43
N GLU A 505 -20.87 13.80 -8.06
CA GLU A 505 -20.42 14.77 -9.06
C GLU A 505 -19.34 14.22 -9.95
N PHE A 506 -18.25 13.81 -9.32
CA PHE A 506 -17.08 13.25 -10.01
C PHE A 506 -17.44 12.18 -11.03
N ARG A 507 -18.35 11.29 -10.68
CA ARG A 507 -18.73 10.25 -11.60
C ARG A 507 -19.46 10.80 -12.81
N ARG A 508 -20.42 11.69 -12.57
CA ARG A 508 -21.20 12.31 -13.63
C ARG A 508 -20.23 12.99 -14.59
N THR A 509 -19.36 13.83 -14.05
CA THR A 509 -18.38 14.53 -14.86
C THR A 509 -17.63 13.57 -15.78
N LEU A 510 -17.27 12.41 -15.23
CA LEU A 510 -16.53 11.40 -15.97
C LEU A 510 -17.30 10.83 -17.15
N THR A 511 -18.59 10.57 -16.97
CA THR A 511 -19.37 10.04 -18.08
C THR A 511 -19.31 11.04 -19.23
N LEU A 512 -19.33 12.33 -18.88
CA LEU A 512 -19.27 13.38 -19.87
C LEU A 512 -17.84 13.55 -20.38
N SER A 513 -16.89 13.57 -19.45
CA SER A 513 -15.50 13.74 -19.83
C SER A 513 -15.01 12.59 -20.70
N PHE A 514 -15.57 11.40 -20.51
CA PHE A 514 -15.18 10.26 -21.32
C PHE A 514 -15.70 10.47 -22.72
N PHE A 515 -16.99 10.79 -22.82
CA PHE A 515 -17.58 11.03 -24.14
C PHE A 515 -16.80 12.14 -24.85
N PHE A 516 -16.48 13.20 -24.13
CA PHE A 516 -15.74 14.27 -24.73
C PHE A 516 -14.47 13.75 -25.39
N LYS A 517 -13.73 12.89 -24.68
CA LYS A 517 -12.50 12.32 -25.23
C LYS A 517 -12.82 11.48 -26.45
N PHE A 518 -13.97 10.81 -26.40
CA PHE A 518 -14.41 9.97 -27.51
C PHE A 518 -14.68 10.85 -28.72
N TYR A 519 -15.46 11.92 -28.50
CA TYR A 519 -15.80 12.87 -29.54
C TYR A 519 -14.51 13.42 -30.17
N LEU A 520 -13.60 13.91 -29.34
CA LEU A 520 -12.35 14.44 -29.85
C LEU A 520 -11.53 13.37 -30.54
N THR A 521 -11.64 12.14 -30.05
CA THR A 521 -10.90 11.02 -30.63
C THR A 521 -11.47 10.68 -31.99
N VAL A 522 -12.77 10.47 -32.03
CA VAL A 522 -13.45 10.15 -33.28
C VAL A 522 -13.07 11.15 -34.37
N LEU A 523 -13.11 12.44 -34.03
CA LEU A 523 -12.74 13.48 -34.98
C LEU A 523 -11.40 13.16 -35.61
N GLN A 524 -10.39 12.94 -34.77
CA GLN A 524 -9.06 12.63 -35.24
C GLN A 524 -9.06 11.46 -36.20
N LYS A 525 -9.89 10.47 -35.89
CA LYS A 525 -9.99 9.29 -36.72
C LYS A 525 -10.67 9.58 -38.06
N LEU A 526 -11.65 10.47 -38.04
CA LEU A 526 -12.35 10.85 -39.26
C LEU A 526 -11.35 11.64 -40.10
N GLY A 527 -10.67 12.59 -39.46
CA GLY A 527 -9.69 13.39 -40.17
C GLY A 527 -8.65 12.50 -40.81
N ARG A 528 -8.32 11.40 -40.13
CA ARG A 528 -7.34 10.45 -40.65
C ARG A 528 -8.08 9.49 -41.57
N ALA A 529 -8.82 10.05 -42.51
CA ALA A 529 -9.59 9.28 -43.48
C ALA A 529 -9.98 10.19 -44.64
N ASP A 530 -9.29 11.33 -44.73
CA ASP A 530 -9.53 12.33 -45.76
C ASP A 530 -10.73 13.24 -45.46
N LEU A 531 -11.75 12.69 -44.80
CA LEU A 531 -12.94 13.47 -44.45
C LEU A 531 -12.56 14.57 -43.46
N GLU A 532 -11.25 14.84 -43.39
CA GLU A 532 -10.68 15.86 -42.54
C GLU A 532 -11.45 17.18 -42.69
N ASP A 533 -11.67 17.58 -43.94
CA ASP A 533 -12.38 18.82 -44.25
C ASP A 533 -13.80 18.85 -43.71
N MET A 534 -14.51 17.73 -43.83
CA MET A 534 -15.89 17.64 -43.36
C MET A 534 -16.01 17.69 -41.84
N ALA A 535 -15.17 16.94 -41.13
CA ALA A 535 -15.19 16.92 -39.67
C ALA A 535 -14.49 18.14 -39.09
N GLY A 536 -13.50 18.64 -39.83
CA GLY A 536 -12.78 19.82 -39.39
C GLY A 536 -11.55 19.54 -38.55
N LYS A 537 -10.43 20.13 -38.94
CA LYS A 537 -9.17 19.98 -38.24
C LYS A 537 -9.41 20.19 -36.74
N LEU A 538 -8.58 19.56 -35.91
CA LEU A 538 -8.72 19.67 -34.47
C LEU A 538 -7.71 20.64 -33.90
N ASP A 539 -8.11 21.34 -32.83
CA ASP A 539 -7.23 22.30 -32.18
C ASP A 539 -5.99 21.55 -31.71
N PRO A 540 -4.79 22.02 -32.12
CA PRO A 540 -3.56 21.35 -31.71
C PRO A 540 -3.29 21.36 -30.20
N THR A 541 -4.23 21.88 -29.40
CA THR A 541 -4.04 21.91 -27.96
C THR A 541 -5.07 21.00 -27.30
N PHE A 542 -5.85 20.32 -28.13
CA PHE A 542 -6.87 19.40 -27.67
C PHE A 542 -6.45 17.97 -28.00
N ALA A 543 -5.33 17.84 -28.69
CA ALA A 543 -4.84 16.53 -29.11
C ALA A 543 -4.48 15.59 -27.95
N SER A 544 -3.62 16.07 -27.06
CA SER A 544 -3.18 15.29 -25.92
C SER A 544 -4.37 14.69 -25.16
N ALA A 545 -5.54 15.32 -25.28
CA ALA A 545 -6.71 14.80 -24.58
C ALA A 545 -7.22 13.47 -25.14
N THR A 546 -6.64 13.00 -26.24
CA THR A 546 -7.09 11.72 -26.83
C THR A 546 -6.08 10.60 -26.63
N LEU A 547 -4.85 10.98 -26.30
CA LEU A 547 -3.74 10.04 -26.09
C LEU A 547 -4.00 9.00 -25.01
N LEU A 548 -3.57 7.78 -25.27
CA LEU A 548 -3.70 6.69 -24.32
C LEU A 548 -2.51 6.84 -23.39
N PHE A 549 -2.62 6.30 -22.18
CA PHE A 549 -1.53 6.42 -21.21
C PHE A 549 -0.16 6.02 -21.77
N GLN A 550 0.82 6.90 -21.59
CA GLN A 550 2.17 6.64 -22.08
C GLN A 550 3.15 6.38 -20.94
N LYS A 551 3.96 5.34 -21.12
CA LYS A 551 4.96 4.94 -20.14
C LYS A 551 6.06 5.98 -19.94
N ASP A 552 7.13 5.84 -20.72
CA ASP A 552 8.30 6.72 -20.66
C ASP A 552 9.26 6.15 -19.60
N PRO A 553 10.38 5.59 -20.04
CA PRO A 553 11.43 4.97 -19.22
C PRO A 553 11.97 5.82 -18.06
N PRO A 554 12.16 5.20 -16.89
CA PRO A 554 12.67 5.81 -15.66
C PRO A 554 14.10 6.33 -15.81
N ALA A 555 14.50 7.20 -14.90
CA ALA A 555 15.84 7.76 -14.91
C ALA A 555 16.16 8.22 -13.49
N ASN A 556 16.76 7.35 -12.71
CA ASN A 556 17.07 7.66 -11.33
C ASN A 556 18.51 8.11 -11.13
N VAL A 557 18.76 8.84 -10.05
CA VAL A 557 20.09 9.34 -9.77
C VAL A 557 20.27 9.51 -8.28
N GLN A 558 21.10 8.67 -7.68
CA GLN A 558 21.37 8.74 -6.26
C GLN A 558 22.73 9.38 -6.10
N LEU A 559 22.88 10.23 -5.09
CA LEU A 559 24.16 10.86 -4.87
C LEU A 559 24.46 10.94 -3.39
N PHE A 560 25.66 10.51 -3.04
CA PHE A 560 26.11 10.53 -1.66
C PHE A 560 27.61 10.75 -1.64
N GLN A 561 28.15 10.97 -0.45
CA GLN A 561 29.58 11.20 -0.27
C GLN A 561 30.38 9.90 -0.21
N GLU A 562 31.65 10.00 -0.54
CA GLU A 562 32.54 8.85 -0.49
C GLU A 562 33.20 8.92 0.88
N VAL A 563 33.45 7.76 1.50
CA VAL A 563 34.10 7.75 2.82
C VAL A 563 35.52 8.26 2.60
N PRO A 564 36.12 8.88 3.62
CA PRO A 564 37.49 9.38 3.45
C PRO A 564 38.38 8.38 2.71
N LYS A 565 39.38 8.90 2.00
CA LYS A 565 40.31 8.08 1.23
C LYS A 565 40.99 7.05 2.13
N ASP A 566 41.13 7.41 3.41
CA ASP A 566 41.76 6.56 4.40
C ASP A 566 40.89 5.40 4.93
N GLN A 567 39.81 5.73 5.64
CA GLN A 567 38.93 4.70 6.20
C GLN A 567 39.23 3.29 5.72
N SER A 568 39.72 2.45 6.61
CA SER A 568 40.05 1.06 6.26
C SER A 568 38.84 0.41 5.63
N GLU A 569 39.07 -0.59 4.79
CA GLU A 569 37.96 -1.27 4.14
C GLU A 569 37.06 -1.97 5.16
N GLU A 570 37.57 -2.15 6.38
CA GLU A 570 36.79 -2.80 7.43
C GLU A 570 35.84 -1.84 8.14
N ASP A 571 36.10 -0.54 8.01
CA ASP A 571 35.25 0.47 8.62
C ASP A 571 34.07 0.73 7.70
N MET A 572 32.98 0.00 7.91
CA MET A 572 31.80 0.13 7.08
C MET A 572 30.93 1.34 7.37
N VAL A 573 31.30 2.14 8.37
CA VAL A 573 30.49 3.31 8.68
C VAL A 573 30.63 4.35 7.58
N GLY A 574 29.51 4.63 6.90
CA GLY A 574 29.53 5.59 5.82
C GLY A 574 29.60 4.88 4.48
N ARG A 575 29.50 3.55 4.49
CA ARG A 575 29.55 2.78 3.25
C ARG A 575 28.20 2.20 2.96
N PRO A 576 27.91 1.97 1.66
CA PRO A 576 26.64 1.41 1.20
C PRO A 576 26.49 -0.09 1.41
N LEU A 577 26.52 -0.52 2.67
CA LEU A 577 26.40 -1.93 3.01
C LEU A 577 24.95 -2.43 2.97
N PRO A 578 24.67 -3.43 2.13
CA PRO A 578 23.31 -4.01 2.01
C PRO A 578 22.74 -4.50 3.34
N HIS A 579 21.42 -4.35 3.51
CA HIS A 579 20.73 -4.81 4.72
C HIS A 579 21.16 -6.25 5.01
N LEU A 580 21.68 -6.48 6.21
CA LEU A 580 22.17 -7.79 6.60
C LEU A 580 21.27 -8.98 6.27
N ALA A 581 19.95 -8.76 6.32
CA ALA A 581 19.01 -9.84 6.04
C ALA A 581 18.50 -9.90 4.60
N ALA A 582 19.07 -9.07 3.73
CA ALA A 582 18.62 -9.02 2.33
C ALA A 582 18.56 -10.37 1.64
N ASN A 583 19.67 -11.09 1.61
CA ASN A 583 19.73 -12.40 0.96
C ASN A 583 18.67 -13.35 1.50
N MET A 584 18.52 -13.37 2.82
CA MET A 584 17.55 -14.27 3.48
C MET A 584 16.13 -13.88 3.14
N GLN A 585 15.88 -12.58 3.11
CA GLN A 585 14.56 -12.06 2.77
C GLN A 585 14.29 -12.35 1.29
N ALA A 586 15.30 -12.17 0.46
CA ALA A 586 15.18 -12.46 -0.95
C ALA A 586 14.99 -13.95 -1.25
N SER A 587 15.37 -14.81 -0.31
CA SER A 587 15.24 -16.26 -0.52
C SER A 587 14.07 -16.90 0.20
N GLY A 588 13.41 -16.16 1.08
CA GLY A 588 12.30 -16.71 1.82
C GLY A 588 12.75 -17.47 3.05
N GLU A 589 13.99 -17.29 3.45
CA GLU A 589 14.49 -17.99 4.62
C GLU A 589 14.42 -17.09 5.84
N ALA A 590 14.34 -15.78 5.63
CA ALA A 590 14.23 -14.88 6.77
C ALA A 590 12.94 -15.31 7.46
N VAL A 591 12.94 -15.34 8.79
CA VAL A 591 11.75 -15.79 9.50
C VAL A 591 10.91 -14.68 10.09
N TYR A 592 9.60 -14.79 9.92
CA TYR A 592 8.66 -13.82 10.48
C TYR A 592 7.76 -14.59 11.43
N CYS A 593 7.35 -13.90 12.48
CA CYS A 593 6.49 -14.48 13.48
C CYS A 593 5.64 -15.66 13.00
N ASP A 594 4.74 -15.47 12.05
CA ASP A 594 3.92 -16.61 11.63
C ASP A 594 4.70 -17.70 10.92
N ASP A 595 5.96 -17.45 10.58
CA ASP A 595 6.74 -18.48 9.90
C ASP A 595 7.25 -19.54 10.90
N ILE A 596 7.47 -19.11 12.15
CA ILE A 596 7.92 -20.01 13.21
C ILE A 596 6.94 -21.18 13.23
N PRO A 597 7.44 -22.42 13.23
CA PRO A 597 6.48 -23.53 13.24
C PRO A 597 5.60 -23.65 14.49
N ARG A 598 4.47 -24.32 14.32
CA ARG A 598 3.51 -24.51 15.41
C ARG A 598 3.88 -25.70 16.27
N TYR A 599 3.70 -25.57 17.58
CA TYR A 599 3.93 -26.70 18.43
C TYR A 599 2.77 -27.61 18.10
N GLU A 600 2.94 -28.92 18.23
CA GLU A 600 1.87 -29.85 17.92
C GLU A 600 0.76 -29.46 18.87
N ASN A 601 1.17 -28.71 19.87
CA ASN A 601 0.37 -28.21 20.95
C ASN A 601 -0.55 -27.04 20.53
N GLU A 602 0.08 -25.93 20.17
CA GLU A 602 -0.54 -24.66 19.76
C GLU A 602 -2.00 -24.58 19.33
N LEU A 603 -2.67 -23.56 19.87
CA LEU A 603 -4.06 -23.29 19.55
C LEU A 603 -4.14 -21.96 18.78
N SER A 604 -5.22 -21.76 18.03
CA SER A 604 -5.43 -20.53 17.27
C SER A 604 -6.45 -19.64 17.96
N LEU A 605 -6.22 -18.33 17.89
CA LEU A 605 -7.15 -17.36 18.47
C LEU A 605 -7.68 -16.38 17.41
N ARG A 606 -8.93 -15.95 17.59
CA ARG A 606 -9.53 -14.97 16.69
C ARG A 606 -10.38 -13.99 17.48
N LEU A 607 -10.03 -12.71 17.36
CA LEU A 607 -10.74 -11.64 18.06
C LEU A 607 -12.20 -11.48 17.61
N VAL A 608 -13.04 -11.00 18.53
CA VAL A 608 -14.45 -10.75 18.23
C VAL A 608 -14.76 -9.28 18.55
N THR A 609 -14.93 -8.49 17.48
CA THR A 609 -15.18 -7.06 17.61
C THR A 609 -16.63 -6.61 17.47
N SER A 610 -16.94 -5.44 18.03
CA SER A 610 -18.28 -4.88 17.96
C SER A 610 -18.62 -4.32 16.59
N THR A 611 -19.92 -4.34 16.29
CA THR A 611 -20.43 -3.83 15.03
C THR A 611 -21.24 -2.53 15.26
N ARG A 612 -21.11 -1.95 16.44
CA ARG A 612 -21.78 -0.71 16.80
C ARG A 612 -20.73 0.29 17.29
N ALA A 613 -20.88 1.55 16.92
CA ALA A 613 -19.92 2.58 17.29
C ALA A 613 -19.99 2.96 18.75
N HIS A 614 -21.15 2.77 19.37
CA HIS A 614 -21.30 3.09 20.77
C HIS A 614 -22.60 2.57 21.32
N ALA A 615 -22.63 1.27 21.57
CA ALA A 615 -23.80 0.63 22.12
C ALA A 615 -23.52 0.13 23.51
N LYS A 616 -24.48 -0.58 24.04
CA LYS A 616 -24.38 -1.13 25.37
C LYS A 616 -24.51 -2.63 25.10
N ILE A 617 -23.58 -3.42 25.63
CA ILE A 617 -23.66 -4.86 25.41
C ILE A 617 -24.68 -5.38 26.39
N THR A 618 -25.74 -5.98 25.88
CA THR A 618 -26.80 -6.46 26.74
C THR A 618 -26.74 -7.97 26.90
N SER A 619 -26.16 -8.66 25.94
CA SER A 619 -26.05 -10.10 26.02
C SER A 619 -25.13 -10.69 24.96
N ILE A 620 -24.28 -11.64 25.37
CA ILE A 620 -23.35 -12.33 24.47
C ILE A 620 -23.82 -13.77 24.37
N ASP A 621 -23.79 -14.37 23.20
CA ASP A 621 -24.28 -15.73 23.05
C ASP A 621 -23.35 -16.64 22.25
N THR A 622 -22.66 -17.54 22.96
CA THR A 622 -21.72 -18.46 22.35
C THR A 622 -22.34 -19.76 21.83
N SER A 623 -23.63 -19.95 22.09
CA SER A 623 -24.35 -21.15 21.64
C SER A 623 -23.79 -21.78 20.37
N GLU A 624 -23.71 -20.98 19.32
CA GLU A 624 -23.23 -21.46 18.02
C GLU A 624 -21.73 -21.71 17.96
N ALA A 625 -20.96 -20.81 18.54
CA ALA A 625 -19.51 -20.95 18.53
C ALA A 625 -19.12 -22.34 19.03
N LYS A 626 -19.81 -22.79 20.08
CA LYS A 626 -19.57 -24.09 20.69
C LYS A 626 -19.80 -25.28 19.76
N LYS A 627 -20.67 -25.13 18.76
CA LYS A 627 -20.94 -26.23 17.84
C LYS A 627 -19.79 -26.41 16.86
N VAL A 628 -18.89 -25.44 16.81
CA VAL A 628 -17.78 -25.51 15.87
C VAL A 628 -16.71 -26.50 16.27
N PRO A 629 -16.40 -27.47 15.39
CA PRO A 629 -15.37 -28.47 15.68
C PRO A 629 -14.07 -27.76 16.06
N GLY A 630 -13.48 -28.16 17.17
CA GLY A 630 -12.23 -27.56 17.61
C GLY A 630 -12.38 -26.39 18.55
N PHE A 631 -13.63 -26.04 18.87
CA PHE A 631 -13.86 -24.91 19.76
C PHE A 631 -13.31 -25.18 21.15
N VAL A 632 -12.43 -24.29 21.62
CA VAL A 632 -11.89 -24.44 22.96
C VAL A 632 -12.68 -23.51 23.89
N CYS A 633 -12.55 -22.20 23.72
CA CYS A 633 -13.31 -21.31 24.58
C CYS A 633 -13.47 -19.88 24.02
N PHE A 634 -14.25 -19.07 24.72
CA PHE A 634 -14.44 -17.69 24.33
C PHE A 634 -14.11 -16.78 25.52
N LEU A 635 -13.02 -16.05 25.40
CA LEU A 635 -12.56 -15.16 26.46
C LEU A 635 -13.25 -13.81 26.45
N THR A 636 -13.67 -13.34 27.63
CA THR A 636 -14.31 -12.04 27.76
C THR A 636 -13.63 -11.32 28.91
N ALA A 637 -14.23 -10.23 29.37
CA ALA A 637 -13.64 -9.45 30.46
C ALA A 637 -13.64 -10.23 31.77
N GLU A 638 -14.54 -11.20 31.89
CA GLU A 638 -14.64 -12.03 33.08
C GLU A 638 -13.33 -12.80 33.26
N ASP A 639 -12.83 -13.35 32.16
CA ASP A 639 -11.62 -14.15 32.16
C ASP A 639 -10.29 -13.44 32.38
N VAL A 640 -10.31 -12.13 32.57
CA VAL A 640 -9.04 -11.45 32.80
C VAL A 640 -8.61 -11.71 34.24
N PRO A 641 -7.40 -12.23 34.44
CA PRO A 641 -6.89 -12.52 35.79
C PRO A 641 -6.81 -11.32 36.72
N ASN A 642 -6.06 -10.30 36.32
CA ASN A 642 -5.89 -9.13 37.15
C ASN A 642 -6.68 -7.91 36.67
N SER A 643 -6.07 -7.09 35.82
CA SER A 643 -6.73 -5.89 35.34
C SER A 643 -7.19 -5.89 33.89
N ASN A 644 -8.31 -5.24 33.65
CA ASN A 644 -8.86 -5.13 32.32
C ASN A 644 -8.58 -3.74 31.76
N ALA A 645 -7.68 -3.01 32.42
CA ALA A 645 -7.31 -1.66 32.02
C ALA A 645 -5.91 -1.59 31.42
N THR A 646 -5.84 -1.44 30.10
CA THR A 646 -4.57 -1.34 29.37
C THR A 646 -4.42 0.01 28.66
N GLY A 647 -3.72 -0.03 27.54
CA GLY A 647 -3.49 1.16 26.75
C GLY A 647 -2.49 2.08 27.40
N LEU A 648 -1.77 2.82 26.56
CA LEU A 648 -0.76 3.76 27.00
C LEU A 648 -1.21 4.79 28.05
N PHE A 649 -2.50 4.86 28.36
CA PHE A 649 -2.99 5.81 29.35
C PHE A 649 -4.08 5.21 30.20
N ASN A 650 -4.15 3.88 30.16
CA ASN A 650 -5.06 3.10 30.96
C ASN A 650 -6.54 3.44 30.81
N ASP A 651 -6.90 3.99 29.66
CA ASP A 651 -8.29 4.34 29.41
C ASP A 651 -8.90 3.28 28.50
N GLU A 652 -8.14 2.25 28.20
CA GLU A 652 -8.63 1.19 27.32
C GLU A 652 -8.88 -0.15 28.03
N THR A 653 -9.79 -0.95 27.49
CA THR A 653 -10.07 -2.25 28.06
C THR A 653 -9.35 -3.35 27.26
N VAL A 654 -9.06 -4.47 27.90
CA VAL A 654 -8.43 -5.59 27.20
C VAL A 654 -9.60 -6.21 26.43
N PHE A 655 -10.74 -6.31 27.09
CA PHE A 655 -11.96 -6.83 26.49
C PHE A 655 -13.11 -5.93 26.94
N ALA A 656 -13.87 -5.44 25.97
CA ALA A 656 -15.00 -4.56 26.28
C ALA A 656 -15.89 -5.14 27.37
N LYS A 657 -16.34 -4.27 28.26
CA LYS A 657 -17.22 -4.67 29.36
C LYS A 657 -18.42 -3.74 29.49
N ASP A 658 -19.61 -4.30 29.29
CA ASP A 658 -20.88 -3.56 29.40
C ASP A 658 -21.23 -2.72 28.17
N GLU A 659 -20.25 -2.00 27.63
CA GLU A 659 -20.48 -1.19 26.44
C GLU A 659 -19.31 -1.15 25.47
N VAL A 660 -19.63 -1.08 24.18
CA VAL A 660 -18.63 -1.00 23.11
C VAL A 660 -18.55 0.49 22.71
N THR A 661 -17.35 1.00 22.46
CA THR A 661 -17.17 2.40 22.12
C THR A 661 -16.54 2.72 20.76
N CYS A 662 -16.78 1.85 19.78
CA CYS A 662 -16.29 2.04 18.43
C CYS A 662 -16.52 0.75 17.70
N VAL A 663 -16.62 0.79 16.38
CA VAL A 663 -16.80 -0.42 15.61
C VAL A 663 -15.39 -0.98 15.49
N GLY A 664 -15.24 -2.26 15.81
CA GLY A 664 -13.94 -2.90 15.77
C GLY A 664 -13.33 -2.97 17.18
N HIS A 665 -14.15 -2.64 18.17
CA HIS A 665 -13.77 -2.69 19.58
C HIS A 665 -13.74 -4.17 19.97
N ILE A 666 -12.67 -4.62 20.61
CA ILE A 666 -12.58 -6.03 20.99
C ILE A 666 -13.46 -6.41 22.17
N ILE A 667 -14.37 -7.35 21.94
CA ILE A 667 -15.28 -7.81 22.98
C ILE A 667 -14.75 -9.07 23.64
N GLY A 668 -14.27 -9.99 22.81
CA GLY A 668 -13.73 -11.24 23.31
C GLY A 668 -12.69 -11.85 22.39
N ALA A 669 -12.45 -13.14 22.56
CA ALA A 669 -11.49 -13.87 21.76
C ALA A 669 -11.90 -15.33 21.70
N VAL A 670 -12.04 -15.87 20.51
CA VAL A 670 -12.40 -17.27 20.37
C VAL A 670 -11.10 -18.06 20.30
N VAL A 671 -11.10 -19.24 20.90
CA VAL A 671 -9.92 -20.08 20.88
C VAL A 671 -10.29 -21.46 20.38
N ALA A 672 -9.56 -21.92 19.37
CA ALA A 672 -9.79 -23.23 18.80
C ALA A 672 -8.49 -23.77 18.27
N ASP A 673 -8.54 -24.97 17.70
CA ASP A 673 -7.34 -25.59 17.16
C ASP A 673 -6.82 -24.82 15.95
N THR A 674 -7.48 -24.98 14.80
CA THR A 674 -7.06 -24.31 13.57
C THR A 674 -7.62 -22.89 13.45
N PRO A 675 -6.96 -22.02 12.66
CA PRO A 675 -7.44 -20.64 12.50
C PRO A 675 -8.82 -20.65 11.83
N GLU A 676 -9.04 -21.62 10.93
CA GLU A 676 -10.32 -21.76 10.24
C GLU A 676 -11.45 -21.95 11.22
N HIS A 677 -11.25 -22.82 12.20
CA HIS A 677 -12.30 -23.08 13.17
C HIS A 677 -12.45 -21.93 14.15
N ALA A 678 -11.38 -21.19 14.38
CA ALA A 678 -11.46 -20.07 15.30
C ALA A 678 -12.38 -19.03 14.67
N GLN A 679 -12.25 -18.83 13.37
CA GLN A 679 -13.06 -17.85 12.67
C GLN A 679 -14.53 -18.25 12.61
N ARG A 680 -14.82 -19.45 12.11
CA ARG A 680 -16.19 -19.90 12.01
C ARG A 680 -16.87 -19.84 13.38
N ALA A 681 -16.08 -20.03 14.44
CA ALA A 681 -16.59 -19.99 15.79
C ALA A 681 -16.89 -18.55 16.19
N ALA A 682 -15.97 -17.64 15.90
CA ALA A 682 -16.18 -16.24 16.25
C ALA A 682 -17.48 -15.73 15.61
N ARG A 683 -17.76 -16.22 14.41
CA ARG A 683 -18.97 -15.85 13.69
C ARG A 683 -20.19 -16.39 14.42
N GLY A 684 -19.96 -17.37 15.29
CA GLY A 684 -21.04 -17.98 16.05
C GLY A 684 -21.28 -17.29 17.38
N VAL A 685 -20.55 -16.21 17.63
CA VAL A 685 -20.70 -15.44 18.85
C VAL A 685 -21.70 -14.29 18.63
N LYS A 686 -22.96 -14.56 18.92
CA LYS A 686 -24.05 -13.60 18.78
C LYS A 686 -24.06 -12.58 19.91
N ILE A 687 -24.19 -11.30 19.55
CA ILE A 687 -24.20 -10.21 20.52
C ILE A 687 -25.47 -9.35 20.35
N THR A 688 -25.97 -8.78 21.45
CA THR A 688 -27.13 -7.91 21.36
C THR A 688 -26.74 -6.59 21.98
N TYR A 689 -27.17 -5.48 21.34
CA TYR A 689 -26.84 -4.14 21.82
C TYR A 689 -28.04 -3.22 22.04
N GLU A 690 -27.75 -2.07 22.63
CA GLU A 690 -28.70 -0.99 22.90
C GLU A 690 -27.85 0.25 22.69
N ASP A 691 -27.90 0.80 21.48
CA ASP A 691 -27.09 1.96 21.10
C ASP A 691 -27.15 3.20 21.97
N LEU A 692 -26.04 3.95 21.94
CA LEU A 692 -25.91 5.17 22.71
C LEU A 692 -25.40 6.31 21.81
N PRO A 693 -25.60 7.56 22.22
CA PRO A 693 -25.15 8.72 21.45
C PRO A 693 -23.70 8.59 21.02
N ALA A 694 -23.47 8.48 19.71
CA ALA A 694 -22.13 8.36 19.17
C ALA A 694 -21.53 9.69 18.72
N ILE A 695 -20.23 9.86 18.93
CA ILE A 695 -19.52 11.06 18.52
C ILE A 695 -18.51 10.65 17.45
N ILE A 696 -18.98 10.49 16.21
CA ILE A 696 -18.15 10.07 15.08
C ILE A 696 -17.11 11.03 14.50
N THR A 697 -17.56 12.20 14.03
CA THR A 697 -16.68 13.16 13.37
C THR A 697 -16.00 14.20 14.25
N ILE A 698 -15.00 14.86 13.67
CA ILE A 698 -14.30 15.91 14.39
C ILE A 698 -15.33 16.94 14.80
N GLN A 699 -16.27 17.19 13.90
CA GLN A 699 -17.34 18.14 14.14
C GLN A 699 -18.19 17.65 15.29
N ASP A 700 -18.73 16.43 15.17
CA ASP A 700 -19.54 15.85 16.23
C ASP A 700 -18.86 16.13 17.56
N ALA A 701 -17.55 15.93 17.60
CA ALA A 701 -16.77 16.13 18.81
C ALA A 701 -16.78 17.57 19.26
N ILE A 702 -16.52 18.49 18.34
CA ILE A 702 -16.49 19.90 18.70
C ILE A 702 -17.84 20.33 19.26
N ASN A 703 -18.91 19.86 18.64
CA ASN A 703 -20.25 20.21 19.07
C ASN A 703 -20.59 19.61 20.41
N ASN A 704 -19.91 18.53 20.77
CA ASN A 704 -20.16 17.87 22.05
C ASN A 704 -19.09 18.15 23.09
N ASN A 705 -18.10 18.96 22.73
CA ASN A 705 -17.03 19.26 23.66
C ASN A 705 -16.43 17.94 24.17
N SER A 706 -16.18 17.02 23.24
CA SER A 706 -15.60 15.72 23.55
C SER A 706 -14.13 15.66 23.13
N PHE A 707 -13.24 15.94 24.06
CA PHE A 707 -11.81 15.94 23.76
C PHE A 707 -10.98 15.09 24.74
N TYR A 708 -9.68 15.03 24.46
CA TYR A 708 -8.74 14.31 25.31
C TYR A 708 -7.89 15.35 26.00
N GLY A 709 -8.38 15.84 27.14
CA GLY A 709 -7.65 16.84 27.89
C GLY A 709 -7.91 18.26 27.46
N SER A 710 -7.14 19.18 28.01
CA SER A 710 -7.29 20.59 27.67
C SER A 710 -6.62 20.79 26.32
N GLU A 711 -6.69 22.01 25.79
CA GLU A 711 -6.08 22.28 24.50
C GLU A 711 -4.62 22.68 24.66
N ILE A 712 -3.80 22.22 23.73
CA ILE A 712 -2.39 22.53 23.74
C ILE A 712 -2.24 23.83 22.98
N LYS A 713 -1.31 24.68 23.41
CA LYS A 713 -1.12 25.96 22.74
C LYS A 713 0.28 26.53 22.82
N ILE A 714 0.71 27.11 21.71
CA ILE A 714 2.02 27.76 21.61
C ILE A 714 1.78 29.13 20.97
N GLU A 715 2.38 30.17 21.55
CA GLU A 715 2.22 31.52 21.02
C GLU A 715 3.41 32.42 21.31
N LYS A 716 3.89 33.08 20.27
CA LYS A 716 5.03 33.98 20.37
C LYS A 716 4.61 35.29 19.68
N GLY A 717 4.98 36.43 20.27
CA GLY A 717 4.64 37.72 19.68
C GLY A 717 3.28 38.30 20.03
N ASP A 718 2.78 39.18 19.16
CA ASP A 718 1.50 39.85 19.34
C ASP A 718 0.60 39.66 18.11
N LEU A 719 -0.49 38.92 18.26
CA LEU A 719 -1.37 38.70 17.13
C LEU A 719 -2.11 39.91 16.59
N LYS A 720 -2.86 40.60 17.45
CA LYS A 720 -3.60 41.78 17.01
C LYS A 720 -2.70 42.75 16.26
N LYS A 721 -1.58 43.09 16.87
CA LYS A 721 -0.62 44.00 16.27
C LYS A 721 -0.15 43.48 14.92
N GLY A 722 0.16 42.20 14.86
CA GLY A 722 0.63 41.62 13.61
C GLY A 722 -0.41 41.65 12.50
N PHE A 723 -1.67 41.49 12.87
CA PHE A 723 -2.74 41.51 11.89
C PHE A 723 -3.03 42.93 11.40
N SER A 724 -2.86 43.91 12.29
CA SER A 724 -3.10 45.30 11.94
C SER A 724 -2.19 45.77 10.82
N GLU A 725 -0.95 45.28 10.83
CA GLU A 725 0.01 45.68 9.81
C GLU A 725 -0.12 44.81 8.57
N ALA A 726 -1.16 43.98 8.55
CA ALA A 726 -1.36 43.08 7.43
C ALA A 726 -2.06 43.67 6.21
N ASP A 727 -1.34 43.76 5.09
CA ASP A 727 -1.93 44.25 3.86
C ASP A 727 -3.03 43.27 3.51
N ASN A 728 -2.71 41.99 3.63
CA ASN A 728 -3.63 40.90 3.33
C ASN A 728 -3.95 40.07 4.58
N VAL A 729 -5.04 39.32 4.51
CA VAL A 729 -5.49 38.46 5.60
C VAL A 729 -6.39 37.39 5.01
N VAL A 730 -5.86 36.17 4.87
CA VAL A 730 -6.63 35.07 4.32
C VAL A 730 -7.09 34.08 5.40
N SER A 731 -8.31 33.57 5.25
CA SER A 731 -8.87 32.60 6.18
C SER A 731 -9.16 31.36 5.37
N GLY A 732 -9.22 30.20 6.05
CA GLY A 732 -9.49 28.96 5.36
C GLY A 732 -9.50 27.74 6.26
N GLU A 733 -9.96 26.61 5.72
CA GLU A 733 -10.03 25.37 6.47
C GLU A 733 -9.49 24.21 5.66
N LEU A 734 -8.38 23.63 6.10
CA LEU A 734 -7.81 22.48 5.40
C LEU A 734 -8.15 21.21 6.16
N TYR A 735 -8.47 20.14 5.44
CA TYR A 735 -8.78 18.87 6.07
C TYR A 735 -7.85 17.83 5.53
N ILE A 736 -7.16 17.13 6.43
CA ILE A 736 -6.21 16.10 6.02
C ILE A 736 -6.71 14.71 6.37
N GLY A 737 -6.87 13.88 5.34
CA GLY A 737 -7.34 12.53 5.56
C GLY A 737 -6.39 11.73 6.41
N GLY A 738 -6.86 10.60 6.92
CA GLY A 738 -6.02 9.75 7.74
C GLY A 738 -5.07 8.95 6.86
N GLN A 739 -4.79 7.72 7.26
CA GLN A 739 -3.89 6.84 6.53
C GLN A 739 -3.61 5.57 7.30
N GLU A 740 -3.76 4.43 6.60
CA GLU A 740 -3.49 3.12 7.16
C GLU A 740 -2.03 2.78 6.86
N HIS A 741 -1.30 2.30 7.86
CA HIS A 741 0.11 1.98 7.71
C HIS A 741 0.38 0.99 6.60
N PHE A 742 -0.45 -0.02 6.53
CA PHE A 742 -0.31 -1.08 5.54
C PHE A 742 1.08 -1.75 5.53
N TYR A 743 1.56 -2.14 6.71
CA TYR A 743 2.83 -2.88 6.82
C TYR A 743 2.40 -4.16 6.13
N LEU A 744 3.22 -4.70 5.24
CA LEU A 744 2.77 -5.89 4.55
C LEU A 744 2.45 -7.02 5.50
N GLU A 745 3.24 -7.14 6.57
CA GLU A 745 2.97 -8.16 7.56
C GLU A 745 2.04 -7.55 8.60
N THR A 746 0.83 -8.08 8.71
CA THR A 746 -0.11 -7.56 9.70
C THR A 746 0.39 -7.85 11.10
N ASN A 747 -0.46 -7.62 12.09
CA ASN A 747 -0.12 -7.85 13.48
C ASN A 747 -0.13 -9.33 13.83
N CYS A 748 0.89 -9.76 14.55
CA CYS A 748 1.04 -11.15 14.90
C CYS A 748 1.72 -11.39 16.24
N THR A 749 1.12 -12.27 17.02
CA THR A 749 1.69 -12.64 18.31
C THR A 749 1.56 -14.13 18.59
N ILE A 750 2.63 -14.68 19.16
CA ILE A 750 2.69 -16.08 19.58
C ILE A 750 3.07 -16.05 21.05
N ALA A 751 2.18 -16.57 21.88
CA ALA A 751 2.44 -16.64 23.31
C ALA A 751 2.68 -18.09 23.72
N VAL A 752 3.83 -18.36 24.33
CA VAL A 752 4.13 -19.71 24.78
C VAL A 752 4.24 -19.71 26.30
N PRO A 753 3.27 -20.36 26.98
CA PRO A 753 3.26 -20.43 28.44
C PRO A 753 4.31 -21.44 28.94
N LYS A 754 5.09 -21.04 29.92
CA LYS A 754 6.15 -21.90 30.44
C LYS A 754 5.75 -22.92 31.52
N GLY A 755 4.51 -22.86 31.99
CA GLY A 755 4.02 -23.79 32.98
C GLY A 755 4.35 -23.51 34.44
N GLU A 756 5.36 -22.68 34.67
CA GLU A 756 5.78 -22.41 36.04
C GLU A 756 6.16 -20.97 36.35
N ALA A 757 5.68 -20.49 37.50
CA ALA A 757 5.97 -19.14 37.96
C ALA A 757 5.30 -18.04 37.14
N GLY A 758 4.33 -18.42 36.31
CA GLY A 758 3.66 -17.43 35.48
C GLY A 758 4.58 -16.97 34.38
N GLU A 759 5.55 -17.80 34.06
CA GLU A 759 6.53 -17.49 33.02
C GLU A 759 5.92 -17.62 31.64
N MET A 760 6.20 -16.64 30.78
CA MET A 760 5.67 -16.66 29.42
C MET A 760 6.59 -15.99 28.42
N GLU A 761 6.80 -16.66 27.30
CA GLU A 761 7.63 -16.09 26.25
C GLU A 761 6.67 -15.73 25.11
N LEU A 762 6.84 -14.51 24.58
CA LEU A 762 5.99 -14.06 23.46
C LEU A 762 6.84 -13.66 22.28
N PHE A 763 6.45 -14.19 21.12
CA PHE A 763 7.11 -13.85 19.86
C PHE A 763 6.17 -12.84 19.20
N VAL A 764 6.58 -11.58 19.22
CA VAL A 764 5.73 -10.53 18.70
C VAL A 764 6.29 -9.62 17.62
N SER A 765 5.39 -9.21 16.72
CA SER A 765 5.71 -8.27 15.65
C SER A 765 5.36 -6.89 16.25
N THR A 766 6.34 -6.25 16.90
CA THR A 766 6.14 -4.97 17.57
C THR A 766 7.41 -4.15 17.52
N GLN A 767 7.26 -2.87 17.85
CA GLN A 767 8.36 -1.92 17.88
C GLN A 767 8.45 -1.50 19.34
N ASN A 768 7.64 -2.17 20.16
CA ASN A 768 7.59 -1.85 21.58
C ASN A 768 7.50 -3.10 22.48
N THR A 769 8.67 -3.67 22.80
CA THR A 769 8.75 -4.84 23.65
C THR A 769 8.38 -4.47 25.09
N MET A 770 8.94 -3.37 25.58
CA MET A 770 8.65 -2.93 26.94
C MET A 770 7.18 -2.86 27.32
N LYS A 771 6.37 -2.18 26.51
CA LYS A 771 4.95 -2.06 26.82
C LYS A 771 4.19 -3.32 26.50
N THR A 772 4.69 -4.13 25.57
CA THR A 772 4.00 -5.37 25.25
C THR A 772 4.10 -6.24 26.50
N GLN A 773 5.28 -6.21 27.10
CA GLN A 773 5.57 -6.96 28.31
C GLN A 773 4.75 -6.42 29.48
N SER A 774 4.86 -5.12 29.74
CA SER A 774 4.11 -4.50 30.84
C SER A 774 2.61 -4.72 30.76
N PHE A 775 2.08 -4.71 29.54
CA PHE A 775 0.65 -4.89 29.39
C PHE A 775 0.25 -6.33 29.65
N VAL A 776 1.08 -7.27 29.24
CA VAL A 776 0.74 -8.68 29.50
C VAL A 776 0.88 -8.97 31.01
N ALA A 777 1.88 -8.35 31.63
CA ALA A 777 2.09 -8.52 33.05
C ALA A 777 0.89 -7.99 33.81
N LYS A 778 0.59 -6.69 33.64
CA LYS A 778 -0.54 -6.07 34.33
C LYS A 778 -1.84 -6.83 34.09
N MET A 779 -1.99 -7.37 32.90
CA MET A 779 -3.18 -8.11 32.55
C MET A 779 -3.28 -9.45 33.30
N LEU A 780 -2.13 -10.13 33.46
CA LEU A 780 -2.08 -11.42 34.13
C LEU A 780 -2.00 -11.34 35.65
N GLY A 781 -1.21 -10.39 36.15
CA GLY A 781 -1.06 -10.24 37.58
C GLY A 781 0.27 -10.80 38.04
N VAL A 782 1.23 -10.89 37.12
CA VAL A 782 2.55 -11.39 37.44
C VAL A 782 3.55 -10.27 37.21
N PRO A 783 4.72 -10.31 37.86
CA PRO A 783 5.70 -9.24 37.66
C PRO A 783 6.27 -9.31 36.24
N ASP A 784 7.00 -8.28 35.83
CA ASP A 784 7.57 -8.28 34.48
C ASP A 784 8.63 -9.39 34.44
N ASN A 785 9.07 -9.77 35.64
CA ASN A 785 10.06 -10.82 35.86
C ASN A 785 9.78 -12.04 34.99
N ARG A 786 8.51 -12.42 34.99
CA ARG A 786 8.03 -13.62 34.31
C ARG A 786 7.73 -13.50 32.83
N ILE A 787 7.74 -12.29 32.29
CA ILE A 787 7.39 -12.14 30.88
C ILE A 787 8.52 -11.72 29.97
N VAL A 788 8.72 -12.49 28.91
CA VAL A 788 9.74 -12.15 27.95
C VAL A 788 9.11 -11.96 26.58
N VAL A 789 9.49 -10.87 25.92
CA VAL A 789 8.98 -10.56 24.61
C VAL A 789 10.15 -10.59 23.65
N ARG A 790 9.99 -11.37 22.58
CA ARG A 790 11.05 -11.50 21.58
C ARG A 790 10.64 -11.03 20.18
N VAL A 791 11.46 -10.15 19.60
CA VAL A 791 11.20 -9.66 18.26
C VAL A 791 12.42 -9.89 17.39
N LYS A 792 12.29 -10.75 16.39
CA LYS A 792 13.42 -10.98 15.50
C LYS A 792 13.41 -9.87 14.44
N ARG A 793 12.26 -9.68 13.81
CA ARG A 793 12.07 -8.65 12.80
C ARG A 793 10.57 -8.45 12.51
N MET A 794 10.25 -7.29 11.94
CA MET A 794 8.87 -6.97 11.58
C MET A 794 8.82 -6.74 10.09
N GLY A 795 7.69 -7.10 9.47
CA GLY A 795 7.51 -6.84 8.06
C GLY A 795 6.85 -5.46 7.99
N GLY A 796 7.59 -4.44 8.40
CA GLY A 796 7.09 -3.08 8.41
C GLY A 796 6.35 -2.74 9.70
N GLY A 797 6.37 -1.46 10.09
CA GLY A 797 5.68 -1.04 11.30
C GLY A 797 5.22 0.41 11.25
N PHE A 798 6.15 1.29 10.90
CA PHE A 798 5.92 2.73 10.76
C PHE A 798 5.03 3.35 11.83
N GLY A 799 5.15 2.89 13.06
CA GLY A 799 4.36 3.44 14.15
C GLY A 799 3.06 2.72 14.42
N GLY A 800 2.65 1.86 13.49
CA GLY A 800 1.40 1.14 13.67
C GLY A 800 1.51 0.02 14.68
N LYS A 801 2.75 -0.35 14.97
CA LYS A 801 3.05 -1.41 15.91
C LYS A 801 3.85 -0.82 17.06
N GLU A 802 3.69 0.47 17.30
CA GLU A 802 4.39 1.11 18.42
C GLU A 802 3.61 0.88 19.72
N THR A 803 2.30 0.58 19.61
CA THR A 803 1.49 0.33 20.80
C THR A 803 0.20 -0.43 20.51
N ARG A 804 -0.17 -0.55 19.25
CA ARG A 804 -1.45 -1.19 18.94
C ARG A 804 -1.36 -2.68 18.77
N SER A 805 -0.13 -3.16 18.68
CA SER A 805 0.13 -4.58 18.54
C SER A 805 -0.31 -5.23 19.86
N THR A 806 -0.04 -4.56 20.97
CA THR A 806 -0.41 -5.10 22.27
C THR A 806 -1.87 -5.49 22.39
N VAL A 807 -2.72 -4.89 21.58
CA VAL A 807 -4.14 -5.24 21.67
C VAL A 807 -4.31 -6.70 21.27
N VAL A 808 -3.33 -7.21 20.53
CA VAL A 808 -3.35 -8.60 20.07
C VAL A 808 -2.54 -9.43 21.06
N SER A 809 -1.36 -8.92 21.39
CA SER A 809 -0.46 -9.56 22.33
C SER A 809 -1.23 -10.07 23.54
N THR A 810 -1.81 -9.14 24.31
CA THR A 810 -2.56 -9.49 25.51
C THR A 810 -3.63 -10.54 25.29
N ALA A 811 -4.40 -10.45 24.21
CA ALA A 811 -5.44 -11.45 23.99
C ALA A 811 -4.84 -12.85 23.99
N LEU A 812 -3.74 -13.02 23.25
CA LEU A 812 -3.06 -14.31 23.17
C LEU A 812 -2.48 -14.73 24.51
N ALA A 813 -1.82 -13.80 25.18
CA ALA A 813 -1.25 -14.08 26.47
C ALA A 813 -2.32 -14.74 27.34
N LEU A 814 -3.53 -14.20 27.31
CA LEU A 814 -4.59 -14.77 28.11
C LEU A 814 -5.03 -16.13 27.58
N ALA A 815 -4.85 -16.38 26.30
CA ALA A 815 -5.25 -17.68 25.77
C ALA A 815 -4.23 -18.70 26.27
N ALA A 816 -2.96 -18.32 26.25
CA ALA A 816 -1.88 -19.19 26.71
C ALA A 816 -2.10 -19.45 28.20
N HIS A 817 -2.05 -18.39 28.99
CA HIS A 817 -2.25 -18.51 30.43
C HIS A 817 -3.48 -19.29 30.87
N LYS A 818 -4.46 -19.49 30.00
CA LYS A 818 -5.66 -20.20 30.44
C LYS A 818 -5.72 -21.63 29.93
N THR A 819 -4.97 -21.90 28.87
CA THR A 819 -4.98 -23.25 28.32
C THR A 819 -3.71 -23.99 28.68
N GLY A 820 -2.64 -23.24 28.96
CA GLY A 820 -1.37 -23.84 29.26
C GLY A 820 -0.66 -24.19 27.96
N ARG A 821 -1.41 -24.20 26.87
CA ARG A 821 -0.88 -24.49 25.55
C ARG A 821 -0.42 -23.21 24.84
N PRO A 822 0.45 -23.33 23.84
CA PRO A 822 0.91 -22.14 23.11
C PRO A 822 -0.22 -21.61 22.21
N VAL A 823 -0.42 -20.30 22.20
CA VAL A 823 -1.47 -19.72 21.38
C VAL A 823 -0.92 -18.69 20.41
N ARG A 824 -1.50 -18.65 19.22
CA ARG A 824 -1.04 -17.74 18.18
C ARG A 824 -2.13 -17.00 17.43
N CYS A 825 -1.81 -15.76 17.05
CA CYS A 825 -2.75 -14.94 16.29
C CYS A 825 -2.11 -14.05 15.24
N MET A 826 -2.50 -14.26 13.99
CA MET A 826 -2.02 -13.46 12.87
C MET A 826 -3.29 -12.78 12.36
N LEU A 827 -3.34 -11.44 12.48
CA LEU A 827 -4.53 -10.71 12.03
C LEU A 827 -4.69 -10.66 10.50
N ASP A 828 -5.92 -10.87 10.03
CA ASP A 828 -6.18 -10.75 8.61
C ASP A 828 -6.14 -9.24 8.31
N ARG A 829 -6.02 -8.85 7.04
CA ARG A 829 -5.97 -7.42 6.70
C ARG A 829 -7.21 -6.64 7.16
N ASP A 830 -8.39 -7.15 6.85
CA ASP A 830 -9.60 -6.46 7.24
C ASP A 830 -9.68 -6.25 8.73
N GLU A 831 -9.15 -7.18 9.52
CA GLU A 831 -9.20 -7.03 10.98
C GLU A 831 -8.13 -6.03 11.41
N ASP A 832 -6.96 -6.12 10.81
CA ASP A 832 -5.87 -5.22 11.19
C ASP A 832 -6.28 -3.78 10.92
N MET A 833 -6.74 -3.52 9.69
CA MET A 833 -7.16 -2.17 9.29
C MET A 833 -8.31 -1.64 10.14
N LEU A 834 -9.29 -2.51 10.38
CA LEU A 834 -10.43 -2.13 11.19
C LEU A 834 -10.04 -1.82 12.63
N ILE A 835 -9.29 -2.74 13.22
CA ILE A 835 -8.88 -2.67 14.61
C ILE A 835 -7.73 -1.74 15.00
N THR A 836 -6.59 -1.88 14.34
CA THR A 836 -5.40 -1.15 14.72
C THR A 836 -5.32 0.35 14.59
N GLY A 837 -6.34 0.96 13.98
CA GLY A 837 -6.34 2.42 13.83
C GLY A 837 -5.28 2.85 12.82
N GLY A 838 -4.82 4.10 12.94
CA GLY A 838 -3.83 4.59 12.00
C GLY A 838 -3.52 6.06 12.20
N ARG A 839 -3.10 6.74 11.14
CA ARG A 839 -2.75 8.16 11.25
C ARG A 839 -3.95 9.04 11.59
N HIS A 840 -3.64 10.18 12.21
CA HIS A 840 -4.67 11.14 12.62
C HIS A 840 -5.20 12.11 11.58
N PRO A 841 -6.54 12.12 11.36
CA PRO A 841 -7.15 13.04 10.39
C PRO A 841 -7.07 14.42 11.06
N PHE A 842 -6.84 15.46 10.25
CA PHE A 842 -6.73 16.81 10.80
C PHE A 842 -7.67 17.84 10.19
N LEU A 843 -8.04 18.82 10.99
CA LEU A 843 -8.88 19.92 10.56
C LEU A 843 -8.23 21.20 11.05
N ALA A 844 -7.78 22.02 10.11
CA ALA A 844 -7.14 23.27 10.47
C ALA A 844 -8.04 24.44 10.12
N LYS A 845 -7.96 25.49 10.95
CA LYS A 845 -8.73 26.70 10.75
C LYS A 845 -7.68 27.80 10.92
N TYR A 846 -7.12 28.21 9.80
CA TYR A 846 -6.07 29.22 9.81
C TYR A 846 -6.51 30.60 9.34
N LYS A 847 -5.65 31.57 9.62
CA LYS A 847 -5.85 32.96 9.26
C LYS A 847 -4.45 33.55 9.26
N VAL A 848 -3.88 33.69 8.07
CA VAL A 848 -2.54 34.26 7.94
C VAL A 848 -2.59 35.73 7.55
N GLY A 849 -1.66 36.50 8.09
CA GLY A 849 -1.58 37.91 7.78
C GLY A 849 -0.25 38.17 7.13
N PHE A 850 -0.26 38.83 5.96
CA PHE A 850 0.98 39.09 5.23
C PHE A 850 0.98 40.37 4.39
N MET A 851 2.17 40.78 3.98
CA MET A 851 2.38 41.97 3.16
C MET A 851 2.40 41.63 1.67
N LYS A 852 2.27 42.66 0.84
CA LYS A 852 2.28 42.50 -0.62
C LYS A 852 3.60 41.87 -1.04
N THR A 853 4.66 42.18 -0.31
CA THR A 853 5.99 41.66 -0.59
C THR A 853 6.12 40.15 -0.43
N GLY A 854 5.10 39.52 0.16
CA GLY A 854 5.14 38.09 0.38
C GLY A 854 5.30 37.80 1.87
N THR A 855 6.16 38.57 2.52
CA THR A 855 6.43 38.47 3.95
C THR A 855 5.18 38.25 4.79
N VAL A 856 5.21 37.20 5.62
CA VAL A 856 4.08 36.88 6.48
C VAL A 856 4.37 37.51 7.85
N VAL A 857 3.35 38.06 8.48
CA VAL A 857 3.56 38.75 9.76
C VAL A 857 2.62 38.29 10.85
N ALA A 858 1.72 37.37 10.54
CA ALA A 858 0.80 36.88 11.55
C ALA A 858 0.20 35.55 11.12
N LEU A 859 0.13 34.62 12.07
CA LEU A 859 -0.43 33.31 11.80
C LEU A 859 -1.23 32.87 13.00
N GLU A 860 -2.27 32.10 12.73
CA GLU A 860 -3.12 31.62 13.79
C GLU A 860 -3.85 30.39 13.29
N VAL A 861 -3.42 29.22 13.76
CA VAL A 861 -4.02 27.95 13.34
C VAL A 861 -4.65 27.23 14.51
N ALA A 862 -5.79 26.59 14.27
CA ALA A 862 -6.49 25.84 15.29
C ALA A 862 -6.65 24.43 14.73
N HIS A 863 -5.84 23.49 15.23
CA HIS A 863 -5.92 22.12 14.73
C HIS A 863 -6.91 21.29 15.54
N PHE A 864 -7.47 20.29 14.88
CA PHE A 864 -8.41 19.37 15.49
C PHE A 864 -8.14 17.99 14.92
N SER A 865 -7.56 17.11 15.71
CA SER A 865 -7.28 15.74 15.25
C SER A 865 -8.37 14.82 15.77
N ASN A 866 -8.77 13.84 14.96
CA ASN A 866 -9.77 12.90 15.42
C ASN A 866 -9.00 11.75 16.09
N GLY A 867 -8.98 11.76 17.43
CA GLY A 867 -8.26 10.76 18.21
C GLY A 867 -8.81 9.34 18.23
N GLY A 868 -10.12 9.21 18.40
CA GLY A 868 -10.69 7.89 18.41
C GLY A 868 -11.04 7.39 19.79
N ASN A 869 -11.21 6.07 19.85
CA ASN A 869 -11.58 5.31 21.04
C ASN A 869 -10.71 5.42 22.31
N THR A 870 -9.42 5.70 22.14
CA THR A 870 -8.49 5.74 23.25
C THR A 870 -7.54 6.93 23.09
N GLU A 871 -7.04 7.47 24.20
CA GLU A 871 -6.11 8.59 24.09
C GLU A 871 -4.90 8.15 23.30
N ASP A 872 -4.26 7.09 23.77
CA ASP A 872 -3.07 6.56 23.14
C ASP A 872 -2.03 7.66 23.04
N LEU A 873 -1.40 7.79 21.89
CA LEU A 873 -0.36 8.80 21.67
C LEU A 873 -0.89 10.11 21.05
N SER A 874 -2.20 10.17 20.82
CA SER A 874 -2.85 11.33 20.21
C SER A 874 -2.30 12.68 20.66
N ARG A 875 -2.47 12.97 21.93
CA ARG A 875 -2.00 14.23 22.50
C ARG A 875 -0.52 14.51 22.27
N SER A 876 0.27 13.48 22.04
CA SER A 876 1.69 13.73 21.82
C SER A 876 1.91 14.00 20.33
N ILE A 877 0.99 13.49 19.52
CA ILE A 877 1.04 13.70 18.08
C ILE A 877 0.70 15.16 17.82
N MET A 878 -0.32 15.65 18.52
CA MET A 878 -0.76 17.03 18.39
C MET A 878 0.32 17.98 18.86
N GLU A 879 1.16 17.54 19.79
CA GLU A 879 2.23 18.40 20.27
C GLU A 879 3.28 18.47 19.19
N ARG A 880 3.45 17.39 18.42
CA ARG A 880 4.45 17.39 17.36
C ARG A 880 3.98 18.30 16.22
N ALA A 881 2.68 18.27 15.94
CA ALA A 881 2.10 19.10 14.90
C ALA A 881 2.45 20.56 15.24
N LEU A 882 1.96 21.03 16.38
CA LEU A 882 2.23 22.40 16.78
C LEU A 882 3.71 22.74 16.67
N PHE A 883 4.58 21.78 16.96
CA PHE A 883 6.03 22.03 16.90
C PHE A 883 6.52 22.27 15.48
N HIS A 884 5.66 21.99 14.49
CA HIS A 884 6.02 22.17 13.10
C HIS A 884 4.96 22.86 12.23
N MET A 885 4.18 23.75 12.84
CA MET A 885 3.14 24.47 12.11
C MET A 885 3.83 25.59 11.37
N ASP A 886 5.08 25.86 11.76
CA ASP A 886 5.91 26.90 11.18
C ASP A 886 6.75 26.35 10.03
N ASN A 887 6.68 25.05 9.80
CA ASN A 887 7.51 24.39 8.80
C ASN A 887 8.88 25.05 8.76
N ALA A 888 9.25 25.70 7.66
CA ALA A 888 10.56 26.32 7.54
C ALA A 888 10.57 27.85 7.67
N TYR A 889 9.51 28.43 8.25
CA TYR A 889 9.45 29.88 8.28
C TYR A 889 9.34 30.64 9.60
N LYS A 890 10.15 31.70 9.70
CA LYS A 890 10.16 32.58 10.86
C LYS A 890 8.86 33.40 10.81
N ILE A 891 8.07 33.35 11.87
CA ILE A 891 6.81 34.08 11.91
C ILE A 891 6.65 34.81 13.24
N PRO A 892 7.16 36.05 13.31
CA PRO A 892 7.10 36.90 14.52
C PRO A 892 5.85 36.85 15.37
N ASN A 893 4.68 36.77 14.75
CA ASN A 893 3.46 36.72 15.54
C ASN A 893 2.65 35.52 15.13
N ILE A 894 2.75 34.48 15.95
CA ILE A 894 2.08 33.21 15.70
C ILE A 894 1.41 32.67 16.94
N ARG A 895 0.40 31.86 16.72
CA ARG A 895 -0.36 31.26 17.79
C ARG A 895 -1.10 30.07 17.20
N GLY A 896 -0.71 28.88 17.63
CA GLY A 896 -1.36 27.70 17.13
C GLY A 896 -1.94 26.98 18.33
N THR A 897 -3.02 26.25 18.12
CA THR A 897 -3.63 25.50 19.21
C THR A 897 -4.05 24.14 18.68
N GLY A 898 -4.17 23.19 19.60
CA GLY A 898 -4.57 21.85 19.22
C GLY A 898 -5.59 21.25 20.15
N ARG A 899 -6.45 20.43 19.60
CA ARG A 899 -7.47 19.76 20.36
C ARG A 899 -7.56 18.37 19.79
N ILE A 900 -7.61 17.37 20.66
CA ILE A 900 -7.69 15.98 20.22
C ILE A 900 -9.12 15.54 20.47
N CYS A 901 -9.78 15.08 19.43
CA CYS A 901 -11.16 14.67 19.57
C CYS A 901 -11.35 13.26 20.08
N LYS A 902 -12.20 13.14 21.09
CA LYS A 902 -12.52 11.88 21.72
C LYS A 902 -13.73 11.41 20.94
N THR A 903 -13.51 10.51 19.99
CA THR A 903 -14.60 10.03 19.16
C THR A 903 -14.83 8.52 19.21
N ASN A 904 -16.02 8.09 18.82
CA ASN A 904 -16.35 6.69 18.80
C ASN A 904 -15.87 5.99 17.55
N LEU A 905 -14.55 6.02 17.37
CA LEU A 905 -13.90 5.36 16.22
C LEU A 905 -12.66 4.59 16.66
N PRO A 906 -12.18 3.67 15.81
CA PRO A 906 -10.98 2.95 16.24
C PRO A 906 -9.91 3.97 16.58
N SER A 907 -9.39 3.89 17.80
CA SER A 907 -8.36 4.81 18.25
C SER A 907 -7.18 4.87 17.26
N ASN A 908 -6.69 6.07 16.96
CA ASN A 908 -5.58 6.25 16.02
C ASN A 908 -4.29 6.44 16.80
N THR A 909 -3.16 6.15 16.15
CA THR A 909 -1.83 6.22 16.75
C THR A 909 -0.74 6.89 15.94
N ALA A 910 0.48 6.42 16.18
CA ALA A 910 1.65 6.92 15.50
C ALA A 910 1.70 6.42 14.07
N PHE A 911 2.31 7.24 13.22
CA PHE A 911 2.47 6.96 11.80
C PHE A 911 3.60 7.85 11.34
N ARG A 912 4.61 7.24 10.72
CA ARG A 912 5.78 7.92 10.24
C ARG A 912 5.47 9.40 10.06
N GLY A 913 6.03 10.23 10.93
CA GLY A 913 5.79 11.65 10.88
C GLY A 913 5.26 12.11 12.23
N PHE A 914 4.39 11.28 12.81
CA PHE A 914 3.83 11.56 14.13
C PHE A 914 3.31 12.99 14.22
N GLY A 915 2.28 13.29 13.43
CA GLY A 915 1.69 14.62 13.41
C GLY A 915 2.48 15.70 12.69
N GLY A 916 3.78 15.49 12.49
CA GLY A 916 4.60 16.46 11.81
C GLY A 916 4.13 16.84 10.40
N PRO A 917 3.73 15.86 9.57
CA PRO A 917 3.27 16.16 8.21
C PRO A 917 1.98 16.98 8.21
N GLN A 918 1.00 16.56 9.02
CA GLN A 918 -0.26 17.29 9.11
C GLN A 918 0.02 18.75 9.42
N GLY A 919 0.86 18.99 10.41
CA GLY A 919 1.18 20.34 10.79
C GLY A 919 1.93 21.09 9.72
N MET A 920 2.71 20.39 8.91
CA MET A 920 3.45 21.06 7.86
C MET A 920 2.64 21.26 6.58
N LEU A 921 1.73 20.34 6.28
CA LEU A 921 0.90 20.48 5.08
C LEU A 921 0.04 21.73 5.23
N ILE A 922 -0.45 21.96 6.44
CA ILE A 922 -1.26 23.13 6.72
C ILE A 922 -0.39 24.36 6.51
N ALA A 923 0.82 24.32 7.05
CA ALA A 923 1.72 25.46 6.91
C ALA A 923 1.93 25.79 5.44
N GLU A 924 2.32 24.79 4.66
CA GLU A 924 2.56 24.99 3.24
C GLU A 924 1.30 25.29 2.43
N TYR A 925 0.12 25.13 3.04
CA TYR A 925 -1.12 25.41 2.33
C TYR A 925 -1.33 26.92 2.31
N TRP A 926 -1.49 27.52 3.48
CA TRP A 926 -1.67 28.96 3.52
C TRP A 926 -0.47 29.63 2.87
N MET A 927 0.69 28.99 2.96
CA MET A 927 1.87 29.59 2.35
C MET A 927 1.65 29.70 0.85
N SER A 928 1.11 28.64 0.24
CA SER A 928 0.88 28.67 -1.21
C SER A 928 -0.11 29.78 -1.54
N GLU A 929 -1.16 29.92 -0.72
CA GLU A 929 -2.16 30.96 -0.94
C GLU A 929 -1.61 32.34 -0.69
N VAL A 930 -0.46 32.43 -0.01
CA VAL A 930 0.14 33.72 0.22
C VAL A 930 0.80 34.09 -1.09
N ALA A 931 1.52 33.13 -1.67
CA ALA A 931 2.20 33.36 -2.93
C ALA A 931 1.19 33.79 -4.02
N ILE A 932 0.08 33.08 -4.11
CA ILE A 932 -0.93 33.40 -5.10
C ILE A 932 -1.49 34.80 -4.92
N THR A 933 -2.06 35.05 -3.74
CA THR A 933 -2.61 36.36 -3.44
C THR A 933 -1.62 37.49 -3.74
N CYS A 934 -0.34 37.26 -3.44
CA CYS A 934 0.68 38.27 -3.69
C CYS A 934 1.14 38.31 -5.13
N GLY A 935 0.75 37.30 -5.91
CA GLY A 935 1.13 37.25 -7.31
C GLY A 935 2.60 36.95 -7.56
N LEU A 936 3.36 36.76 -6.48
CA LEU A 936 4.78 36.45 -6.60
C LEU A 936 4.98 34.94 -6.78
N PRO A 937 6.19 34.52 -7.22
CA PRO A 937 6.52 33.10 -7.43
C PRO A 937 6.74 32.39 -6.09
N ALA A 938 6.09 31.23 -5.91
CA ALA A 938 6.19 30.48 -4.66
C ALA A 938 7.60 30.34 -4.09
N GLU A 939 8.55 29.96 -4.93
CA GLU A 939 9.92 29.78 -4.49
C GLU A 939 10.42 31.02 -3.76
N GLU A 940 10.11 32.19 -4.32
CA GLU A 940 10.53 33.45 -3.72
C GLU A 940 9.80 33.77 -2.43
N VAL A 941 8.51 33.47 -2.39
CA VAL A 941 7.72 33.75 -1.19
C VAL A 941 8.24 32.88 -0.05
N ARG A 942 8.66 31.67 -0.39
CA ARG A 942 9.19 30.74 0.59
C ARG A 942 10.58 31.17 1.04
N ARG A 943 11.53 31.28 0.12
CA ARG A 943 12.87 31.71 0.50
C ARG A 943 12.86 32.96 1.37
N LYS A 944 11.89 33.85 1.15
CA LYS A 944 11.79 35.09 1.91
C LYS A 944 11.47 34.86 3.38
N ASN A 945 10.41 34.11 3.63
CA ASN A 945 9.96 33.81 4.99
C ASN A 945 10.74 32.72 5.72
N MET A 946 11.65 32.05 5.02
CA MET A 946 12.44 30.97 5.59
C MET A 946 13.32 31.42 6.76
N TYR A 947 13.54 30.52 7.73
CA TYR A 947 14.38 30.83 8.91
C TYR A 947 15.80 31.16 8.47
N LYS A 948 16.56 31.67 9.43
CA LYS A 948 17.96 32.03 9.21
C LYS A 948 18.83 31.34 10.25
N GLU A 949 20.06 31.04 9.88
CA GLU A 949 21.01 30.41 10.78
C GLU A 949 21.07 31.19 12.08
N GLY A 950 20.51 30.63 13.15
CA GLY A 950 20.55 31.30 14.43
C GLY A 950 19.22 31.80 14.99
N ASP A 951 18.15 31.62 14.22
CA ASP A 951 16.84 32.09 14.68
C ASP A 951 16.17 31.12 15.62
N LEU A 952 15.27 31.65 16.45
CA LEU A 952 14.52 30.83 17.37
C LEU A 952 13.22 30.47 16.66
N THR A 953 12.62 29.36 17.06
CA THR A 953 11.39 28.91 16.46
C THR A 953 10.27 29.47 17.32
N HIS A 954 9.02 29.16 17.01
CA HIS A 954 7.94 29.68 17.83
C HIS A 954 7.96 29.09 19.23
N PHE A 955 8.68 27.99 19.42
CA PHE A 955 8.78 27.38 20.74
C PHE A 955 10.15 27.70 21.35
N ASN A 956 10.76 28.74 20.81
CA ASN A 956 12.03 29.26 21.27
C ASN A 956 13.28 28.40 21.18
N GLN A 957 13.34 27.46 20.26
CA GLN A 957 14.56 26.68 20.17
C GLN A 957 15.46 27.28 19.12
N LYS A 958 16.67 27.63 19.51
CA LYS A 958 17.64 28.22 18.59
C LYS A 958 17.97 27.21 17.50
N LEU A 959 18.04 27.68 16.25
CA LEU A 959 18.35 26.81 15.12
C LEU A 959 19.80 26.89 14.71
N GLU A 960 20.65 26.14 15.40
CA GLU A 960 22.07 26.13 15.11
C GLU A 960 22.40 25.10 14.03
N GLY A 961 23.57 25.23 13.42
CA GLY A 961 23.95 24.32 12.36
C GLY A 961 22.84 24.21 11.33
N PHE A 962 22.21 25.35 11.01
CA PHE A 962 21.12 25.40 10.04
C PHE A 962 21.67 25.01 8.68
N THR A 963 20.97 24.13 7.98
CA THR A 963 21.48 23.64 6.72
C THR A 963 20.44 23.60 5.59
N LEU A 964 19.22 24.01 5.90
CA LEU A 964 18.13 24.01 4.92
C LEU A 964 18.48 24.83 3.67
N PRO A 965 19.12 26.01 3.84
CA PRO A 965 19.52 26.87 2.72
C PRO A 965 20.30 26.16 1.61
N ARG A 966 21.25 25.30 1.98
CA ARG A 966 22.05 24.59 0.99
C ARG A 966 21.19 23.54 0.30
N CYS A 967 20.29 22.91 1.06
CA CYS A 967 19.42 21.90 0.49
C CYS A 967 18.58 22.60 -0.56
N TRP A 968 18.19 23.83 -0.23
CA TRP A 968 17.38 24.67 -1.10
C TRP A 968 18.17 25.09 -2.34
N ASP A 969 19.32 25.73 -2.14
CA ASP A 969 20.13 26.16 -3.27
C ASP A 969 20.69 25.03 -4.14
N GLU A 970 20.86 23.85 -3.57
CA GLU A 970 21.38 22.74 -4.35
C GLU A 970 20.24 22.06 -5.09
N CYS A 971 19.07 22.07 -4.47
CA CYS A 971 17.91 21.46 -5.11
C CYS A 971 17.50 22.29 -6.34
N ILE A 972 17.39 23.61 -6.19
CA ILE A 972 17.02 24.45 -7.33
C ILE A 972 18.03 24.25 -8.45
N ALA A 973 19.30 24.29 -8.08
CA ALA A 973 20.38 24.11 -9.05
C ALA A 973 20.37 22.76 -9.74
N SER A 974 20.40 21.67 -8.98
CA SER A 974 20.42 20.34 -9.59
C SER A 974 19.13 19.95 -10.31
N SER A 975 17.99 20.38 -9.80
CA SER A 975 16.72 20.05 -10.43
C SER A 975 16.42 21.02 -11.57
N GLN A 976 17.30 22.03 -11.71
CA GLN A 976 17.19 23.05 -12.74
C GLN A 976 15.77 23.59 -12.78
N TYR A 977 15.34 24.05 -11.60
CA TYR A 977 14.01 24.59 -11.36
C TYR A 977 13.56 25.64 -12.37
N LEU A 978 14.14 26.83 -12.28
CA LEU A 978 13.82 27.94 -13.15
C LEU A 978 13.60 27.53 -14.61
N ALA A 979 14.64 26.98 -15.21
CA ALA A 979 14.54 26.53 -16.59
C ALA A 979 13.32 25.63 -16.80
N ARG A 980 13.11 24.70 -15.87
CA ARG A 980 11.98 23.79 -16.01
C ARG A 980 10.65 24.49 -15.74
N LYS A 981 10.72 25.56 -14.95
CA LYS A 981 9.51 26.32 -14.66
C LYS A 981 8.94 26.82 -15.98
N ARG A 982 9.85 27.28 -16.85
CA ARG A 982 9.46 27.77 -18.17
C ARG A 982 8.90 26.63 -19.00
N GLU A 983 9.69 25.57 -19.18
CA GLU A 983 9.25 24.44 -19.96
C GLU A 983 7.86 23.96 -19.54
N VAL A 984 7.49 24.23 -18.30
CA VAL A 984 6.17 23.83 -17.80
C VAL A 984 5.09 24.75 -18.36
N GLU A 985 5.37 26.05 -18.36
CA GLU A 985 4.44 27.04 -18.87
C GLU A 985 4.20 26.74 -20.34
N LYS A 986 5.30 26.53 -21.06
CA LYS A 986 5.24 26.22 -22.48
C LYS A 986 4.32 25.02 -22.71
N PHE A 987 4.52 23.96 -21.94
CA PHE A 987 3.71 22.76 -22.07
C PHE A 987 2.24 23.08 -21.86
N ASN A 988 1.96 23.97 -20.90
CA ASN A 988 0.60 24.35 -20.59
C ASN A 988 -0.09 25.16 -21.68
N ARG A 989 0.71 25.97 -22.38
CA ARG A 989 0.20 26.78 -23.46
C ARG A 989 -0.19 25.90 -24.63
N GLU A 990 0.57 24.80 -24.82
CA GLU A 990 0.29 23.89 -25.92
C GLU A 990 -0.68 22.78 -25.54
N ASN A 991 -1.14 22.78 -24.30
CA ASN A 991 -2.07 21.73 -23.85
C ASN A 991 -3.21 22.28 -23.02
N ARG A 992 -4.41 21.91 -23.40
CA ARG A 992 -5.61 22.36 -22.73
C ARG A 992 -6.12 21.41 -21.64
N TRP A 993 -6.27 20.14 -21.98
CA TRP A 993 -6.78 19.14 -21.05
C TRP A 993 -5.70 18.28 -20.39
N LYS A 994 -4.50 18.86 -20.26
CA LYS A 994 -3.35 18.22 -19.66
C LYS A 994 -2.50 19.38 -19.16
N LYS A 995 -2.38 19.51 -17.86
CA LYS A 995 -1.60 20.60 -17.29
C LYS A 995 -0.48 20.08 -16.40
N ARG A 996 0.61 20.85 -16.33
CA ARG A 996 1.75 20.47 -15.52
C ARG A 996 2.07 21.42 -14.38
N GLY A 997 2.54 20.84 -13.28
CA GLY A 997 2.91 21.62 -12.11
C GLY A 997 4.34 21.30 -11.73
N LEU A 998 4.99 22.22 -11.03
CA LEU A 998 6.36 22.03 -10.59
C LEU A 998 6.53 22.87 -9.33
N CYS A 999 6.48 22.23 -8.17
CA CYS A 999 6.62 22.95 -6.91
C CYS A 999 7.82 22.48 -6.10
N ILE A 1000 8.47 23.40 -5.38
CA ILE A 1000 9.61 23.05 -4.55
C ILE A 1000 9.26 23.33 -3.08
N ILE A 1001 9.32 22.28 -2.26
CA ILE A 1001 8.99 22.41 -0.85
C ILE A 1001 10.17 22.15 0.08
N PRO A 1002 10.23 22.86 1.21
CA PRO A 1002 11.31 22.67 2.17
C PRO A 1002 10.72 22.03 3.43
N THR A 1003 11.56 21.48 4.29
CA THR A 1003 11.07 20.88 5.52
C THR A 1003 12.07 20.99 6.64
N LYS A 1004 11.55 20.91 7.85
CA LYS A 1004 12.37 20.99 9.05
C LYS A 1004 11.77 20.03 10.06
N PHE A 1005 12.48 18.94 10.36
CA PHE A 1005 11.99 17.94 11.31
C PHE A 1005 12.87 17.83 12.55
N GLY A 1006 12.27 18.04 13.72
CA GLY A 1006 13.01 17.96 14.97
C GLY A 1006 13.18 16.52 15.44
N ILE A 1007 14.41 16.15 15.77
CA ILE A 1007 14.71 14.79 16.22
C ILE A 1007 14.83 14.62 17.73
N SER A 1008 13.97 13.74 18.27
CA SER A 1008 13.87 13.39 19.69
C SER A 1008 12.42 13.11 20.05
N PHE A 1009 12.18 12.35 21.11
CA PHE A 1009 10.81 12.06 21.53
C PHE A 1009 10.30 13.32 22.22
N THR A 1010 9.01 13.58 22.11
CA THR A 1010 8.47 14.77 22.77
C THR A 1010 8.52 14.57 24.28
N LEU A 1011 8.54 13.29 24.69
CA LEU A 1011 8.65 12.91 26.10
C LEU A 1011 10.15 12.59 26.23
N PRO A 1012 10.91 13.48 26.87
CA PRO A 1012 12.36 13.41 27.10
C PRO A 1012 12.99 12.08 27.58
N PHE A 1013 12.45 11.51 28.66
CA PHE A 1013 13.04 10.27 29.16
C PHE A 1013 12.99 9.11 28.19
N LEU A 1014 12.12 9.15 27.19
CA LEU A 1014 12.07 8.05 26.22
C LEU A 1014 13.30 8.10 25.34
N ASN A 1015 14.15 9.09 25.55
CA ASN A 1015 15.36 9.24 24.77
C ASN A 1015 16.55 8.53 25.40
N GLN A 1016 16.39 7.21 25.58
CA GLN A 1016 17.42 6.37 26.18
C GLN A 1016 17.51 5.04 25.46
N GLY A 1017 18.74 4.56 25.30
CA GLY A 1017 18.95 3.28 24.63
C GLY A 1017 19.99 2.44 25.34
N GLY A 1018 19.83 1.13 25.28
CA GLY A 1018 20.76 0.22 25.91
C GLY A 1018 21.16 -0.96 25.04
N ALA A 1019 22.39 -1.40 25.16
CA ALA A 1019 22.88 -2.56 24.40
C ALA A 1019 23.61 -3.54 25.31
N LEU A 1020 23.73 -4.78 24.84
CA LEU A 1020 24.42 -5.85 25.56
C LEU A 1020 25.33 -6.59 24.58
N VAL A 1021 26.63 -6.56 24.82
CA VAL A 1021 27.57 -7.25 23.94
C VAL A 1021 28.29 -8.45 24.59
N HIS A 1022 28.51 -9.50 23.79
CA HIS A 1022 29.21 -10.68 24.25
C HIS A 1022 30.29 -11.04 23.25
N VAL A 1023 31.49 -11.31 23.75
CA VAL A 1023 32.58 -11.74 22.87
C VAL A 1023 32.91 -13.16 23.32
N TYR A 1024 32.67 -14.13 22.45
CA TYR A 1024 32.97 -15.51 22.78
C TYR A 1024 34.43 -15.83 22.55
N THR A 1025 34.86 -16.99 23.04
CA THR A 1025 36.25 -17.42 22.95
C THR A 1025 36.77 -17.65 21.53
N ASP A 1026 35.87 -17.85 20.56
CA ASP A 1026 36.33 -18.03 19.19
C ASP A 1026 36.48 -16.66 18.52
N GLY A 1027 36.24 -15.59 19.28
CA GLY A 1027 36.37 -14.25 18.75
C GLY A 1027 35.05 -13.61 18.29
N SER A 1028 34.15 -14.43 17.75
CA SER A 1028 32.86 -13.93 17.27
C SER A 1028 32.16 -13.11 18.36
N VAL A 1029 31.36 -12.13 17.93
CA VAL A 1029 30.68 -11.23 18.86
C VAL A 1029 29.15 -11.22 18.72
N LEU A 1030 28.43 -11.46 19.82
CA LEU A 1030 26.96 -11.45 19.77
C LEU A 1030 26.46 -10.15 20.40
N LEU A 1031 25.87 -9.30 19.56
CA LEU A 1031 25.36 -8.00 19.97
C LEU A 1031 23.85 -7.95 19.96
N THR A 1032 23.30 -7.10 20.82
CA THR A 1032 21.87 -6.89 20.91
C THR A 1032 21.63 -5.48 21.47
N HIS A 1033 20.51 -4.89 21.12
CA HIS A 1033 20.17 -3.55 21.58
C HIS A 1033 18.67 -3.48 21.70
N GLY A 1034 18.20 -2.45 22.38
CA GLY A 1034 16.77 -2.27 22.57
C GLY A 1034 15.91 -2.07 21.31
N GLY A 1035 16.51 -1.61 20.22
CA GLY A 1035 15.76 -1.38 19.01
C GLY A 1035 15.40 -2.58 18.17
N THR A 1036 14.18 -2.59 17.62
CA THR A 1036 13.74 -3.70 16.78
C THR A 1036 14.07 -3.42 15.31
N GLU A 1037 13.77 -4.38 14.44
CA GLU A 1037 14.03 -4.28 13.02
C GLU A 1037 12.74 -4.50 12.26
N MET A 1038 12.44 -3.57 11.36
CA MET A 1038 11.22 -3.60 10.55
C MET A 1038 11.45 -3.25 9.08
N GLY A 1039 12.69 -3.03 8.70
CA GLY A 1039 13.00 -2.72 7.30
C GLY A 1039 14.02 -1.60 7.16
N GLN A 1040 14.10 -0.77 8.20
CA GLN A 1040 15.00 0.37 8.23
C GLN A 1040 16.47 0.06 8.24
N GLY A 1041 16.82 -1.21 8.38
CA GLY A 1041 18.21 -1.61 8.41
C GLY A 1041 18.91 -1.08 9.65
N LEU A 1042 18.25 -1.18 10.80
CA LEU A 1042 18.82 -0.71 12.06
C LEU A 1042 19.95 -1.63 12.52
N HIS A 1043 19.74 -2.94 12.44
CA HIS A 1043 20.79 -3.87 12.86
C HIS A 1043 21.99 -3.68 11.95
N THR A 1044 21.75 -3.62 10.64
CA THR A 1044 22.85 -3.42 9.72
C THR A 1044 23.68 -2.23 10.18
N LYS A 1045 23.01 -1.13 10.53
CA LYS A 1045 23.73 0.05 10.99
C LYS A 1045 24.44 -0.22 12.30
N MET A 1046 23.71 -0.72 13.29
CA MET A 1046 24.29 -1.02 14.61
C MET A 1046 25.52 -1.92 14.45
N VAL A 1047 25.42 -2.93 13.60
CA VAL A 1047 26.56 -3.81 13.34
C VAL A 1047 27.73 -3.00 12.81
N GLN A 1048 27.47 -2.10 11.87
CA GLN A 1048 28.51 -1.26 11.28
C GLN A 1048 29.13 -0.37 12.35
N VAL A 1049 28.30 0.08 13.28
CA VAL A 1049 28.79 0.94 14.35
C VAL A 1049 29.77 0.14 15.19
N ALA A 1050 29.28 -0.98 15.72
CA ALA A 1050 30.09 -1.87 16.55
C ALA A 1050 31.39 -2.28 15.86
N SER A 1051 31.29 -2.66 14.59
CA SER A 1051 32.46 -3.09 13.84
C SER A 1051 33.53 -2.03 13.75
N ARG A 1052 33.10 -0.77 13.71
CA ARG A 1052 34.05 0.33 13.64
C ARG A 1052 34.56 0.63 15.04
N ALA A 1053 33.70 0.47 16.02
CA ALA A 1053 34.07 0.73 17.40
C ALA A 1053 35.11 -0.26 17.94
N LEU A 1054 34.97 -1.53 17.58
CA LEU A 1054 35.89 -2.58 18.03
C LEU A 1054 37.04 -2.81 17.04
N LYS A 1055 36.98 -2.14 15.91
CA LYS A 1055 38.02 -2.30 14.90
C LYS A 1055 38.17 -3.73 14.40
N ILE A 1056 37.05 -4.39 14.14
CA ILE A 1056 37.07 -5.76 13.62
C ILE A 1056 36.00 -5.85 12.53
N PRO A 1057 36.25 -6.61 11.47
CA PRO A 1057 35.25 -6.71 10.40
C PRO A 1057 33.83 -7.02 10.88
N THR A 1058 32.84 -6.48 10.20
CA THR A 1058 31.45 -6.72 10.57
C THR A 1058 31.12 -8.21 10.50
N SER A 1059 31.93 -8.96 9.75
CA SER A 1059 31.71 -10.40 9.60
C SER A 1059 31.75 -11.13 10.94
N LYS A 1060 32.50 -10.58 11.89
CA LYS A 1060 32.63 -11.20 13.20
C LYS A 1060 31.54 -10.78 14.18
N ILE A 1061 30.69 -9.85 13.76
CA ILE A 1061 29.60 -9.39 14.63
C ILE A 1061 28.26 -9.92 14.12
N HIS A 1062 27.31 -10.05 15.03
CA HIS A 1062 26.01 -10.58 14.66
C HIS A 1062 24.95 -10.15 15.64
N ILE A 1063 23.74 -9.93 15.11
CA ILE A 1063 22.60 -9.54 15.93
C ILE A 1063 21.52 -10.51 15.54
N SER A 1064 20.99 -11.23 16.51
CA SER A 1064 19.98 -12.23 16.20
C SER A 1064 18.56 -11.78 16.45
N GLU A 1065 18.38 -10.92 17.45
CA GLU A 1065 17.06 -10.41 17.77
C GLU A 1065 17.05 -9.37 18.89
N THR A 1066 15.84 -8.99 19.28
CA THR A 1066 15.59 -8.03 20.33
C THR A 1066 14.71 -8.72 21.34
N SER A 1067 14.98 -8.53 22.62
CA SER A 1067 14.15 -9.16 23.65
C SER A 1067 14.35 -8.49 24.99
N THR A 1068 13.35 -8.65 25.86
CA THR A 1068 13.40 -8.08 27.20
C THR A 1068 14.39 -8.82 28.10
N ASN A 1069 14.95 -9.93 27.61
CA ASN A 1069 15.94 -10.73 28.32
C ASN A 1069 17.27 -10.01 28.34
N THR A 1070 17.72 -9.64 27.15
CA THR A 1070 18.98 -8.98 26.96
C THR A 1070 19.02 -7.51 27.38
N VAL A 1071 18.07 -6.72 26.89
CA VAL A 1071 18.01 -5.30 27.25
C VAL A 1071 16.60 -4.98 27.75
N PRO A 1072 16.50 -4.35 28.92
CA PRO A 1072 15.23 -3.99 29.52
C PRO A 1072 14.87 -2.51 29.50
N ASN A 1073 13.60 -2.24 29.73
CA ASN A 1073 13.06 -0.88 29.77
C ASN A 1073 13.46 -0.06 28.54
N THR A 1074 13.24 -0.61 27.36
CA THR A 1074 13.60 0.06 26.13
C THR A 1074 12.47 0.88 25.54
N SER A 1075 12.83 2.01 24.96
CA SER A 1075 11.86 2.89 24.32
C SER A 1075 11.42 2.15 23.06
N PRO A 1076 10.19 2.45 22.58
CA PRO A 1076 9.72 1.78 21.37
C PRO A 1076 10.62 2.19 20.22
N THR A 1077 10.63 1.42 19.16
CA THR A 1077 11.48 1.77 18.02
C THR A 1077 10.69 2.80 17.21
N ALA A 1078 10.94 4.07 17.51
CA ALA A 1078 10.22 5.16 16.87
C ALA A 1078 10.97 6.48 16.92
N ALA A 1079 10.32 7.53 16.40
CA ALA A 1079 10.86 8.88 16.37
C ALA A 1079 12.13 9.03 15.57
N SER A 1080 12.45 8.04 14.74
CA SER A 1080 13.66 8.08 13.91
C SER A 1080 14.94 8.02 14.76
N ALA A 1081 14.76 8.06 16.09
CA ALA A 1081 15.87 8.08 17.04
C ALA A 1081 16.57 6.75 17.34
N SER A 1082 15.92 5.63 17.03
CA SER A 1082 16.48 4.32 17.31
C SER A 1082 17.97 4.13 17.00
N ALA A 1083 18.45 4.61 15.85
CA ALA A 1083 19.87 4.45 15.53
C ALA A 1083 20.72 5.48 16.26
N ASP A 1084 20.07 6.46 16.86
CA ASP A 1084 20.78 7.49 17.59
C ASP A 1084 20.99 6.99 19.00
N LEU A 1085 19.92 6.46 19.59
CA LEU A 1085 19.96 5.94 20.95
C LEU A 1085 20.74 4.62 21.06
N ASN A 1086 20.29 3.60 20.34
CA ASN A 1086 20.97 2.30 20.37
C ASN A 1086 22.41 2.38 19.86
N GLY A 1087 22.65 3.15 18.81
CA GLY A 1087 23.99 3.24 18.28
C GLY A 1087 24.96 3.82 19.29
N GLN A 1088 24.45 4.65 20.17
CA GLN A 1088 25.31 5.26 21.18
C GLN A 1088 25.57 4.20 22.27
N GLY A 1089 24.53 3.41 22.57
CA GLY A 1089 24.66 2.35 23.57
C GLY A 1089 25.67 1.31 23.11
N VAL A 1090 25.45 0.78 21.91
CA VAL A 1090 26.36 -0.22 21.34
C VAL A 1090 27.77 0.31 21.37
N TYR A 1091 27.92 1.62 21.19
CA TYR A 1091 29.23 2.24 21.19
C TYR A 1091 29.90 2.15 22.57
N GLU A 1092 29.17 2.52 23.62
CA GLU A 1092 29.71 2.46 24.97
C GLU A 1092 30.09 1.02 25.35
N ALA A 1093 29.15 0.10 25.12
CA ALA A 1093 29.36 -1.30 25.41
C ALA A 1093 30.68 -1.75 24.78
N CYS A 1094 30.87 -1.40 23.51
CA CYS A 1094 32.08 -1.76 22.80
C CYS A 1094 33.34 -1.13 23.38
N GLN A 1095 33.20 0.04 23.97
CA GLN A 1095 34.34 0.74 24.53
C GLN A 1095 34.76 0.07 25.84
N THR A 1096 33.79 -0.50 26.52
CA THR A 1096 34.08 -1.18 27.76
C THR A 1096 34.90 -2.42 27.45
N ILE A 1097 34.51 -3.13 26.40
CA ILE A 1097 35.23 -4.33 25.98
C ILE A 1097 36.67 -4.00 25.60
N LEU A 1098 36.86 -2.91 24.86
CA LEU A 1098 38.20 -2.52 24.43
C LEU A 1098 39.07 -2.13 25.62
N LYS A 1099 38.45 -1.55 26.64
CA LYS A 1099 39.16 -1.16 27.84
C LYS A 1099 39.78 -2.45 28.38
N ARG A 1100 38.90 -3.37 28.76
CA ARG A 1100 39.30 -4.67 29.29
C ARG A 1100 40.37 -5.33 28.42
N LEU A 1101 40.23 -5.22 27.10
CA LEU A 1101 41.17 -5.85 26.19
C LEU A 1101 42.49 -5.17 25.87
N GLU A 1102 42.69 -3.91 26.26
CA GLU A 1102 43.95 -3.29 25.87
C GLU A 1102 45.22 -3.84 26.48
N PRO A 1103 45.17 -4.33 27.72
CA PRO A 1103 46.40 -4.86 28.32
C PRO A 1103 46.97 -5.99 27.47
N PHE A 1104 46.07 -6.80 26.89
CA PHE A 1104 46.48 -7.93 26.07
C PHE A 1104 46.91 -7.44 24.70
N LYS A 1105 46.25 -6.38 24.25
CA LYS A 1105 46.53 -5.77 22.95
C LYS A 1105 47.92 -5.17 23.03
N LYS A 1106 48.18 -4.44 24.11
CA LYS A 1106 49.47 -3.81 24.31
C LYS A 1106 50.61 -4.82 24.29
N LYS A 1107 50.42 -5.94 24.98
CA LYS A 1107 51.44 -6.98 25.04
C LYS A 1107 51.75 -7.51 23.63
N LYS A 1108 50.71 -7.87 22.88
CA LYS A 1108 50.90 -8.35 21.52
C LYS A 1108 50.16 -7.44 20.54
N PRO A 1109 50.77 -6.29 20.22
CA PRO A 1109 50.27 -5.23 19.32
C PRO A 1109 49.68 -5.67 17.98
N THR A 1110 50.32 -6.63 17.31
CA THR A 1110 49.81 -7.08 16.02
C THR A 1110 49.12 -8.45 16.11
N GLY A 1111 49.12 -9.04 17.30
CA GLY A 1111 48.50 -10.34 17.47
C GLY A 1111 47.03 -10.27 17.11
N PRO A 1112 46.48 -11.28 16.42
CA PRO A 1112 45.08 -11.30 16.01
C PRO A 1112 44.06 -11.04 17.13
N TRP A 1113 42.83 -10.73 16.71
CA TRP A 1113 41.74 -10.45 17.64
C TRP A 1113 41.43 -11.71 18.42
N GLU A 1114 41.42 -12.85 17.71
CA GLU A 1114 41.14 -14.13 18.34
C GLU A 1114 42.12 -14.35 19.51
N ALA A 1115 43.38 -14.00 19.30
CA ALA A 1115 44.41 -14.14 20.31
C ALA A 1115 44.15 -13.29 21.55
N TRP A 1116 43.89 -12.00 21.38
CA TRP A 1116 43.62 -11.15 22.53
C TRP A 1116 42.41 -11.66 23.32
N VAL A 1117 41.43 -12.20 22.60
CA VAL A 1117 40.23 -12.69 23.25
C VAL A 1117 40.53 -13.88 24.15
N MET A 1118 41.23 -14.87 23.62
CA MET A 1118 41.57 -16.05 24.41
C MET A 1118 42.35 -15.63 25.66
N ASP A 1119 43.44 -14.89 25.47
CA ASP A 1119 44.24 -14.39 26.58
C ASP A 1119 43.36 -13.83 27.68
N ALA A 1120 42.50 -12.90 27.31
CA ALA A 1120 41.60 -12.26 28.26
C ALA A 1120 40.80 -13.32 28.98
N TYR A 1121 40.32 -14.29 28.22
CA TYR A 1121 39.53 -15.37 28.79
C TYR A 1121 40.34 -16.17 29.80
N THR A 1122 41.46 -16.73 29.35
CA THR A 1122 42.30 -17.53 30.22
C THR A 1122 42.91 -16.70 31.35
N SER A 1123 42.59 -15.41 31.40
CA SER A 1123 43.08 -14.54 32.47
C SER A 1123 41.92 -14.07 33.34
N ALA A 1124 40.77 -14.73 33.18
CA ALA A 1124 39.57 -14.42 33.96
C ALA A 1124 39.12 -12.96 33.80
N VAL A 1125 39.05 -12.51 32.54
CA VAL A 1125 38.61 -11.16 32.23
C VAL A 1125 37.23 -11.24 31.60
N SER A 1126 36.28 -10.46 32.12
CA SER A 1126 34.92 -10.46 31.58
C SER A 1126 34.87 -10.01 30.12
N LEU A 1127 34.10 -10.74 29.31
CA LEU A 1127 33.96 -10.41 27.90
C LEU A 1127 32.50 -10.14 27.57
N SER A 1128 31.81 -9.51 28.51
CA SER A 1128 30.41 -9.19 28.33
C SER A 1128 30.14 -7.89 29.05
N ALA A 1129 29.48 -6.96 28.37
CA ALA A 1129 29.16 -5.67 28.97
C ALA A 1129 27.89 -5.07 28.40
N THR A 1130 27.26 -4.22 29.21
CA THR A 1130 26.06 -3.53 28.78
C THR A 1130 26.49 -2.13 28.34
N GLY A 1131 25.66 -1.50 27.50
CA GLY A 1131 25.94 -0.16 27.01
C GLY A 1131 24.68 0.67 27.13
N PHE A 1132 24.81 1.90 27.63
CA PHE A 1132 23.64 2.77 27.79
C PHE A 1132 23.91 4.20 27.37
N TYR A 1133 22.83 4.87 26.96
CA TYR A 1133 22.90 6.26 26.51
C TYR A 1133 21.58 6.97 26.73
N LYS A 1134 21.66 8.25 27.06
CA LYS A 1134 20.47 9.07 27.24
C LYS A 1134 20.80 10.39 26.56
N THR A 1135 19.82 10.95 25.84
CA THR A 1135 20.01 12.23 25.16
C THR A 1135 19.98 13.33 26.20
N PRO A 1136 21.04 14.16 26.22
CA PRO A 1136 21.19 15.28 27.15
C PRO A 1136 20.55 16.62 26.79
N ASN A 1137 20.12 17.34 27.83
CA ASN A 1137 19.55 18.67 27.67
C ASN A 1137 18.18 18.80 27.02
N LEU A 1138 17.43 17.71 26.94
CA LEU A 1138 16.10 17.79 26.35
C LEU A 1138 15.12 18.20 27.44
N GLY A 1139 13.95 18.71 27.05
CA GLY A 1139 12.96 19.13 28.03
C GLY A 1139 12.32 20.44 27.66
N TYR A 1140 11.04 20.39 27.30
CA TYR A 1140 10.30 21.58 26.91
C TYR A 1140 9.06 21.82 27.75
N SER A 1141 8.82 23.08 28.07
CA SER A 1141 7.66 23.46 28.87
C SER A 1141 6.67 24.28 28.05
N PHE A 1142 5.42 23.83 28.01
CA PHE A 1142 4.42 24.58 27.27
C PHE A 1142 4.05 25.79 28.10
N GLU A 1143 3.90 25.59 29.41
CA GLU A 1143 3.53 26.67 30.33
C GLU A 1143 4.45 27.88 30.22
N THR A 1144 5.68 27.67 29.78
CA THR A 1144 6.61 28.81 29.68
C THR A 1144 7.31 28.90 28.32
N ASN A 1145 6.91 28.02 27.41
CA ASN A 1145 7.50 28.01 26.07
C ASN A 1145 9.03 28.18 26.09
N SER A 1146 9.72 27.27 26.79
CA SER A 1146 11.17 27.29 26.90
C SER A 1146 11.72 25.88 27.11
N GLY A 1147 13.02 25.71 26.84
CA GLY A 1147 13.63 24.41 26.98
C GLY A 1147 13.59 23.66 25.66
N ASN A 1148 14.75 23.20 25.19
CA ASN A 1148 14.83 22.49 23.91
C ASN A 1148 14.20 21.11 23.93
N PRO A 1149 13.19 20.88 23.07
CA PRO A 1149 12.54 19.57 23.02
C PRO A 1149 13.16 18.71 21.93
N PHE A 1150 14.28 19.15 21.36
CA PHE A 1150 14.93 18.38 20.30
C PHE A 1150 16.43 18.39 20.43
N HIS A 1151 17.05 17.29 20.01
CA HIS A 1151 18.50 17.17 20.10
C HIS A 1151 19.08 17.92 18.91
N TYR A 1152 18.42 17.81 17.77
CA TYR A 1152 18.85 18.49 16.57
C TYR A 1152 17.72 18.45 15.55
N PHE A 1153 17.97 18.99 14.35
CA PHE A 1153 16.96 19.03 13.30
C PHE A 1153 17.34 18.40 11.98
N SER A 1154 16.38 17.68 11.40
CA SER A 1154 16.58 17.06 10.10
C SER A 1154 16.16 18.14 9.08
N TYR A 1155 16.85 18.18 7.93
CA TYR A 1155 16.57 19.18 6.90
C TYR A 1155 16.56 18.61 5.49
N GLY A 1156 15.68 19.14 4.64
CA GLY A 1156 15.59 18.66 3.26
C GLY A 1156 14.65 19.44 2.36
N VAL A 1157 14.84 19.28 1.05
CA VAL A 1157 14.05 19.96 0.03
C VAL A 1157 13.69 19.01 -1.11
N ALA A 1158 12.42 19.00 -1.51
CA ALA A 1158 11.97 18.15 -2.62
C ALA A 1158 11.38 19.03 -3.73
N CYS A 1159 11.68 18.67 -4.98
CA CYS A 1159 11.21 19.43 -6.14
C CYS A 1159 10.48 18.53 -7.14
N SER A 1160 9.18 18.38 -6.96
CA SER A 1160 8.38 17.53 -7.84
C SER A 1160 7.66 18.20 -9.00
N GLU A 1161 7.43 17.42 -10.04
CA GLU A 1161 6.76 17.86 -11.23
C GLU A 1161 5.69 16.83 -11.56
N VAL A 1162 4.47 17.28 -11.83
CA VAL A 1162 3.39 16.39 -12.17
C VAL A 1162 2.78 16.82 -13.50
N GLU A 1163 1.76 16.09 -13.94
CA GLU A 1163 1.05 16.40 -15.17
C GLU A 1163 -0.29 15.73 -15.02
N ILE A 1164 -1.30 16.51 -14.66
CA ILE A 1164 -2.63 15.95 -14.48
C ILE A 1164 -3.36 15.79 -15.79
N ASP A 1165 -4.46 15.05 -15.74
CA ASP A 1165 -5.31 14.84 -16.90
C ASP A 1165 -6.58 15.53 -16.44
N CYS A 1166 -6.74 16.78 -16.85
CA CYS A 1166 -7.87 17.63 -16.49
C CYS A 1166 -9.22 17.00 -16.76
N LEU A 1167 -9.25 15.98 -17.61
CA LEU A 1167 -10.51 15.31 -17.93
C LEU A 1167 -10.88 14.11 -17.05
N THR A 1168 -9.90 13.56 -16.31
CA THR A 1168 -10.19 12.40 -15.47
C THR A 1168 -9.78 12.50 -14.00
N GLY A 1169 -8.78 13.31 -13.70
CA GLY A 1169 -8.34 13.45 -12.33
C GLY A 1169 -7.03 12.71 -12.12
N ASP A 1170 -6.81 11.68 -12.95
CA ASP A 1170 -5.58 10.90 -12.87
C ASP A 1170 -4.43 11.84 -13.22
N HIS A 1171 -3.24 11.50 -12.77
CA HIS A 1171 -2.08 12.32 -13.07
C HIS A 1171 -0.86 11.41 -13.03
N LYS A 1172 0.32 12.00 -13.18
CA LYS A 1172 1.53 11.22 -13.12
C LYS A 1172 2.73 12.04 -12.72
N ASN A 1173 3.36 11.63 -11.61
CA ASN A 1173 4.52 12.32 -11.09
C ASN A 1173 5.64 12.08 -12.09
N LEU A 1174 6.00 13.13 -12.83
CA LEU A 1174 7.01 13.06 -13.86
C LEU A 1174 8.43 13.10 -13.34
N ARG A 1175 8.67 13.84 -12.27
CA ARG A 1175 10.02 13.94 -11.75
C ARG A 1175 10.12 14.55 -10.37
N THR A 1176 11.09 14.07 -9.59
CA THR A 1176 11.32 14.58 -8.24
C THR A 1176 12.81 14.71 -8.01
N ASP A 1177 13.19 15.70 -7.22
CA ASP A 1177 14.57 15.93 -6.92
C ASP A 1177 14.62 16.19 -5.43
N ILE A 1178 15.45 15.42 -4.73
CA ILE A 1178 15.56 15.57 -3.28
C ILE A 1178 17.00 15.80 -2.89
N VAL A 1179 17.18 16.55 -1.81
CA VAL A 1179 18.49 16.84 -1.26
C VAL A 1179 18.22 16.81 0.23
N MET A 1180 18.60 15.69 0.85
CA MET A 1180 18.37 15.53 2.27
C MET A 1180 19.62 15.63 3.10
N ASP A 1181 19.46 16.16 4.31
CA ASP A 1181 20.57 16.32 5.24
C ASP A 1181 20.53 15.19 6.27
N VAL A 1182 21.39 14.19 6.08
CA VAL A 1182 21.47 13.06 6.98
C VAL A 1182 22.87 13.04 7.60
N GLY A 1183 23.46 14.23 7.78
CA GLY A 1183 24.79 14.32 8.32
C GLY A 1183 25.69 13.33 7.63
N SER A 1184 26.69 12.81 8.34
CA SER A 1184 27.56 11.80 7.76
C SER A 1184 26.81 10.47 7.89
N SER A 1185 26.11 10.11 6.83
CA SER A 1185 25.31 8.88 6.78
C SER A 1185 26.08 7.67 7.32
N LEU A 1186 25.44 6.89 8.19
CA LEU A 1186 26.09 5.69 8.72
C LEU A 1186 26.13 4.72 7.56
N ASN A 1187 25.06 4.74 6.76
CA ASN A 1187 24.93 3.88 5.60
C ASN A 1187 24.15 4.59 4.47
N PRO A 1188 24.87 5.16 3.48
CA PRO A 1188 24.29 5.86 2.34
C PRO A 1188 23.11 5.11 1.71
N ALA A 1189 23.36 3.87 1.32
CA ALA A 1189 22.33 3.05 0.70
C ALA A 1189 21.08 2.90 1.58
N ILE A 1190 21.27 2.67 2.87
CA ILE A 1190 20.13 2.52 3.75
C ILE A 1190 19.33 3.80 3.85
N ASP A 1191 20.01 4.91 4.11
CA ASP A 1191 19.34 6.20 4.24
C ASP A 1191 18.60 6.60 2.97
N ILE A 1192 19.27 6.54 1.83
CA ILE A 1192 18.64 6.89 0.57
C ILE A 1192 17.39 6.03 0.38
N GLY A 1193 17.49 4.77 0.79
CA GLY A 1193 16.34 3.89 0.65
C GLY A 1193 15.26 4.29 1.62
N GLN A 1194 15.63 5.00 2.68
CA GLN A 1194 14.66 5.43 3.67
C GLN A 1194 14.00 6.71 3.19
N VAL A 1195 14.78 7.54 2.49
CA VAL A 1195 14.28 8.79 1.94
C VAL A 1195 13.25 8.43 0.88
N GLU A 1196 13.63 7.60 -0.08
CA GLU A 1196 12.70 7.21 -1.13
C GLU A 1196 11.44 6.57 -0.56
N GLY A 1197 11.61 5.64 0.39
CA GLY A 1197 10.47 4.96 0.98
C GLY A 1197 9.55 5.89 1.74
N ALA A 1198 10.12 6.76 2.55
CA ALA A 1198 9.32 7.72 3.33
C ALA A 1198 8.52 8.58 2.36
N PHE A 1199 9.23 9.11 1.36
CA PHE A 1199 8.63 9.96 0.34
C PHE A 1199 7.43 9.29 -0.29
N VAL A 1200 7.61 8.07 -0.79
CA VAL A 1200 6.50 7.38 -1.41
C VAL A 1200 5.36 7.12 -0.45
N GLN A 1201 5.64 7.13 0.85
CA GLN A 1201 4.58 6.90 1.82
C GLN A 1201 3.81 8.21 1.94
N GLY A 1202 4.55 9.31 1.87
CA GLY A 1202 3.95 10.62 1.94
C GLY A 1202 3.12 10.86 0.69
N LEU A 1203 3.73 10.62 -0.47
CA LEU A 1203 3.02 10.81 -1.72
C LEU A 1203 1.68 10.09 -1.69
N GLY A 1204 1.59 8.98 -0.95
CA GLY A 1204 0.33 8.26 -0.89
C GLY A 1204 -0.64 8.89 0.07
N LEU A 1205 -0.10 9.50 1.13
CA LEU A 1205 -0.90 10.15 2.14
C LEU A 1205 -1.61 11.38 1.54
N PHE A 1206 -0.87 12.09 0.69
CA PHE A 1206 -1.37 13.30 0.06
C PHE A 1206 -2.12 13.14 -1.26
N THR A 1207 -2.06 11.96 -1.88
CA THR A 1207 -2.74 11.82 -3.16
C THR A 1207 -3.38 10.49 -3.55
N MET A 1208 -3.33 9.47 -2.70
CA MET A 1208 -3.92 8.19 -3.11
C MET A 1208 -4.72 7.46 -2.05
N GLU A 1209 -4.20 7.48 -0.84
CA GLU A 1209 -4.82 6.77 0.26
C GLU A 1209 -5.96 7.51 0.93
N GLU A 1210 -7.13 6.89 0.89
CA GLU A 1210 -8.32 7.48 1.46
C GLU A 1210 -9.10 6.41 2.20
N LEU A 1211 -9.59 6.77 3.38
CA LEU A 1211 -10.37 5.83 4.17
C LEU A 1211 -11.80 6.34 4.24
N HIS A 1212 -12.76 5.46 3.99
CA HIS A 1212 -14.17 5.84 4.03
C HIS A 1212 -14.88 5.09 5.15
N TYR A 1213 -15.57 5.84 6.01
CA TYR A 1213 -16.30 5.25 7.12
C TYR A 1213 -17.78 5.55 6.90
N SER A 1214 -18.64 4.60 7.21
CA SER A 1214 -20.08 4.81 7.07
C SER A 1214 -20.51 5.92 8.02
N PRO A 1215 -21.75 6.41 7.87
CA PRO A 1215 -22.29 7.48 8.71
C PRO A 1215 -22.31 7.05 10.17
N GLU A 1216 -22.41 5.73 10.38
CA GLU A 1216 -22.46 5.14 11.72
C GLU A 1216 -21.10 4.81 12.34
N GLY A 1217 -20.02 5.24 11.70
CA GLY A 1217 -18.69 4.99 12.24
C GLY A 1217 -18.04 3.65 11.92
N SER A 1218 -18.56 2.95 10.93
CA SER A 1218 -17.99 1.67 10.54
C SER A 1218 -17.08 1.86 9.33
N LEU A 1219 -15.86 1.32 9.41
CA LEU A 1219 -14.90 1.44 8.32
C LEU A 1219 -15.31 0.62 7.11
N HIS A 1220 -15.15 1.18 5.92
CA HIS A 1220 -15.51 0.50 4.68
C HIS A 1220 -14.27 -0.05 3.96
N THR A 1221 -13.23 0.78 3.87
CA THR A 1221 -12.01 0.39 3.19
C THR A 1221 -11.13 -0.50 4.07
N ARG A 1222 -11.18 -1.79 3.80
CA ARG A 1222 -10.48 -2.78 4.59
C ARG A 1222 -9.45 -3.68 3.92
N GLY A 1223 -9.14 -3.42 2.65
CA GLY A 1223 -8.17 -4.24 1.96
C GLY A 1223 -7.47 -3.44 0.90
N PRO A 1224 -6.44 -4.00 0.23
CA PRO A 1224 -5.76 -3.21 -0.80
C PRO A 1224 -6.67 -2.95 -2.00
N SER A 1225 -7.83 -3.62 -2.04
CA SER A 1225 -8.76 -3.45 -3.15
C SER A 1225 -9.42 -2.07 -3.10
N THR A 1226 -9.66 -1.57 -1.90
CA THR A 1226 -10.26 -0.26 -1.74
C THR A 1226 -9.28 0.75 -1.16
N TYR A 1227 -8.19 0.27 -0.57
CA TYR A 1227 -7.17 1.19 -0.03
C TYR A 1227 -6.07 1.07 -1.06
N LYS A 1228 -5.79 2.16 -1.77
CA LYS A 1228 -4.80 2.10 -2.82
C LYS A 1228 -3.52 2.81 -2.44
N ILE A 1229 -2.51 2.04 -2.06
CA ILE A 1229 -1.24 2.62 -1.69
C ILE A 1229 -0.38 2.74 -2.94
N PRO A 1230 0.63 3.60 -2.90
CA PRO A 1230 1.51 3.77 -4.06
C PRO A 1230 1.87 2.43 -4.66
N ALA A 1231 1.79 2.34 -5.99
CA ALA A 1231 2.11 1.12 -6.71
C ALA A 1231 3.44 1.36 -7.42
N PHE A 1232 3.87 0.43 -8.27
CA PHE A 1232 5.14 0.58 -8.99
C PHE A 1232 5.15 1.78 -9.92
N GLY A 1233 4.07 1.94 -10.68
CA GLY A 1233 3.99 3.04 -11.61
C GLY A 1233 3.60 4.37 -11.01
N SER A 1234 3.38 4.39 -9.69
CA SER A 1234 2.97 5.60 -9.01
C SER A 1234 4.11 6.41 -8.44
N ILE A 1235 5.33 6.10 -8.86
CA ILE A 1235 6.47 6.83 -8.32
C ILE A 1235 7.11 7.73 -9.36
N PRO A 1236 7.73 8.84 -8.92
CA PRO A 1236 8.37 9.76 -9.85
C PRO A 1236 9.11 9.00 -10.95
N ILE A 1237 8.73 9.26 -12.20
CA ILE A 1237 9.36 8.59 -13.33
C ILE A 1237 10.84 8.93 -13.37
N GLU A 1238 11.19 10.03 -12.71
CA GLU A 1238 12.57 10.45 -12.64
C GLU A 1238 12.85 10.77 -11.18
N PHE A 1239 13.35 9.77 -10.45
CA PHE A 1239 13.64 9.89 -9.03
C PHE A 1239 15.10 10.27 -8.80
N ARG A 1240 15.32 11.43 -8.20
CA ARG A 1240 16.67 11.90 -7.93
C ARG A 1240 16.82 12.23 -6.46
N VAL A 1241 17.71 11.51 -5.79
CA VAL A 1241 17.95 11.73 -4.37
C VAL A 1241 19.42 12.06 -4.15
N SER A 1242 19.68 13.03 -3.29
CA SER A 1242 21.05 13.43 -3.00
C SER A 1242 21.19 13.72 -1.52
N LEU A 1243 22.29 13.27 -0.93
CA LEU A 1243 22.51 13.48 0.49
C LEU A 1243 23.48 14.63 0.68
N LEU A 1244 23.05 15.62 1.45
CA LEU A 1244 23.86 16.79 1.69
C LEU A 1244 25.29 16.43 2.08
N ARG A 1245 26.25 16.94 1.31
CA ARG A 1245 27.66 16.69 1.58
C ARG A 1245 28.21 17.58 2.69
N ASP A 1246 29.33 17.16 3.25
CA ASP A 1246 30.02 17.89 4.30
C ASP A 1246 29.12 18.55 5.34
N CYS A 1247 28.29 17.76 6.04
CA CYS A 1247 27.39 18.29 7.07
C CYS A 1247 27.30 17.39 8.31
N PRO A 1248 28.45 17.12 8.95
CA PRO A 1248 28.57 16.27 10.13
C PRO A 1248 27.80 16.71 11.38
N ASN A 1249 26.88 15.86 11.84
CA ASN A 1249 26.09 16.14 13.04
C ASN A 1249 26.75 15.51 14.29
N LYS A 1250 27.91 16.04 14.65
CA LYS A 1250 28.69 15.57 15.80
C LYS A 1250 27.92 14.96 16.99
N ARG A 1251 26.94 15.70 17.49
CA ARG A 1251 26.13 15.27 18.64
C ARG A 1251 25.33 13.98 18.45
N ALA A 1252 25.55 13.28 17.35
CA ALA A 1252 24.84 12.02 17.13
C ALA A 1252 25.84 10.96 16.65
N ILE A 1253 25.51 9.71 16.95
CA ILE A 1253 26.36 8.56 16.60
C ILE A 1253 27.16 8.76 15.30
N TYR A 1254 28.46 8.92 15.46
CA TYR A 1254 29.36 9.12 14.34
C TYR A 1254 28.95 10.21 13.37
N ALA A 1255 28.56 11.37 13.91
CA ALA A 1255 28.15 12.53 13.12
C ALA A 1255 27.09 12.23 12.03
N SER A 1256 26.06 11.47 12.40
CA SER A 1256 25.01 11.14 11.45
C SER A 1256 23.72 11.82 11.93
N LYS A 1257 22.61 11.56 11.26
CA LYS A 1257 21.32 12.13 11.63
C LYS A 1257 20.19 11.15 11.38
N ALA A 1258 19.10 11.31 12.12
CA ALA A 1258 17.94 10.45 11.93
C ALA A 1258 17.48 10.70 10.50
N VAL A 1259 16.78 9.76 9.90
CA VAL A 1259 16.37 9.92 8.51
C VAL A 1259 15.08 9.19 8.15
N GLY A 1260 14.45 8.56 9.13
CA GLY A 1260 13.25 7.79 8.85
C GLY A 1260 11.95 8.53 8.61
N GLU A 1261 11.74 9.61 9.33
CA GLU A 1261 10.50 10.38 9.20
C GLU A 1261 10.57 11.71 8.42
N PRO A 1262 11.58 12.54 8.67
CA PRO A 1262 11.68 13.83 7.96
C PRO A 1262 11.32 13.84 6.48
N PRO A 1263 11.89 12.90 5.70
CA PRO A 1263 11.66 12.79 4.27
C PRO A 1263 10.21 12.64 3.81
N LEU A 1264 9.33 12.20 4.71
CA LEU A 1264 7.94 11.98 4.31
C LEU A 1264 7.12 13.21 3.89
N PHE A 1265 7.32 14.34 4.56
CA PHE A 1265 6.56 15.52 4.19
C PHE A 1265 6.97 16.08 2.84
N LEU A 1266 8.21 15.85 2.43
CA LEU A 1266 8.67 16.35 1.16
C LEU A 1266 7.79 15.88 -0.01
N ALA A 1267 6.91 14.91 0.22
CA ALA A 1267 6.04 14.45 -0.85
C ALA A 1267 4.96 15.52 -1.08
N SER A 1268 5.03 16.57 -0.27
CA SER A 1268 4.11 17.70 -0.35
C SER A 1268 4.28 18.35 -1.72
N SER A 1269 5.55 18.47 -2.11
CA SER A 1269 5.94 19.06 -3.37
C SER A 1269 5.09 18.53 -4.50
N ILE A 1270 4.59 17.30 -4.37
CA ILE A 1270 3.75 16.73 -5.41
C ILE A 1270 2.34 17.27 -5.23
N PHE A 1271 1.90 17.36 -3.98
CA PHE A 1271 0.57 17.88 -3.68
C PHE A 1271 0.41 19.28 -4.29
N PHE A 1272 1.35 20.16 -3.98
CA PHE A 1272 1.31 21.52 -4.48
C PHE A 1272 1.70 21.70 -5.94
N ALA A 1273 2.21 20.65 -6.57
CA ALA A 1273 2.55 20.74 -7.98
C ALA A 1273 1.23 20.46 -8.68
N ILE A 1274 0.41 19.66 -8.02
CA ILE A 1274 -0.90 19.30 -8.54
C ILE A 1274 -1.80 20.53 -8.35
N LYS A 1275 -1.53 21.27 -7.28
CA LYS A 1275 -2.28 22.49 -6.97
C LYS A 1275 -2.10 23.42 -8.17
N ASP A 1276 -0.86 23.60 -8.58
CA ASP A 1276 -0.52 24.44 -9.71
C ASP A 1276 -1.20 23.96 -10.97
N ALA A 1277 -0.89 22.73 -11.39
CA ALA A 1277 -1.50 22.19 -12.58
C ALA A 1277 -3.01 22.43 -12.58
N ILE A 1278 -3.64 22.43 -11.41
CA ILE A 1278 -5.08 22.64 -11.34
C ILE A 1278 -5.42 24.11 -11.52
N ARG A 1279 -4.60 25.00 -11.00
CA ARG A 1279 -4.86 26.42 -11.13
C ARG A 1279 -4.73 26.82 -12.61
N ALA A 1280 -3.72 26.28 -13.28
CA ALA A 1280 -3.48 26.57 -14.68
C ALA A 1280 -4.69 26.19 -15.54
N ALA A 1281 -5.39 25.13 -15.15
CA ALA A 1281 -6.56 24.69 -15.89
C ALA A 1281 -7.74 25.59 -15.57
N ARG A 1282 -7.82 26.00 -14.31
CA ARG A 1282 -8.90 26.86 -13.88
C ARG A 1282 -8.78 28.24 -14.50
N ALA A 1283 -7.56 28.64 -14.80
CA ALA A 1283 -7.30 29.96 -15.37
C ALA A 1283 -7.74 30.13 -16.83
N GLN A 1284 -8.09 29.04 -17.50
CA GLN A 1284 -8.51 29.13 -18.88
C GLN A 1284 -10.00 28.91 -18.99
N HIS A 1285 -10.69 28.96 -17.85
CA HIS A 1285 -12.13 28.81 -17.87
C HIS A 1285 -12.73 30.13 -17.43
N GLY A 1286 -13.37 30.80 -18.39
CA GLY A 1286 -13.98 32.11 -18.17
C GLY A 1286 -14.45 32.48 -16.78
N ASP A 1287 -15.47 31.77 -16.30
CA ASP A 1287 -16.05 32.04 -15.00
C ASP A 1287 -15.06 32.02 -13.83
N ASN A 1288 -14.84 33.20 -13.25
CA ASN A 1288 -13.93 33.37 -12.12
C ASN A 1288 -14.15 32.28 -11.07
N ALA A 1289 -15.21 32.43 -10.29
CA ALA A 1289 -15.57 31.47 -9.24
C ALA A 1289 -14.46 31.30 -8.21
N LYS A 1290 -13.78 32.40 -7.87
CA LYS A 1290 -12.70 32.36 -6.88
C LYS A 1290 -11.40 31.78 -7.46
N GLN A 1291 -10.26 32.37 -7.08
CA GLN A 1291 -8.96 31.90 -7.56
C GLN A 1291 -8.28 31.01 -6.51
N LEU A 1292 -8.61 31.22 -5.24
CA LEU A 1292 -8.06 30.44 -4.14
C LEU A 1292 -9.08 29.38 -3.77
N PHE A 1293 -9.19 28.33 -4.59
CA PHE A 1293 -10.13 27.25 -4.35
C PHE A 1293 -9.68 26.32 -3.23
N GLN A 1294 -10.55 25.36 -2.91
CA GLN A 1294 -10.30 24.40 -1.86
C GLN A 1294 -9.81 23.04 -2.37
N LEU A 1295 -8.62 22.63 -1.91
CA LEU A 1295 -8.05 21.34 -2.27
C LEU A 1295 -7.64 20.59 -0.99
N ASP A 1296 -8.53 19.75 -0.48
CA ASP A 1296 -8.24 18.99 0.73
C ASP A 1296 -7.33 17.79 0.46
N SER A 1297 -6.73 17.26 1.53
CA SER A 1297 -5.86 16.09 1.42
C SER A 1297 -6.64 14.84 1.78
N PRO A 1298 -6.45 13.75 1.02
CA PRO A 1298 -5.56 13.63 -0.13
C PRO A 1298 -6.14 14.17 -1.46
N ALA A 1299 -5.25 14.60 -2.34
CA ALA A 1299 -5.64 15.09 -3.65
C ALA A 1299 -5.91 13.87 -4.52
N THR A 1300 -7.05 13.22 -4.30
CA THR A 1300 -7.41 12.05 -5.09
C THR A 1300 -7.84 12.42 -6.51
N PRO A 1301 -8.14 11.42 -7.35
CA PRO A 1301 -8.57 11.78 -8.71
C PRO A 1301 -9.86 12.58 -8.60
N GLU A 1302 -10.74 12.19 -7.69
CA GLU A 1302 -11.99 12.89 -7.47
C GLU A 1302 -11.70 14.37 -7.21
N LYS A 1303 -11.06 14.69 -6.10
CA LYS A 1303 -10.74 16.07 -5.77
C LYS A 1303 -10.09 16.85 -6.90
N ILE A 1304 -9.22 16.20 -7.67
CA ILE A 1304 -8.54 16.87 -8.77
C ILE A 1304 -9.49 17.21 -9.94
N ARG A 1305 -10.29 16.24 -10.36
CA ARG A 1305 -11.22 16.48 -11.45
C ARG A 1305 -12.16 17.62 -11.07
N ASN A 1306 -12.94 17.39 -10.03
CA ASN A 1306 -13.89 18.41 -9.57
C ASN A 1306 -13.26 19.81 -9.54
N ALA A 1307 -12.03 19.92 -9.04
CA ALA A 1307 -11.36 21.21 -8.96
C ALA A 1307 -11.14 21.84 -10.33
N CYS A 1308 -11.04 21.00 -11.36
CA CYS A 1308 -10.86 21.50 -12.71
C CYS A 1308 -12.24 21.86 -13.27
N VAL A 1309 -12.89 22.85 -12.66
CA VAL A 1309 -14.23 23.27 -13.09
C VAL A 1309 -14.23 23.70 -14.57
N ASP A 1310 -15.19 23.17 -15.32
CA ASP A 1310 -15.27 23.47 -16.73
C ASP A 1310 -16.68 23.22 -17.26
N GLN A 1311 -16.82 23.24 -18.58
CA GLN A 1311 -18.12 23.02 -19.18
C GLN A 1311 -18.74 21.70 -18.77
N PHE A 1312 -17.92 20.78 -18.26
CA PHE A 1312 -18.40 19.48 -17.86
C PHE A 1312 -18.75 19.37 -16.38
N THR A 1313 -17.97 20.02 -15.53
CA THR A 1313 -18.26 19.98 -14.10
C THR A 1313 -19.56 20.74 -13.89
N THR A 1314 -19.81 21.71 -14.77
CA THR A 1314 -20.98 22.56 -14.72
C THR A 1314 -22.30 21.86 -15.08
N LEU A 1315 -22.33 21.14 -16.20
CA LEU A 1315 -23.55 20.46 -16.61
C LEU A 1315 -23.77 19.07 -16.01
N CYS A 1316 -23.67 18.96 -14.69
CA CYS A 1316 -23.87 17.66 -14.00
C CYS A 1316 -23.83 17.72 -12.47
N VAL A 1317 -23.79 18.91 -11.89
CA VAL A 1317 -23.77 19.06 -10.44
C VAL A 1317 -25.19 19.10 -9.89
N THR A 1318 -26.16 19.05 -10.79
CA THR A 1318 -27.59 19.10 -10.45
C THR A 1318 -28.05 18.09 -9.40
N SER A 1324 -28.77 14.64 4.19
CA SER A 1324 -27.87 13.45 4.27
C SER A 1324 -28.60 12.14 4.03
N LYS A 1325 -27.84 11.11 3.70
CA LYS A 1325 -28.32 9.76 3.42
C LYS A 1325 -27.23 9.16 2.54
N SER A 1326 -26.08 9.82 2.55
CA SER A 1326 -24.91 9.43 1.78
C SER A 1326 -24.15 8.21 2.33
N TRP A 1327 -23.49 7.51 1.41
CA TRP A 1327 -22.71 6.31 1.68
C TRP A 1327 -21.68 6.47 2.81
N SER A 1328 -20.77 7.42 2.67
CA SER A 1328 -19.75 7.66 3.67
C SER A 1328 -20.00 8.93 4.49
N VAL A 1329 -18.92 9.54 4.96
CA VAL A 1329 -18.97 10.76 5.76
C VAL A 1329 -17.56 11.17 6.16
N ARG A 1330 -17.31 12.47 6.21
CA ARG A 1330 -15.99 12.97 6.57
C ARG A 1330 -15.77 12.92 8.08
N ILE A 1331 -14.73 12.19 8.48
CA ILE A 1331 -14.36 12.02 9.87
C ILE A 1331 -13.62 13.25 10.41
#